data_7QNB
#
_entry.id   7QNB
#
_cell.length_a   1.00
_cell.length_b   1.00
_cell.length_c   1.00
_cell.angle_alpha   90.00
_cell.angle_beta   90.00
_cell.angle_gamma   90.00
#
_symmetry.space_group_name_H-M   'P 1'
#
loop_
_entity.id
_entity.type
_entity.pdbx_description
1 polymer 'Gamma-aminobutyric acid type A receptor subunit gamma2'
2 polymer 'Gamma-aminobutyric acid receptor subunit beta-3'
3 polymer 'Nanobody Nb25'
4 branched 2-acetamido-2-deoxy-beta-D-glucopyranose-(1-4)-2-acetamido-2-deoxy-beta-D-glucopyranose
5 branched alpha-D-mannopyranose-(1-3)-[alpha-D-mannopyranose-(1-6)]beta-D-mannopyranose-(1-4)-2-acetamido-2-deoxy-beta-D-glucopyranose-(1-4)-2-acetamido-2-deoxy-beta-D-glucopyranose
6 non-polymer 2-acetamido-2-deoxy-beta-D-glucopyranose
7 non-polymer 'GAMMA-AMINO-BUTANOIC ACID'
#
loop_
_entity_poly.entity_id
_entity_poly.type
_entity_poly.pdbx_seq_one_letter_code
_entity_poly.pdbx_strand_id
1 'polypeptide(L)'
;MGILPSPGMPALLSLVSLLSVLLMGCVAETGQKSDDDYEDYTSNKTWVLTPKVPEGDVTVILNNLLEGYDNKLRPDIGVK
PTLIHTDMYVNSIGPVNAINMEYTIDIFFAQTWYDRRLKFNSTIKVLRLNSNMVGKIWIPDTFFRNSKKADAHWITTPNR
MLRIWNDGRVLYTLRLTIDAECQLQLHNFPMDEHSCPLEFSSYGYPREEIVYQWKRSSVEVGDTRSWRLYQFSFVGLRNT
TEVVKTTSGDYVVMSVYFDLSRRMGYFTIQTYIPCTLIVVLSWVSFWINKDAVPARTSLGITTVLTMTTLSTIARKSLPK
VSYVTAMDLFVSVCFIFVFSALVEYGTLHYFVSNRKPSKDKDKKKKNPLLRMFSFKAPTIDIRPRSATIQMNNATHLQER
DEEYGYECLDGKDCASFFCCFEDCRTGAWRHGRIHIRIAKMDSYARIFFPTAFCLFNLVYWVSYLYLGTGGSGGSGGSTE
TSQVAPA
;
A,C
2 'polypeptide(L)'
;MWGLAGGRLFGIFSAPVLVAVVCCAQSVNDPGNMSFVKETVDKLLKGYDIRLRPDFGGPPVCVGMNIDIASIDMVSEVNM
DYTLTMYFQQYWRDKRLAYSGIPLNLTLDNRVADQLWVPDTYFLNDKKSFVHGVTVKNRMIRLHPDGTVLYGLRITTTAA
CMMDLRRYPLDEQNCTLEIESYGYTTDDIEFYWRGGDKAVTGVERIELPQFSIVEHRLVSRNVVFATGAYPRLSLSFRLK
RNIGYFILQTYMPSILITILSWVSFWINYDASAARVALGITTVLTMTTINTHLRETLPKIPYVKAIDMYLMGCFVFVFLA
LLEYAFVNYIFFGRGPQRQKKLAEKTAKAKNDRSKSESNRVDAHGNILLTSLEVHNEMNEVSGGIGDTRNSAISFDNSGI
QYRKQSMPREGHGRFLGDRSLPHKKTHLRRRSSQLKIKIPDLTDVNAIDRWSRIVFPFTFSLFNLVYWLYYVN
;
B,D,E
3 'polypeptide(L)'
;QVQLVESGGGLVQGSLRLSCAASGHTFNYPIMGWFRQAPGKEREFVGAISWSGGSTSYADSVKDRFTISRDNAKNTVYLE
MNNLKPEDTAVYYCAAKGRYSGGLYYPTNYDYWGQGTQVTV
;
N
#
loop_
_chem_comp.id
_chem_comp.type
_chem_comp.name
_chem_comp.formula
ABU non-polymer 'GAMMA-AMINO-BUTANOIC ACID' 'C4 H9 N O2'
BMA D-saccharide, beta linking beta-D-mannopyranose 'C6 H12 O6'
MAN D-saccharide, alpha linking alpha-D-mannopyranose 'C6 H12 O6'
NAG D-saccharide, beta linking 2-acetamido-2-deoxy-beta-D-glucopyranose 'C8 H15 N O6'
#
# COMPACT_ATOMS: atom_id res chain seq x y z
N VAL A 58 -12.89 30.27 -41.57
CA VAL A 58 -12.72 29.91 -40.16
C VAL A 58 -11.28 29.46 -39.91
N THR A 59 -10.76 28.63 -40.82
CA THR A 59 -9.38 28.17 -40.69
C THR A 59 -8.40 29.34 -40.79
N VAL A 60 -8.69 30.29 -41.69
CA VAL A 60 -7.83 31.47 -41.83
C VAL A 60 -7.83 32.27 -40.54
N ILE A 61 -8.99 32.37 -39.88
CA ILE A 61 -9.08 33.12 -38.62
C ILE A 61 -8.18 32.49 -37.56
N LEU A 62 -8.23 31.16 -37.44
CA LEU A 62 -7.40 30.49 -36.44
C LEU A 62 -5.92 30.69 -36.71
N ASN A 63 -5.51 30.61 -37.98
CA ASN A 63 -4.10 30.80 -38.32
C ASN A 63 -3.63 32.20 -37.98
N ASN A 64 -4.46 33.21 -38.24
CA ASN A 64 -4.08 34.58 -37.94
C ASN A 64 -3.90 34.80 -36.45
N LEU A 65 -4.78 34.21 -35.63
CA LEU A 65 -4.70 34.39 -34.19
C LEU A 65 -3.39 33.84 -33.63
N LEU A 66 -2.99 32.65 -34.09
CA LEU A 66 -1.75 32.04 -33.58
C LEU A 66 -0.51 32.62 -34.22
N GLU A 67 -0.63 33.31 -35.35
CA GLU A 67 0.54 33.85 -36.04
C GLU A 67 0.94 35.17 -35.39
N GLY A 68 2.22 35.27 -35.01
CA GLY A 68 2.69 36.44 -34.29
C GLY A 68 2.27 36.49 -32.84
N TYR A 69 1.88 35.36 -32.26
CA TYR A 69 1.42 35.29 -30.88
C TYR A 69 2.51 34.66 -30.01
N ASP A 70 2.81 35.29 -28.89
CA ASP A 70 3.82 34.81 -27.95
C ASP A 70 3.10 34.31 -26.70
N ASN A 71 3.06 32.99 -26.52
CA ASN A 71 2.40 32.40 -25.37
C ASN A 71 3.20 32.55 -24.08
N LYS A 72 4.48 32.90 -24.16
CA LYS A 72 5.28 33.05 -22.96
C LYS A 72 4.92 34.32 -22.18
N LEU A 73 4.20 35.25 -22.80
CA LEU A 73 3.88 36.53 -22.20
C LEU A 73 2.39 36.60 -21.93
N ARG A 74 2.04 36.95 -20.69
CA ARG A 74 0.64 37.13 -20.34
C ARG A 74 0.08 38.37 -21.03
N PRO A 75 -1.23 38.41 -21.28
CA PRO A 75 -1.82 39.62 -21.85
C PRO A 75 -1.63 40.81 -20.91
N ASP A 76 -1.33 41.96 -21.50
CA ASP A 76 -1.00 43.17 -20.76
C ASP A 76 0.12 42.90 -19.75
N ILE A 77 1.27 42.50 -20.29
CA ILE A 77 2.40 42.11 -19.45
C ILE A 77 2.88 43.28 -18.59
N GLY A 78 2.98 44.46 -19.18
CA GLY A 78 3.43 45.63 -18.44
C GLY A 78 2.37 46.70 -18.34
N VAL A 79 1.21 46.47 -18.96
CA VAL A 79 0.15 47.47 -18.96
C VAL A 79 -0.54 47.54 -17.61
N LYS A 80 -1.14 46.44 -17.19
CA LYS A 80 -1.88 46.39 -15.93
C LYS A 80 -2.00 44.93 -15.50
N PRO A 81 -2.28 44.68 -14.23
CA PRO A 81 -2.48 43.30 -13.79
C PRO A 81 -3.63 42.64 -14.53
N THR A 82 -3.47 41.35 -14.83
CA THR A 82 -4.49 40.60 -15.55
C THR A 82 -5.58 40.16 -14.58
N LEU A 83 -6.82 40.57 -14.86
CA LEU A 83 -7.95 40.22 -14.01
C LEU A 83 -8.57 38.92 -14.51
N ILE A 84 -8.64 37.92 -13.64
CA ILE A 84 -9.14 36.60 -13.99
C ILE A 84 -10.39 36.33 -13.15
N HIS A 85 -11.49 36.02 -13.83
CA HIS A 85 -12.75 35.68 -13.18
C HIS A 85 -12.87 34.16 -13.11
N THR A 86 -13.02 33.64 -11.90
CA THR A 86 -13.08 32.20 -11.68
C THR A 86 -14.37 31.84 -10.93
N ASP A 87 -14.98 30.73 -11.34
CA ASP A 87 -16.12 30.18 -10.63
C ASP A 87 -16.03 28.66 -10.70
N MET A 88 -16.59 28.01 -9.69
CA MET A 88 -16.40 26.58 -9.50
C MET A 88 -17.76 25.88 -9.37
N TYR A 89 -17.88 24.74 -10.04
CA TYR A 89 -19.06 23.89 -9.93
C TYR A 89 -18.64 22.57 -9.29
N VAL A 90 -19.02 22.37 -8.03
CA VAL A 90 -18.66 21.18 -7.28
C VAL A 90 -19.53 20.03 -7.80
N ASN A 91 -18.95 19.19 -8.67
CA ASN A 91 -19.70 18.04 -9.18
C ASN A 91 -20.05 17.07 -8.05
N SER A 92 -19.09 16.82 -7.16
CA SER A 92 -19.30 15.93 -6.02
C SER A 92 -18.12 16.07 -5.08
N ILE A 93 -18.38 15.83 -3.80
CA ILE A 93 -17.33 15.82 -2.77
C ILE A 93 -17.12 14.37 -2.36
N GLY A 94 -15.89 13.89 -2.51
CA GLY A 94 -15.57 12.52 -2.24
C GLY A 94 -15.48 12.23 -0.75
N PRO A 95 -15.09 11.01 -0.40
CA PRO A 95 -14.98 10.66 1.02
C PRO A 95 -13.89 11.48 1.71
N VAL A 96 -14.12 11.74 3.00
CA VAL A 96 -13.17 12.49 3.81
C VAL A 96 -12.28 11.49 4.53
N ASN A 97 -11.00 11.48 4.19
CA ASN A 97 -10.04 10.55 4.80
C ASN A 97 -9.55 11.17 6.10
N ALA A 98 -10.11 10.70 7.21
CA ALA A 98 -9.70 11.21 8.52
C ALA A 98 -8.29 10.81 8.87
N ILE A 99 -7.84 9.64 8.40
CA ILE A 99 -6.49 9.18 8.71
C ILE A 99 -5.46 10.11 8.09
N ASN A 100 -5.63 10.45 6.82
CA ASN A 100 -4.70 11.30 6.10
C ASN A 100 -5.09 12.77 6.15
N MET A 101 -6.21 13.11 6.79
CA MET A 101 -6.69 14.49 6.89
C MET A 101 -6.83 15.13 5.51
N GLU A 102 -7.45 14.38 4.59
CA GLU A 102 -7.67 14.84 3.23
C GLU A 102 -9.07 14.47 2.78
N TYR A 103 -9.56 15.18 1.77
CA TYR A 103 -10.87 14.92 1.20
C TYR A 103 -10.80 15.08 -0.31
N THR A 104 -11.57 14.24 -1.01
CA THR A 104 -11.61 14.28 -2.46
C THR A 104 -12.76 15.18 -2.92
N ILE A 105 -12.50 15.99 -3.94
CA ILE A 105 -13.51 16.88 -4.51
C ILE A 105 -13.39 16.86 -6.02
N ASP A 106 -14.52 16.79 -6.70
CA ASP A 106 -14.59 16.78 -8.16
C ASP A 106 -15.31 18.04 -8.60
N ILE A 107 -14.63 18.86 -9.42
CA ILE A 107 -15.14 20.16 -9.81
C ILE A 107 -14.92 20.40 -11.29
N PHE A 108 -15.67 21.35 -11.83
CA PHE A 108 -15.49 21.87 -13.18
C PHE A 108 -14.93 23.28 -13.03
N PHE A 109 -13.60 23.39 -12.99
CA PHE A 109 -12.94 24.66 -12.74
C PHE A 109 -12.93 25.49 -14.01
N ALA A 110 -13.55 26.67 -13.96
CA ALA A 110 -13.68 27.55 -15.10
C ALA A 110 -13.00 28.88 -14.80
N GLN A 111 -12.20 29.36 -15.76
CA GLN A 111 -11.49 30.63 -15.63
C GLN A 111 -11.80 31.51 -16.83
N THR A 112 -11.90 32.82 -16.59
CA THR A 112 -12.21 33.79 -17.63
C THR A 112 -11.25 34.96 -17.52
N TRP A 113 -10.64 35.33 -18.65
CA TRP A 113 -9.73 36.48 -18.69
C TRP A 113 -9.74 37.05 -20.10
N TYR A 114 -9.22 38.28 -20.21
CA TYR A 114 -9.22 39.00 -21.47
C TYR A 114 -7.81 39.01 -22.06
N ASP A 115 -7.71 38.67 -23.34
CA ASP A 115 -6.47 38.71 -24.09
C ASP A 115 -6.75 39.38 -25.42
N ARG A 116 -6.31 40.64 -25.55
CA ARG A 116 -6.61 41.41 -26.76
C ARG A 116 -5.92 40.86 -28.00
N ARG A 117 -4.89 40.04 -27.83
CA ARG A 117 -4.19 39.48 -28.98
C ARG A 117 -5.05 38.50 -29.76
N LEU A 118 -6.12 37.99 -29.16
CA LEU A 118 -6.97 36.98 -29.79
C LEU A 118 -8.23 37.57 -30.42
N LYS A 119 -8.32 38.89 -30.51
CA LYS A 119 -9.48 39.52 -31.13
C LYS A 119 -9.54 39.21 -32.62
N PHE A 120 -10.73 38.88 -33.10
CA PHE A 120 -10.96 38.61 -34.51
C PHE A 120 -12.30 39.20 -34.93
N ASN A 121 -12.34 39.79 -36.11
CA ASN A 121 -13.56 40.38 -36.66
C ASN A 121 -14.17 39.39 -37.67
N SER A 122 -15.32 38.82 -37.31
CA SER A 122 -15.99 37.87 -38.17
C SER A 122 -17.45 37.79 -37.77
N THR A 123 -18.26 37.20 -38.66
CA THR A 123 -19.66 36.99 -38.35
C THR A 123 -19.83 36.05 -37.16
N ILE A 124 -19.00 35.01 -37.09
CA ILE A 124 -19.00 34.11 -35.95
C ILE A 124 -18.39 34.83 -34.75
N LYS A 125 -19.15 34.92 -33.66
CA LYS A 125 -18.72 35.64 -32.48
C LYS A 125 -18.14 34.74 -31.40
N VAL A 126 -17.97 33.45 -31.68
CA VAL A 126 -17.43 32.50 -30.72
C VAL A 126 -16.71 31.41 -31.47
N LEU A 127 -15.64 30.89 -30.87
CA LEU A 127 -14.82 29.83 -31.47
C LEU A 127 -14.57 28.76 -30.42
N ARG A 128 -15.38 27.69 -30.45
CA ARG A 128 -15.17 26.55 -29.58
C ARG A 128 -14.07 25.69 -30.18
N LEU A 129 -12.92 25.63 -29.50
CA LEU A 129 -11.71 25.03 -30.05
C LEU A 129 -11.36 23.74 -29.32
N ASN A 130 -10.40 23.02 -29.89
CA ASN A 130 -9.96 21.75 -29.35
C ASN A 130 -9.07 21.95 -28.12
N SER A 131 -8.86 20.87 -27.38
CA SER A 131 -7.97 20.90 -26.23
C SER A 131 -6.52 21.10 -26.65
N ASN A 132 -6.15 20.64 -27.85
CA ASN A 132 -4.80 20.86 -28.34
C ASN A 132 -4.52 22.34 -28.57
N MET A 133 -5.57 23.13 -28.84
CA MET A 133 -5.41 24.56 -29.02
C MET A 133 -5.00 25.27 -27.74
N VAL A 134 -5.20 24.64 -26.58
CA VAL A 134 -4.89 25.27 -25.31
C VAL A 134 -3.40 25.55 -25.20
N GLY A 135 -2.56 24.59 -25.60
CA GLY A 135 -1.13 24.76 -25.50
C GLY A 135 -0.57 25.84 -26.40
N LYS A 136 -1.32 26.26 -27.41
CA LYS A 136 -0.85 27.29 -28.32
C LYS A 136 -0.89 28.68 -27.70
N ILE A 137 -1.89 28.95 -26.85
CA ILE A 137 -2.10 30.28 -26.30
C ILE A 137 -1.67 30.30 -24.84
N TRP A 138 -1.63 31.50 -24.27
CA TRP A 138 -1.25 31.67 -22.88
C TRP A 138 -2.37 31.21 -21.95
N ILE A 139 -1.99 30.48 -20.90
CA ILE A 139 -2.94 29.98 -19.92
C ILE A 139 -2.44 30.35 -18.52
N PRO A 140 -3.29 30.90 -17.65
CA PRO A 140 -2.84 31.23 -16.30
C PRO A 140 -2.39 29.99 -15.53
N ASP A 141 -1.38 30.18 -14.70
CA ASP A 141 -0.78 29.08 -13.94
C ASP A 141 -1.45 28.93 -12.58
N THR A 142 -2.76 28.71 -12.61
CA THR A 142 -3.52 28.53 -11.38
C THR A 142 -3.23 27.16 -10.79
N PHE A 143 -2.91 27.12 -9.50
CA PHE A 143 -2.64 25.89 -8.79
C PHE A 143 -3.33 25.94 -7.43
N PHE A 144 -3.60 24.77 -6.88
CA PHE A 144 -4.27 24.64 -5.59
C PHE A 144 -3.22 24.45 -4.50
N ARG A 145 -3.23 25.34 -3.51
CA ARG A 145 -2.15 25.36 -2.52
C ARG A 145 -2.22 24.16 -1.59
N ASN A 146 -3.42 23.76 -1.18
CA ASN A 146 -3.60 22.67 -0.24
C ASN A 146 -3.88 21.34 -0.91
N SER A 147 -3.51 21.19 -2.18
CA SER A 147 -3.79 19.98 -2.94
C SER A 147 -2.63 19.00 -2.76
N LYS A 148 -2.90 17.86 -2.10
CA LYS A 148 -1.90 16.82 -2.01
C LYS A 148 -1.71 16.11 -3.35
N LYS A 149 -2.80 15.82 -4.03
CA LYS A 149 -2.75 15.18 -5.34
C LYS A 149 -3.99 15.57 -6.13
N ALA A 150 -3.77 16.08 -7.33
CA ALA A 150 -4.86 16.47 -8.22
C ALA A 150 -4.59 15.94 -9.61
N ASP A 151 -5.67 15.59 -10.32
CA ASP A 151 -5.56 15.01 -11.65
C ASP A 151 -6.59 15.63 -12.56
N ALA A 152 -6.28 15.64 -13.86
CA ALA A 152 -7.20 16.06 -14.91
C ALA A 152 -7.49 14.85 -15.79
N HIS A 153 -8.77 14.54 -15.96
CA HIS A 153 -9.15 13.33 -16.68
C HIS A 153 -8.86 13.49 -18.18
N TRP A 154 -8.38 12.41 -18.80
CA TRP A 154 -8.03 12.41 -20.21
C TRP A 154 -8.84 11.38 -21.00
N ILE A 155 -9.95 10.91 -20.46
CA ILE A 155 -10.75 9.86 -21.07
C ILE A 155 -12.10 10.45 -21.46
N THR A 156 -12.47 10.30 -22.73
CA THR A 156 -11.64 9.63 -23.73
C THR A 156 -10.67 10.62 -24.37
N THR A 157 -10.92 11.90 -24.14
CA THR A 157 -10.11 13.00 -24.64
C THR A 157 -9.80 13.92 -23.48
N PRO A 158 -8.75 14.76 -23.59
CA PRO A 158 -8.49 15.75 -22.54
C PRO A 158 -9.72 16.58 -22.22
N ASN A 159 -10.23 16.44 -21.00
CA ASN A 159 -11.48 17.09 -20.59
C ASN A 159 -11.21 18.57 -20.30
N ARG A 160 -10.97 19.31 -21.38
CA ARG A 160 -10.70 20.74 -21.30
C ARG A 160 -11.52 21.45 -22.38
N MET A 161 -11.94 22.66 -22.06
CA MET A 161 -12.72 23.49 -22.96
C MET A 161 -12.00 24.81 -23.19
N LEU A 162 -11.97 25.25 -24.45
CA LEU A 162 -11.32 26.51 -24.82
C LEU A 162 -12.23 27.22 -25.81
N ARG A 163 -12.92 28.26 -25.35
CA ARG A 163 -13.81 29.06 -26.17
C ARG A 163 -13.28 30.49 -26.23
N ILE A 164 -13.18 31.02 -27.44
CA ILE A 164 -12.68 32.37 -27.67
C ILE A 164 -13.75 33.15 -28.44
N TRP A 165 -14.09 34.33 -27.91
CA TRP A 165 -15.05 35.22 -28.55
C TRP A 165 -14.31 36.29 -29.36
N ASN A 166 -15.08 36.94 -30.25
CA ASN A 166 -14.53 38.07 -30.99
C ASN A 166 -14.15 39.22 -30.07
N ASP A 167 -14.76 39.29 -28.89
CA ASP A 167 -14.41 40.30 -27.90
C ASP A 167 -13.00 40.13 -27.36
N GLY A 168 -12.40 38.96 -27.56
CA GLY A 168 -11.13 38.63 -26.95
C GLY A 168 -11.23 37.96 -25.59
N ARG A 169 -12.44 37.84 -25.04
CA ARG A 169 -12.62 37.11 -23.79
C ARG A 169 -12.36 35.62 -24.01
N VAL A 170 -11.63 35.01 -23.10
CA VAL A 170 -11.24 33.62 -23.19
C VAL A 170 -11.87 32.85 -22.02
N LEU A 171 -12.58 31.78 -22.33
CA LEU A 171 -13.17 30.90 -21.33
C LEU A 171 -12.43 29.57 -21.37
N TYR A 172 -11.84 29.18 -20.24
CA TYR A 172 -11.06 27.96 -20.14
C TYR A 172 -11.59 27.16 -18.96
N THR A 173 -12.25 26.04 -19.25
CA THR A 173 -12.84 25.18 -18.23
C THR A 173 -12.23 23.78 -18.34
N LEU A 174 -11.79 23.25 -17.20
CA LEU A 174 -11.19 21.93 -17.16
C LEU A 174 -11.73 21.16 -15.96
N ARG A 175 -11.98 19.87 -16.15
CA ARG A 175 -12.47 19.02 -15.07
C ARG A 175 -11.31 18.52 -14.23
N LEU A 176 -11.43 18.66 -12.91
CA LEU A 176 -10.35 18.32 -12.00
C LEU A 176 -10.87 17.49 -10.84
N THR A 177 -10.09 16.49 -10.44
CA THR A 177 -10.31 15.73 -9.22
C THR A 177 -9.16 16.05 -8.27
N ILE A 178 -9.50 16.59 -7.09
CA ILE A 178 -8.51 17.14 -6.18
C ILE A 178 -8.61 16.44 -4.84
N ASP A 179 -7.47 15.98 -4.32
CA ASP A 179 -7.39 15.46 -2.95
C ASP A 179 -6.75 16.55 -2.09
N ALA A 180 -7.59 17.50 -1.67
CA ALA A 180 -7.10 18.63 -0.90
C ALA A 180 -6.76 18.23 0.53
N GLU A 181 -5.88 19.00 1.14
CA GLU A 181 -5.46 18.78 2.52
C GLU A 181 -6.40 19.53 3.47
N CYS A 182 -6.88 18.82 4.49
CA CYS A 182 -7.81 19.41 5.46
C CYS A 182 -7.39 18.95 6.85
N GLN A 183 -6.67 19.82 7.56
CA GLN A 183 -6.25 19.50 8.92
C GLN A 183 -7.47 19.39 9.83
N LEU A 184 -7.64 18.22 10.44
CA LEU A 184 -8.81 17.92 11.26
C LEU A 184 -8.43 17.99 12.73
N GLN A 185 -9.15 18.82 13.48
CA GLN A 185 -9.02 18.88 14.94
C GLN A 185 -9.98 17.86 15.53
N LEU A 186 -9.47 16.68 15.86
CA LEU A 186 -10.30 15.56 16.26
C LEU A 186 -10.73 15.61 17.71
N HIS A 187 -10.64 16.76 18.36
CA HIS A 187 -11.25 16.92 19.67
C HIS A 187 -12.77 16.82 19.54
N ASN A 188 -13.40 16.34 20.60
CA ASN A 188 -14.85 16.14 20.67
C ASN A 188 -15.34 15.11 19.65
N PHE A 189 -14.45 14.23 19.20
CA PHE A 189 -14.86 13.16 18.29
C PHE A 189 -15.82 12.21 19.01
N PRO A 190 -16.89 11.74 18.35
CA PRO A 190 -17.27 11.96 16.96
C PRO A 190 -18.18 13.16 16.73
N MET A 191 -18.41 13.96 17.77
CA MET A 191 -19.23 15.16 17.66
C MET A 191 -18.47 16.35 17.10
N ASP A 192 -17.32 16.10 16.47
CA ASP A 192 -16.50 17.18 15.94
C ASP A 192 -17.14 17.78 14.69
N GLU A 193 -16.82 19.05 14.44
CA GLU A 193 -17.27 19.77 13.26
C GLU A 193 -16.06 20.39 12.57
N HIS A 194 -15.95 20.19 11.27
CA HIS A 194 -14.76 20.59 10.53
C HIS A 194 -15.14 21.49 9.37
N SER A 195 -14.20 22.37 9.01
CA SER A 195 -14.35 23.29 7.87
C SER A 195 -13.15 23.06 6.96
N CYS A 196 -13.33 22.27 5.91
CA CYS A 196 -12.25 21.94 5.00
C CYS A 196 -12.10 23.02 3.95
N PRO A 197 -10.94 23.66 3.84
CA PRO A 197 -10.76 24.73 2.84
C PRO A 197 -10.32 24.19 1.49
N LEU A 198 -10.32 25.09 0.51
CA LEU A 198 -9.84 24.78 -0.84
C LEU A 198 -9.25 26.08 -1.39
N GLU A 199 -7.93 26.18 -1.39
CA GLU A 199 -7.23 27.40 -1.74
C GLU A 199 -6.51 27.24 -3.07
N PHE A 200 -6.67 28.21 -3.96
CA PHE A 200 -5.98 28.23 -5.23
C PHE A 200 -5.50 29.64 -5.54
N SER A 201 -4.40 29.73 -6.28
CA SER A 201 -3.81 31.01 -6.63
C SER A 201 -2.84 30.81 -7.77
N SER A 202 -2.36 31.93 -8.32
CA SER A 202 -1.34 31.88 -9.35
C SER A 202 0.00 31.50 -8.74
N TYR A 203 0.70 30.56 -9.37
CA TYR A 203 1.94 30.06 -8.79
C TYR A 203 3.08 31.06 -8.93
N GLY A 204 3.22 31.69 -10.09
CA GLY A 204 4.38 32.52 -10.35
C GLY A 204 4.08 34.01 -10.48
N TYR A 205 2.84 34.34 -10.83
CA TYR A 205 2.48 35.74 -11.05
C TYR A 205 1.95 36.34 -9.75
N PRO A 206 2.61 37.37 -9.20
CA PRO A 206 2.12 37.96 -7.95
C PRO A 206 0.86 38.79 -8.14
N ARG A 207 0.40 39.46 -7.09
CA ARG A 207 -0.79 40.28 -7.18
C ARG A 207 -0.61 41.46 -8.14
N GLU A 208 0.62 41.89 -8.37
CA GLU A 208 0.88 42.98 -9.29
C GLU A 208 0.76 42.57 -10.76
N GLU A 209 0.62 41.28 -11.05
CA GLU A 209 0.52 40.81 -12.41
C GLU A 209 -0.76 40.03 -12.69
N ILE A 210 -1.24 39.23 -11.75
CA ILE A 210 -2.48 38.47 -11.91
C ILE A 210 -3.33 38.65 -10.66
N VAL A 211 -4.59 39.02 -10.86
CA VAL A 211 -5.55 39.18 -9.78
C VAL A 211 -6.76 38.31 -10.07
N TYR A 212 -7.13 37.48 -9.09
CA TYR A 212 -8.31 36.64 -9.21
C TYR A 212 -9.53 37.35 -8.63
N GLN A 213 -10.71 36.90 -9.04
CA GLN A 213 -11.95 37.51 -8.61
C GLN A 213 -13.10 36.55 -8.84
N TRP A 214 -13.91 36.32 -7.81
CA TRP A 214 -15.07 35.46 -7.95
C TRP A 214 -16.13 36.10 -8.84
N LYS A 215 -16.85 35.26 -9.57
CA LYS A 215 -17.94 35.72 -10.41
C LYS A 215 -19.22 35.81 -9.57
N ARG A 216 -20.31 36.22 -10.21
CA ARG A 216 -21.58 36.38 -9.50
C ARG A 216 -22.16 35.05 -9.05
N SER A 217 -21.77 33.94 -9.67
CA SER A 217 -22.10 32.60 -9.21
C SER A 217 -20.78 31.90 -8.97
N SER A 218 -20.22 32.08 -7.76
CA SER A 218 -18.86 31.64 -7.50
C SER A 218 -18.77 30.13 -7.35
N VAL A 219 -19.45 29.59 -6.35
CA VAL A 219 -19.41 28.15 -6.06
C VAL A 219 -20.82 27.61 -6.27
N GLU A 220 -20.96 26.66 -7.19
CA GLU A 220 -22.23 26.04 -7.51
C GLU A 220 -22.18 24.58 -7.08
N VAL A 221 -23.12 24.18 -6.24
CA VAL A 221 -23.16 22.82 -5.71
C VAL A 221 -24.27 22.04 -6.41
N GLY A 222 -24.17 20.73 -6.32
CA GLY A 222 -25.16 19.83 -6.89
C GLY A 222 -26.30 19.56 -5.94
N ASP A 223 -26.95 18.42 -6.14
CA ASP A 223 -28.06 18.03 -5.28
C ASP A 223 -27.61 17.72 -3.86
N THR A 224 -26.32 17.48 -3.64
CA THR A 224 -25.69 17.11 -2.38
C THR A 224 -26.12 15.72 -1.90
N ARG A 225 -27.03 15.06 -2.60
CA ARG A 225 -27.38 13.68 -2.31
C ARG A 225 -26.51 12.69 -3.07
N SER A 226 -26.10 13.05 -4.28
CA SER A 226 -25.17 12.24 -5.05
C SER A 226 -23.73 12.40 -4.57
N TRP A 227 -23.48 13.30 -3.62
CA TRP A 227 -22.13 13.49 -3.10
C TRP A 227 -21.70 12.27 -2.30
N ARG A 228 -20.40 11.99 -2.35
CA ARG A 228 -19.81 10.80 -1.77
C ARG A 228 -19.59 10.92 -0.26
N LEU A 229 -20.21 11.89 0.40
CA LEU A 229 -20.07 12.07 1.83
C LEU A 229 -21.01 11.10 2.55
N TYR A 230 -20.46 9.99 3.05
CA TYR A 230 -21.24 9.03 3.80
C TYR A 230 -21.01 9.11 5.30
N GLN A 231 -19.95 9.80 5.75
CA GLN A 231 -19.71 10.01 7.17
C GLN A 231 -20.19 11.38 7.64
N PHE A 232 -19.84 12.43 6.91
CA PHE A 232 -20.18 13.79 7.28
C PHE A 232 -21.42 14.25 6.52
N SER A 233 -21.91 15.42 6.90
CA SER A 233 -23.05 16.05 6.25
C SER A 233 -22.68 17.48 5.89
N PHE A 234 -22.84 17.83 4.61
CA PHE A 234 -22.53 19.17 4.16
C PHE A 234 -23.55 20.16 4.73
N VAL A 235 -23.06 21.16 5.46
CA VAL A 235 -23.93 22.11 6.13
C VAL A 235 -23.65 23.56 5.76
N GLY A 236 -22.44 23.90 5.31
CA GLY A 236 -22.13 25.30 5.05
C GLY A 236 -21.16 25.44 3.90
N LEU A 237 -21.12 26.64 3.34
CA LEU A 237 -20.27 26.97 2.21
C LEU A 237 -19.98 28.46 2.23
N ARG A 238 -18.71 28.82 2.05
CA ARG A 238 -18.32 30.23 2.01
C ARG A 238 -17.08 30.39 1.16
N ASN A 239 -16.98 31.55 0.51
CA ASN A 239 -15.86 31.89 -0.36
C ASN A 239 -15.17 33.12 0.19
N THR A 240 -13.84 33.14 0.10
CA THR A 240 -13.05 34.22 0.68
C THR A 240 -11.93 34.60 -0.29
N THR A 241 -11.54 35.87 -0.24
CA THR A 241 -10.44 36.40 -1.02
C THR A 241 -9.45 37.07 -0.08
N GLU A 242 -8.17 36.74 -0.22
CA GLU A 242 -7.14 37.28 0.66
C GLU A 242 -5.81 37.25 -0.06
N VAL A 243 -4.84 37.98 0.50
CA VAL A 243 -3.50 38.09 -0.04
C VAL A 243 -2.52 37.49 0.95
N VAL A 244 -1.68 36.58 0.47
CA VAL A 244 -0.69 35.90 1.31
C VAL A 244 0.70 36.31 0.84
N LYS A 245 1.52 36.78 1.77
CA LYS A 245 2.88 37.21 1.47
C LYS A 245 3.84 36.04 1.63
N THR A 246 4.63 35.78 0.60
CA THR A 246 5.63 34.72 0.60
C THR A 246 6.98 35.33 0.24
N THR A 247 7.99 34.46 0.15
CA THR A 247 9.33 34.92 -0.20
C THR A 247 9.37 35.49 -1.62
N SER A 248 8.69 34.84 -2.56
CA SER A 248 8.66 35.32 -3.93
C SER A 248 7.90 36.64 -4.05
N GLY A 249 6.83 36.80 -3.28
CA GLY A 249 6.06 38.03 -3.32
C GLY A 249 4.71 37.84 -2.67
N ASP A 250 3.79 38.74 -3.02
CA ASP A 250 2.43 38.71 -2.50
C ASP A 250 1.49 38.16 -3.57
N TYR A 251 0.70 37.16 -3.19
CA TYR A 251 -0.21 36.49 -4.11
C TYR A 251 -1.62 36.53 -3.57
N VAL A 252 -2.59 36.78 -4.46
CA VAL A 252 -4.00 36.75 -4.09
C VAL A 252 -4.46 35.30 -4.05
N VAL A 253 -5.02 34.90 -2.92
CA VAL A 253 -5.44 33.51 -2.69
C VAL A 253 -6.95 33.49 -2.51
N MET A 254 -7.61 32.63 -3.28
CA MET A 254 -9.04 32.43 -3.18
C MET A 254 -9.32 31.13 -2.43
N SER A 255 -10.13 31.21 -1.37
CA SER A 255 -10.37 30.09 -0.49
C SER A 255 -11.87 29.76 -0.46
N VAL A 256 -12.18 28.47 -0.49
CA VAL A 256 -13.54 27.98 -0.37
C VAL A 256 -13.58 27.02 0.81
N TYR A 257 -14.38 27.33 1.82
CA TYR A 257 -14.46 26.53 3.04
C TYR A 257 -15.75 25.70 3.00
N PHE A 258 -15.60 24.40 3.14
CA PHE A 258 -16.74 23.49 3.21
C PHE A 258 -16.92 23.06 4.67
N ASP A 259 -18.07 23.38 5.24
CA ASP A 259 -18.37 23.02 6.63
C ASP A 259 -18.97 21.62 6.65
N LEU A 260 -18.33 20.72 7.40
CA LEU A 260 -18.76 19.34 7.49
C LEU A 260 -18.96 18.97 8.96
N SER A 261 -20.12 18.38 9.26
CA SER A 261 -20.43 17.91 10.60
C SER A 261 -20.55 16.40 10.57
N ARG A 262 -19.77 15.72 11.42
CA ARG A 262 -19.80 14.27 11.45
C ARG A 262 -21.12 13.76 11.99
N ARG A 263 -21.62 12.68 11.39
CA ARG A 263 -22.87 12.07 11.81
C ARG A 263 -22.55 10.96 12.81
N MET A 264 -23.16 11.04 13.99
CA MET A 264 -22.80 10.22 15.14
C MET A 264 -23.59 8.92 15.22
N GLY A 265 -24.45 8.63 14.24
CA GLY A 265 -25.32 7.47 14.33
C GLY A 265 -24.53 6.17 14.40
N TYR A 266 -23.51 6.02 13.55
CA TYR A 266 -22.76 4.77 13.51
C TYR A 266 -21.95 4.56 14.79
N PHE A 267 -21.28 5.61 15.26
CA PHE A 267 -20.43 5.47 16.44
C PHE A 267 -21.24 5.20 17.70
N THR A 268 -22.42 5.83 17.80
CA THR A 268 -23.26 5.62 18.97
C THR A 268 -23.68 4.17 19.10
N ILE A 269 -24.08 3.55 17.99
CA ILE A 269 -24.50 2.15 18.02
C ILE A 269 -23.30 1.24 18.25
N GLN A 270 -22.17 1.53 17.60
CA GLN A 270 -21.04 0.62 17.63
C GLN A 270 -20.36 0.60 19.01
N THR A 271 -20.18 1.76 19.62
CA THR A 271 -19.36 1.87 20.81
C THR A 271 -20.15 2.26 22.06
N TYR A 272 -20.94 3.33 21.99
CA TYR A 272 -21.55 3.88 23.21
C TYR A 272 -22.51 2.89 23.84
N ILE A 273 -23.44 2.33 23.05
CA ILE A 273 -24.41 1.39 23.61
C ILE A 273 -23.74 0.13 24.14
N PRO A 274 -22.86 -0.57 23.40
CA PRO A 274 -22.21 -1.75 23.99
C PRO A 274 -21.40 -1.44 25.23
N CYS A 275 -20.68 -0.31 25.24
CA CYS A 275 -19.90 0.04 26.43
C CYS A 275 -20.81 0.34 27.62
N THR A 276 -21.91 1.04 27.38
CA THR A 276 -22.85 1.33 28.46
C THR A 276 -23.46 0.05 29.02
N LEU A 277 -23.85 -0.87 28.14
CA LEU A 277 -24.47 -2.12 28.60
C LEU A 277 -23.49 -2.96 29.40
N ILE A 278 -22.21 -2.99 29.00
CA ILE A 278 -21.22 -3.74 29.76
C ILE A 278 -21.05 -3.16 31.15
N VAL A 279 -21.05 -1.84 31.26
CA VAL A 279 -20.98 -1.20 32.58
C VAL A 279 -22.19 -1.59 33.43
N VAL A 280 -23.37 -1.64 32.81
CA VAL A 280 -24.56 -2.08 33.53
C VAL A 280 -24.40 -3.53 33.97
N LEU A 281 -23.80 -4.37 33.11
CA LEU A 281 -23.57 -5.76 33.47
C LEU A 281 -22.63 -5.88 34.66
N SER A 282 -21.70 -4.94 34.81
CA SER A 282 -20.83 -4.96 35.98
C SER A 282 -21.63 -4.72 37.26
N TRP A 283 -22.63 -3.84 37.19
CA TRP A 283 -23.49 -3.60 38.35
C TRP A 283 -24.31 -4.82 38.73
N VAL A 284 -24.50 -5.76 37.79
CA VAL A 284 -25.24 -6.98 38.09
C VAL A 284 -24.57 -7.76 39.21
N SER A 285 -23.24 -7.71 39.26
CA SER A 285 -22.51 -8.43 40.31
C SER A 285 -22.90 -7.95 41.70
N PHE A 286 -23.35 -6.70 41.83
CA PHE A 286 -23.70 -6.17 43.14
C PHE A 286 -24.92 -6.87 43.73
N TRP A 287 -25.85 -7.31 42.88
CA TRP A 287 -27.05 -7.96 43.39
C TRP A 287 -26.83 -9.44 43.67
N ILE A 288 -25.86 -10.07 43.00
CA ILE A 288 -25.52 -11.46 43.31
C ILE A 288 -24.91 -11.50 44.70
N ASN A 289 -25.36 -12.47 45.51
CA ASN A 289 -24.96 -12.50 46.91
C ASN A 289 -23.47 -12.77 47.04
N LYS A 290 -22.90 -12.29 48.15
CA LYS A 290 -21.46 -12.32 48.35
C LYS A 290 -20.89 -13.73 48.44
N ASP A 291 -21.72 -14.72 48.80
CA ASP A 291 -21.20 -16.07 48.97
C ASP A 291 -20.84 -16.72 47.64
N ALA A 292 -21.46 -16.31 46.55
CA ALA A 292 -21.19 -16.88 45.23
C ALA A 292 -19.89 -16.27 44.69
N VAL A 293 -18.77 -16.76 45.20
CA VAL A 293 -17.45 -16.26 44.83
C VAL A 293 -17.13 -16.55 43.36
N PRO A 294 -17.27 -17.77 42.86
CA PRO A 294 -16.94 -18.00 41.44
C PRO A 294 -17.84 -17.24 40.48
N ALA A 295 -19.03 -16.83 40.90
CA ALA A 295 -19.94 -16.14 40.00
C ALA A 295 -19.54 -14.67 39.85
N ARG A 296 -19.45 -13.95 40.97
CA ARG A 296 -19.14 -12.52 40.90
C ARG A 296 -17.73 -12.27 40.38
N THR A 297 -16.78 -13.12 40.76
CA THR A 297 -15.41 -12.95 40.27
C THR A 297 -15.34 -13.14 38.77
N SER A 298 -15.98 -14.18 38.25
CA SER A 298 -15.98 -14.43 36.81
C SER A 298 -16.70 -13.32 36.06
N LEU A 299 -17.82 -12.82 36.62
CA LEU A 299 -18.55 -11.75 35.96
C LEU A 299 -17.71 -10.49 35.86
N GLY A 300 -17.00 -10.14 36.94
CA GLY A 300 -16.20 -8.93 36.92
C GLY A 300 -15.04 -8.99 35.95
N ILE A 301 -14.31 -10.12 35.94
CA ILE A 301 -13.13 -10.22 35.09
C ILE A 301 -13.52 -10.30 33.61
N THR A 302 -14.60 -11.01 33.31
CA THR A 302 -15.03 -11.15 31.91
C THR A 302 -15.54 -9.83 31.35
N THR A 303 -16.21 -9.02 32.17
CA THR A 303 -16.65 -7.71 31.71
C THR A 303 -15.45 -6.81 31.39
N VAL A 304 -14.38 -6.92 32.18
CA VAL A 304 -13.15 -6.20 31.87
C VAL A 304 -12.58 -6.68 30.54
N LEU A 305 -12.60 -8.00 30.32
CA LEU A 305 -12.15 -8.53 29.04
C LEU A 305 -13.03 -8.04 27.90
N THR A 306 -14.34 -7.96 28.14
CA THR A 306 -15.25 -7.46 27.12
C THR A 306 -14.97 -6.00 26.79
N MET A 307 -14.73 -5.18 27.82
CA MET A 307 -14.40 -3.78 27.57
C MET A 307 -13.09 -3.64 26.81
N THR A 308 -12.13 -4.53 27.07
CA THR A 308 -10.88 -4.52 26.33
C THR A 308 -11.12 -4.76 24.84
N THR A 309 -12.01 -5.70 24.52
CA THR A 309 -12.34 -5.95 23.12
C THR A 309 -13.00 -4.73 22.48
N LEU A 310 -13.90 -4.08 23.22
CA LEU A 310 -14.59 -2.91 22.68
C LEU A 310 -13.66 -1.71 22.56
N SER A 311 -12.69 -1.58 23.47
CA SER A 311 -11.78 -0.44 23.43
C SER A 311 -10.92 -0.46 22.16
N THR A 312 -10.46 -1.64 21.76
CA THR A 312 -9.63 -1.74 20.57
C THR A 312 -10.38 -1.31 19.32
N ILE A 313 -11.64 -1.74 19.18
CA ILE A 313 -12.39 -1.46 17.97
C ILE A 313 -12.85 0.00 17.91
N ALA A 314 -12.83 0.72 19.04
CA ALA A 314 -13.31 2.09 19.06
C ALA A 314 -12.43 2.99 18.21
N ARG A 315 -11.12 2.96 18.45
CA ARG A 315 -10.16 3.81 17.74
C ARG A 315 -9.55 3.07 16.55
N LYS A 316 -10.38 2.51 15.68
CA LYS A 316 -9.92 1.76 14.52
C LYS A 316 -9.92 2.58 13.25
N SER A 317 -10.31 3.85 13.30
CA SER A 317 -10.36 4.67 12.10
C SER A 317 -9.67 6.01 12.32
N LEU A 318 -9.61 6.46 13.57
CA LEU A 318 -8.91 7.69 13.87
C LEU A 318 -7.41 7.51 13.68
N PRO A 319 -6.70 8.58 13.32
CA PRO A 319 -5.23 8.52 13.35
C PRO A 319 -4.70 8.46 14.77
N LYS A 320 -3.39 8.53 14.92
CA LYS A 320 -2.74 8.34 16.21
C LYS A 320 -2.58 9.64 16.99
N VAL A 321 -3.53 10.57 16.83
CA VAL A 321 -3.47 11.84 17.53
C VAL A 321 -3.33 11.61 19.03
N SER A 322 -2.48 12.43 19.67
CA SER A 322 -2.19 12.25 21.09
C SER A 322 -3.31 12.73 21.98
N TYR A 323 -3.98 13.82 21.60
CA TYR A 323 -5.00 14.40 22.45
C TYR A 323 -6.17 13.44 22.62
N VAL A 324 -6.76 13.46 23.81
CA VAL A 324 -7.84 12.53 24.17
C VAL A 324 -9.12 13.01 23.50
N THR A 325 -9.64 12.22 22.56
CA THR A 325 -10.92 12.51 21.95
C THR A 325 -12.05 12.13 22.90
N ALA A 326 -13.24 12.67 22.62
CA ALA A 326 -14.39 12.37 23.47
C ALA A 326 -14.73 10.88 23.42
N MET A 327 -14.51 10.23 22.28
CA MET A 327 -14.72 8.79 22.21
C MET A 327 -13.75 8.04 23.11
N ASP A 328 -12.48 8.44 23.11
CA ASP A 328 -11.49 7.79 23.96
C ASP A 328 -11.80 8.03 25.44
N LEU A 329 -12.23 9.24 25.79
CA LEU A 329 -12.55 9.54 27.18
C LEU A 329 -13.70 8.69 27.68
N PHE A 330 -14.75 8.52 26.87
CA PHE A 330 -15.90 7.74 27.29
C PHE A 330 -15.52 6.27 27.50
N VAL A 331 -14.74 5.71 26.58
CA VAL A 331 -14.32 4.32 26.72
C VAL A 331 -13.43 4.14 27.95
N SER A 332 -12.50 5.07 28.17
CA SER A 332 -11.59 4.96 29.30
C SER A 332 -12.34 5.02 30.62
N VAL A 333 -13.32 5.92 30.73
CA VAL A 333 -14.11 6.02 31.96
C VAL A 333 -14.91 4.74 32.18
N CYS A 334 -15.52 4.22 31.11
CA CYS A 334 -16.26 2.97 31.24
C CYS A 334 -15.37 1.81 31.65
N PHE A 335 -14.11 1.82 31.19
CA PHE A 335 -13.17 0.78 31.60
C PHE A 335 -12.87 0.85 33.09
N ILE A 336 -12.88 2.05 33.66
CA ILE A 336 -12.63 2.18 35.09
C ILE A 336 -13.79 1.63 35.90
N PHE A 337 -15.03 1.86 35.44
CA PHE A 337 -16.20 1.40 36.18
C PHE A 337 -16.22 -0.12 36.30
N VAL A 338 -15.97 -0.82 35.19
CA VAL A 338 -15.95 -2.28 35.24
C VAL A 338 -14.74 -2.76 36.04
N PHE A 339 -13.62 -2.05 35.95
CA PHE A 339 -12.47 -2.37 36.78
C PHE A 339 -12.78 -2.17 38.26
N SER A 340 -13.46 -1.07 38.59
CA SER A 340 -13.77 -0.80 39.98
C SER A 340 -14.80 -1.77 40.54
N ALA A 341 -15.68 -2.30 39.68
CA ALA A 341 -16.69 -3.25 40.14
C ALA A 341 -16.04 -4.53 40.69
N LEU A 342 -15.03 -5.05 40.00
CA LEU A 342 -14.35 -6.24 40.50
C LEU A 342 -13.52 -5.94 41.74
N VAL A 343 -12.88 -4.76 41.77
CA VAL A 343 -12.12 -4.36 42.95
C VAL A 343 -13.05 -4.20 44.14
N GLU A 344 -14.26 -3.70 43.90
CA GLU A 344 -15.22 -3.55 44.99
C GLU A 344 -15.57 -4.89 45.61
N TYR A 345 -15.81 -5.91 44.78
CA TYR A 345 -16.11 -7.23 45.32
C TYR A 345 -14.93 -7.81 46.07
N GLY A 346 -13.71 -7.64 45.54
CA GLY A 346 -12.54 -8.12 46.23
C GLY A 346 -12.39 -7.51 47.61
N THR A 347 -12.63 -6.21 47.72
CA THR A 347 -12.65 -5.56 49.03
C THR A 347 -13.77 -6.12 49.90
N LEU A 348 -14.96 -6.30 49.32
CA LEU A 348 -16.08 -6.84 50.09
C LEU A 348 -15.80 -8.27 50.55
N HIS A 349 -15.23 -9.10 49.67
CA HIS A 349 -14.99 -10.49 50.01
C HIS A 349 -13.99 -10.62 51.15
N TYR A 350 -12.94 -9.81 51.15
CA TYR A 350 -11.90 -9.92 52.16
C TYR A 350 -12.43 -9.56 53.54
N PHE A 351 -13.11 -8.42 53.66
CA PHE A 351 -13.58 -7.98 54.97
C PHE A 351 -14.68 -8.89 55.50
N VAL A 352 -15.56 -9.39 54.62
CA VAL A 352 -16.59 -10.32 55.05
C VAL A 352 -15.96 -11.63 55.53
N SER A 353 -14.98 -12.15 54.79
CA SER A 353 -14.31 -13.37 55.20
C SER A 353 -13.52 -13.18 56.48
N ASN A 354 -13.06 -11.97 56.75
CA ASN A 354 -12.31 -11.68 57.97
C ASN A 354 -13.15 -10.89 58.96
N ARG A 437 -21.64 0.37 57.01
CA ARG A 437 -20.22 0.06 57.17
C ARG A 437 -19.68 -0.71 55.97
N ILE A 438 -18.55 -1.38 56.18
CA ILE A 438 -17.93 -2.16 55.11
C ILE A 438 -18.80 -3.36 54.75
N ALA A 439 -19.43 -3.98 55.75
CA ALA A 439 -20.24 -5.17 55.49
C ALA A 439 -21.42 -4.86 54.57
N LYS A 440 -21.92 -3.62 54.59
CA LYS A 440 -23.00 -3.20 53.71
C LYS A 440 -22.48 -2.46 52.48
N MET A 441 -21.30 -2.82 51.99
CA MET A 441 -20.75 -2.17 50.81
C MET A 441 -21.59 -2.44 49.57
N ASP A 442 -22.26 -3.60 49.53
CA ASP A 442 -23.13 -3.90 48.39
C ASP A 442 -24.27 -2.89 48.28
N SER A 443 -24.87 -2.53 49.41
CA SER A 443 -25.96 -1.56 49.39
C SER A 443 -25.47 -0.20 48.89
N TYR A 444 -24.29 0.23 49.34
CA TYR A 444 -23.73 1.49 48.87
C TYR A 444 -23.35 1.39 47.39
N ALA A 445 -22.80 0.24 46.98
CA ALA A 445 -22.41 0.06 45.58
C ALA A 445 -23.61 0.10 44.65
N ARG A 446 -24.74 -0.47 45.07
CA ARG A 446 -25.94 -0.46 44.25
C ARG A 446 -26.47 0.94 43.98
N ILE A 447 -26.07 1.92 44.79
CA ILE A 447 -26.51 3.30 44.64
C ILE A 447 -25.39 4.17 44.06
N PHE A 448 -24.18 4.04 44.60
CA PHE A 448 -23.09 4.91 44.19
C PHE A 448 -22.71 4.69 42.73
N PHE A 449 -22.54 3.43 42.33
CA PHE A 449 -22.10 3.14 40.97
C PHE A 449 -23.10 3.61 39.91
N PRO A 450 -24.40 3.29 39.98
CA PRO A 450 -25.32 3.84 38.98
C PRO A 450 -25.40 5.35 39.01
N THR A 451 -25.33 5.96 40.20
CA THR A 451 -25.41 7.42 40.28
C THR A 451 -24.18 8.07 39.67
N ALA A 452 -22.99 7.53 39.96
CA ALA A 452 -21.77 8.11 39.41
C ALA A 452 -21.74 8.03 37.89
N PHE A 453 -22.15 6.88 37.35
CA PHE A 453 -22.15 6.73 35.89
C PHE A 453 -23.19 7.63 35.25
N CYS A 454 -24.38 7.75 35.85
CA CYS A 454 -25.38 8.67 35.33
C CYS A 454 -24.90 10.11 35.42
N LEU A 455 -24.24 10.47 36.52
CA LEU A 455 -23.69 11.82 36.64
C LEU A 455 -22.61 12.06 35.59
N PHE A 456 -21.75 11.06 35.36
CA PHE A 456 -20.72 11.21 34.33
C PHE A 456 -21.32 11.38 32.95
N ASN A 457 -22.35 10.61 32.64
CA ASN A 457 -23.00 10.73 31.33
C ASN A 457 -23.63 12.11 31.16
N LEU A 458 -24.26 12.62 32.21
CA LEU A 458 -24.87 13.95 32.13
C LEU A 458 -23.82 15.02 31.86
N VAL A 459 -22.69 14.95 32.55
CA VAL A 459 -21.62 15.92 32.33
C VAL A 459 -21.01 15.70 30.94
N TYR A 460 -20.78 14.44 30.56
CA TYR A 460 -20.11 14.14 29.30
C TYR A 460 -20.91 14.64 28.11
N TRP A 461 -22.20 14.29 28.05
CA TRP A 461 -23.01 14.65 26.89
C TRP A 461 -23.22 16.15 26.80
N VAL A 462 -23.46 16.81 27.93
CA VAL A 462 -23.66 18.26 27.91
C VAL A 462 -22.39 18.97 27.45
N SER A 463 -21.23 18.52 27.93
CA SER A 463 -19.98 19.19 27.62
C SER A 463 -19.59 19.07 26.15
N TYR A 464 -20.12 18.08 25.42
CA TYR A 464 -19.74 17.87 24.04
C TYR A 464 -20.86 18.16 23.03
N LEU A 465 -22.11 18.11 23.45
CA LEU A 465 -23.21 18.46 22.56
C LEU A 465 -23.49 19.95 22.51
N TYR A 466 -23.10 20.70 23.53
CA TYR A 466 -23.36 22.13 23.61
C TYR A 466 -22.10 22.96 23.37
N LEU A 467 -21.01 22.64 24.04
CA LEU A 467 -19.77 23.38 23.89
C LEU A 467 -19.12 23.10 22.54
N GLY B 32 -5.15 -3.41 -53.50
CA GLY B 32 -4.00 -4.10 -54.03
C GLY B 32 -2.75 -3.22 -54.11
N ASN B 33 -2.87 -2.11 -54.83
CA ASN B 33 -1.76 -1.18 -54.97
C ASN B 33 -1.60 -0.42 -53.67
N MET B 34 -0.57 -0.79 -52.89
CA MET B 34 -0.35 -0.14 -51.60
C MET B 34 -0.01 1.33 -51.79
N SER B 35 0.77 1.67 -52.82
CA SER B 35 1.08 3.07 -53.09
C SER B 35 -0.17 3.87 -53.39
N PHE B 36 -1.09 3.29 -54.18
CA PHE B 36 -2.33 3.96 -54.49
C PHE B 36 -3.16 4.20 -53.23
N VAL B 37 -3.23 3.20 -52.35
CA VAL B 37 -3.92 3.38 -51.08
C VAL B 37 -3.22 4.42 -50.23
N LYS B 38 -1.88 4.39 -50.23
CA LYS B 38 -1.12 5.38 -49.46
C LYS B 38 -1.39 6.80 -49.95
N GLU B 39 -1.44 6.99 -51.28
CA GLU B 39 -1.75 8.30 -51.82
C GLU B 39 -3.16 8.76 -51.42
N THR B 40 -4.12 7.83 -51.43
CA THR B 40 -5.47 8.18 -51.03
C THR B 40 -5.53 8.63 -49.58
N VAL B 41 -4.84 7.92 -48.68
CA VAL B 41 -4.83 8.30 -47.28
C VAL B 41 -4.15 9.64 -47.08
N ASP B 42 -3.03 9.87 -47.77
CA ASP B 42 -2.34 11.15 -47.67
C ASP B 42 -3.22 12.29 -48.18
N LYS B 43 -4.00 12.03 -49.24
CA LYS B 43 -4.91 13.05 -49.75
C LYS B 43 -5.96 13.41 -48.71
N LEU B 44 -6.50 12.41 -48.00
CA LEU B 44 -7.49 12.68 -46.98
C LEU B 44 -6.91 13.52 -45.84
N LEU B 45 -5.67 13.21 -45.43
CA LEU B 45 -5.05 13.92 -44.33
C LEU B 45 -4.50 15.28 -44.72
N LYS B 46 -4.33 15.53 -46.01
CA LYS B 46 -3.75 16.80 -46.45
C LYS B 46 -4.77 17.93 -46.26
N GLY B 47 -4.37 18.97 -45.54
CA GLY B 47 -5.26 20.07 -45.23
C GLY B 47 -6.31 19.77 -44.20
N TYR B 48 -6.33 18.56 -43.63
CA TYR B 48 -7.32 18.21 -42.64
C TYR B 48 -7.07 18.97 -41.34
N ASP B 49 -8.14 19.53 -40.77
CA ASP B 49 -8.05 20.30 -39.54
C ASP B 49 -8.71 19.50 -38.42
N ILE B 50 -7.88 18.99 -37.50
CA ILE B 50 -8.42 18.24 -36.37
C ILE B 50 -9.20 19.15 -35.43
N ARG B 51 -8.88 20.45 -35.41
CA ARG B 51 -9.51 21.37 -34.48
C ARG B 51 -10.98 21.62 -34.81
N LEU B 52 -11.42 21.31 -36.03
CA LEU B 52 -12.78 21.61 -36.46
C LEU B 52 -13.57 20.32 -36.59
N ARG B 53 -14.78 20.31 -36.03
CA ARG B 53 -15.65 19.15 -36.08
C ARG B 53 -16.23 18.99 -37.48
N PRO B 54 -16.71 17.79 -37.82
CA PRO B 54 -17.43 17.61 -39.08
C PRO B 54 -18.69 18.46 -39.11
N ASP B 55 -19.02 18.96 -40.30
CA ASP B 55 -20.16 19.85 -40.49
C ASP B 55 -20.07 21.06 -39.57
N PHE B 56 -18.87 21.63 -39.46
CA PHE B 56 -18.67 22.79 -38.61
C PHE B 56 -19.50 23.96 -39.11
N GLY B 57 -20.20 24.62 -38.19
CA GLY B 57 -21.09 25.70 -38.57
C GLY B 57 -22.39 25.24 -39.19
N GLY B 58 -22.68 23.94 -39.17
CA GLY B 58 -23.89 23.41 -39.73
C GLY B 58 -24.68 22.57 -38.75
N PRO B 59 -25.38 21.56 -39.25
CA PRO B 59 -26.16 20.70 -38.37
C PRO B 59 -25.23 19.92 -37.45
N PRO B 60 -25.68 19.61 -36.23
CA PRO B 60 -24.84 18.83 -35.32
C PRO B 60 -24.58 17.43 -35.86
N VAL B 61 -23.40 16.92 -35.57
CA VAL B 61 -23.00 15.59 -36.03
C VAL B 61 -23.57 14.54 -35.10
N CYS B 62 -24.27 13.56 -35.67
CA CYS B 62 -24.85 12.49 -34.88
C CYS B 62 -23.80 11.40 -34.64
N VAL B 63 -23.59 11.07 -33.37
CA VAL B 63 -22.61 10.07 -32.96
C VAL B 63 -23.34 8.90 -32.35
N GLY B 64 -23.18 7.72 -32.94
CA GLY B 64 -23.77 6.50 -32.43
C GLY B 64 -22.76 5.73 -31.61
N MET B 65 -23.19 5.26 -30.45
CA MET B 65 -22.32 4.57 -29.50
C MET B 65 -22.88 3.20 -29.17
N ASN B 66 -22.01 2.20 -29.19
CA ASN B 66 -22.33 0.86 -28.73
C ASN B 66 -21.21 0.38 -27.82
N ILE B 67 -21.58 -0.37 -26.78
CA ILE B 67 -20.64 -0.81 -25.76
C ILE B 67 -20.70 -2.32 -25.65
N ASP B 68 -19.54 -2.96 -25.70
CA ASP B 68 -19.41 -4.40 -25.47
C ASP B 68 -18.68 -4.58 -24.14
N ILE B 69 -19.41 -4.99 -23.11
CA ILE B 69 -18.84 -5.11 -21.77
CA ILE B 69 -18.84 -5.11 -21.77
C ILE B 69 -17.94 -6.35 -21.72
N ALA B 70 -16.72 -6.16 -21.22
CA ALA B 70 -15.80 -7.26 -21.02
C ALA B 70 -16.00 -7.93 -19.66
N SER B 71 -16.00 -7.14 -18.60
CA SER B 71 -16.21 -7.64 -17.25
C SER B 71 -16.38 -6.47 -16.30
N ILE B 72 -17.04 -6.74 -15.18
CA ILE B 72 -17.13 -5.79 -14.07
C ILE B 72 -16.25 -6.36 -12.95
N ASP B 73 -15.04 -5.82 -12.84
CA ASP B 73 -14.02 -6.43 -11.98
C ASP B 73 -14.42 -6.35 -10.50
N MET B 74 -14.77 -5.16 -10.03
CA MET B 74 -14.99 -4.95 -8.61
C MET B 74 -16.21 -4.07 -8.39
N VAL B 75 -16.86 -4.27 -7.25
CA VAL B 75 -17.93 -3.40 -6.76
C VAL B 75 -17.61 -3.12 -5.29
N SER B 76 -17.18 -1.90 -4.99
CA SER B 76 -16.70 -1.54 -3.66
C SER B 76 -17.77 -0.74 -2.93
N GLU B 77 -18.21 -1.26 -1.78
CA GLU B 77 -19.17 -0.52 -0.96
C GLU B 77 -18.48 0.61 -0.18
N VAL B 78 -17.25 0.37 0.28
CA VAL B 78 -16.56 1.38 1.06
C VAL B 78 -16.24 2.61 0.21
N ASN B 79 -15.80 2.40 -1.03
CA ASN B 79 -15.50 3.50 -1.93
C ASN B 79 -16.68 3.94 -2.77
N MET B 80 -17.77 3.19 -2.75
CA MET B 80 -18.99 3.50 -3.50
C MET B 80 -18.67 3.70 -4.99
N ASP B 81 -18.04 2.69 -5.57
CA ASP B 81 -17.69 2.73 -6.99
C ASP B 81 -17.52 1.31 -7.50
N TYR B 82 -17.51 1.18 -8.82
CA TYR B 82 -17.32 -0.11 -9.48
C TYR B 82 -16.32 0.06 -10.62
N THR B 83 -15.63 -1.02 -10.93
CA THR B 83 -14.64 -1.03 -12.01
C THR B 83 -15.23 -1.76 -13.22
N LEU B 84 -15.17 -1.11 -14.37
CA LEU B 84 -15.79 -1.63 -15.59
C LEU B 84 -14.76 -1.67 -16.71
N THR B 85 -14.69 -2.79 -17.41
CA THR B 85 -13.87 -2.94 -18.61
C THR B 85 -14.79 -3.22 -19.79
N MET B 86 -14.61 -2.47 -20.87
CA MET B 86 -15.57 -2.52 -21.98
C MET B 86 -14.88 -2.13 -23.27
N TYR B 87 -15.53 -2.48 -24.37
CA TYR B 87 -15.13 -2.05 -25.71
C TYR B 87 -16.05 -0.91 -26.12
N PHE B 88 -15.54 0.32 -26.05
CA PHE B 88 -16.33 1.50 -26.34
C PHE B 88 -16.13 1.90 -27.80
N GLN B 89 -17.21 1.92 -28.57
CA GLN B 89 -17.16 2.20 -29.99
C GLN B 89 -18.06 3.37 -30.33
N GLN B 90 -17.59 4.22 -31.26
CA GLN B 90 -18.33 5.39 -31.69
C GLN B 90 -18.46 5.39 -33.21
N TYR B 91 -19.62 5.81 -33.69
CA TYR B 91 -19.91 5.88 -35.12
C TYR B 91 -20.33 7.28 -35.49
N TRP B 92 -19.72 7.82 -36.54
CA TRP B 92 -20.10 9.14 -37.05
C TRP B 92 -19.63 9.27 -38.49
N ARG B 93 -20.21 10.23 -39.19
CA ARG B 93 -19.89 10.49 -40.59
C ARG B 93 -19.08 11.78 -40.69
N ASP B 94 -17.94 11.70 -41.37
CA ASP B 94 -17.09 12.87 -41.64
C ASP B 94 -16.86 12.92 -43.15
N LYS B 95 -17.53 13.86 -43.81
CA LYS B 95 -17.39 13.99 -45.26
C LYS B 95 -15.97 14.35 -45.68
N ARG B 96 -15.19 14.96 -44.79
CA ARG B 96 -13.81 15.28 -45.11
C ARG B 96 -12.98 14.02 -45.35
N LEU B 97 -13.35 12.91 -44.70
CA LEU B 97 -12.62 11.66 -44.82
C LEU B 97 -13.20 10.74 -45.88
N ALA B 98 -14.20 11.18 -46.62
CA ALA B 98 -14.75 10.37 -47.69
C ALA B 98 -13.73 10.18 -48.81
N TYR B 99 -13.64 8.95 -49.32
CA TYR B 99 -12.71 8.62 -50.39
C TYR B 99 -13.43 7.81 -51.46
N SER B 100 -12.93 7.89 -52.68
CA SER B 100 -13.53 7.21 -53.82
C SER B 100 -12.49 6.37 -54.54
N GLY B 101 -12.96 5.34 -55.22
CA GLY B 101 -12.10 4.45 -55.98
C GLY B 101 -11.57 3.26 -55.20
N ILE B 102 -11.79 3.20 -53.90
CA ILE B 102 -11.36 2.09 -53.07
C ILE B 102 -12.59 1.44 -52.44
N PRO B 103 -13.08 0.34 -53.00
CA PRO B 103 -14.27 -0.35 -52.48
C PRO B 103 -13.97 -1.25 -51.28
N LEU B 104 -13.28 -0.71 -50.29
CA LEU B 104 -12.90 -1.45 -49.10
C LEU B 104 -12.98 -0.55 -47.87
N ASN B 105 -13.09 -1.17 -46.71
CA ASN B 105 -13.05 -0.47 -45.44
C ASN B 105 -11.62 -0.45 -44.94
N LEU B 106 -11.03 0.74 -44.86
CA LEU B 106 -9.63 0.88 -44.51
C LEU B 106 -9.46 0.79 -43.00
N THR B 107 -8.90 -0.32 -42.53
CA THR B 107 -8.56 -0.49 -41.12
C THR B 107 -7.14 0.00 -40.93
N LEU B 108 -7.00 1.21 -40.40
CA LEU B 108 -5.70 1.85 -40.29
C LEU B 108 -5.08 1.57 -38.92
N ASP B 109 -3.80 1.92 -38.79
CA ASP B 109 -3.11 1.80 -37.51
C ASP B 109 -3.70 2.76 -36.50
N ASN B 110 -3.65 2.36 -35.23
CA ASN B 110 -4.26 3.16 -34.17
C ASN B 110 -3.62 4.54 -34.04
N ARG B 111 -2.39 4.71 -34.50
CA ARG B 111 -1.73 6.01 -34.43
C ARG B 111 -2.32 7.03 -35.39
N VAL B 112 -3.14 6.60 -36.35
CA VAL B 112 -3.77 7.55 -37.27
C VAL B 112 -4.90 8.33 -36.61
N ALA B 113 -5.37 7.87 -35.45
CA ALA B 113 -6.46 8.58 -34.76
C ALA B 113 -6.03 9.96 -34.29
N ASP B 114 -4.73 10.16 -34.07
CA ASP B 114 -4.24 11.46 -33.66
C ASP B 114 -4.40 12.51 -34.75
N GLN B 115 -4.46 12.09 -36.01
CA GLN B 115 -4.63 13.00 -37.14
C GLN B 115 -6.08 13.12 -37.57
N LEU B 116 -7.03 12.55 -36.83
CA LEU B 116 -8.44 12.59 -37.16
C LEU B 116 -9.24 13.17 -36.00
N TRP B 117 -10.35 13.82 -36.34
CA TRP B 117 -11.23 14.35 -35.31
C TRP B 117 -12.02 13.22 -34.65
N VAL B 118 -12.08 13.25 -33.33
CA VAL B 118 -12.87 12.29 -32.56
C VAL B 118 -13.72 13.05 -31.58
N PRO B 119 -14.91 12.56 -31.22
CA PRO B 119 -15.76 13.27 -30.25
C PRO B 119 -15.07 13.38 -28.89
N ASP B 120 -15.34 14.49 -28.21
CA ASP B 120 -14.79 14.71 -26.88
C ASP B 120 -15.63 13.99 -25.83
N THR B 121 -15.83 12.69 -26.02
CA THR B 121 -16.65 11.90 -25.12
C THR B 121 -15.93 11.65 -23.82
N TYR B 122 -16.61 11.89 -22.70
CA TYR B 122 -16.06 11.62 -21.38
C TYR B 122 -17.17 11.06 -20.50
N PHE B 123 -16.76 10.40 -19.42
CA PHE B 123 -17.69 9.82 -18.46
C PHE B 123 -17.79 10.76 -17.26
N LEU B 124 -19.01 11.18 -16.93
CA LEU B 124 -19.20 12.19 -15.90
C LEU B 124 -18.94 11.61 -14.51
N ASN B 125 -19.35 10.37 -14.27
CA ASN B 125 -19.29 9.78 -12.94
C ASN B 125 -18.04 8.94 -12.71
N ASP B 126 -17.11 8.91 -13.68
CA ASP B 126 -15.92 8.10 -13.49
C ASP B 126 -14.95 8.76 -12.51
N LYS B 127 -14.19 7.93 -11.81
CA LYS B 127 -13.20 8.40 -10.85
C LYS B 127 -11.76 8.19 -11.33
N LYS B 128 -11.50 7.12 -12.08
CA LYS B 128 -10.18 6.86 -12.62
C LYS B 128 -10.34 5.92 -13.80
N SER B 129 -9.86 6.33 -14.97
CA SER B 129 -10.01 5.54 -16.18
C SER B 129 -8.72 5.58 -16.98
N PHE B 130 -8.51 4.55 -17.79
CA PHE B 130 -7.32 4.47 -18.63
C PHE B 130 -7.61 3.56 -19.81
N VAL B 131 -6.80 3.70 -20.85
CA VAL B 131 -6.88 2.87 -22.05
C VAL B 131 -5.67 1.94 -22.06
N HIS B 132 -5.93 0.65 -22.24
CA HIS B 132 -4.86 -0.34 -22.24
C HIS B 132 -3.91 -0.11 -23.40
N GLY B 133 -2.62 -0.25 -23.13
CA GLY B 133 -1.60 0.01 -24.13
C GLY B 133 -0.63 -1.12 -24.35
N VAL B 134 -1.08 -2.36 -24.14
CA VAL B 134 -0.27 -3.55 -24.33
C VAL B 134 -0.99 -4.45 -25.33
N THR B 135 -0.30 -4.83 -26.40
CA THR B 135 1.09 -4.41 -26.65
C THR B 135 1.15 -3.01 -27.25
N VAL B 136 0.00 -2.54 -27.74
CA VAL B 136 -0.16 -1.18 -28.24
C VAL B 136 -1.45 -0.62 -27.67
N LYS B 137 -1.69 0.66 -27.93
CA LYS B 137 -2.93 1.29 -27.53
C LYS B 137 -4.11 0.53 -28.13
N ASN B 138 -5.01 0.06 -27.27
CA ASN B 138 -6.16 -0.71 -27.72
C ASN B 138 -7.16 0.25 -28.37
N ARG B 139 -6.82 0.67 -29.59
CA ARG B 139 -7.57 1.67 -30.32
C ARG B 139 -7.74 1.20 -31.76
N MET B 140 -8.93 1.44 -32.31
CA MET B 140 -9.26 0.99 -33.66
C MET B 140 -9.84 2.14 -34.45
N ILE B 141 -9.32 2.35 -35.66
CA ILE B 141 -9.85 3.32 -36.61
C ILE B 141 -10.19 2.58 -37.88
N ARG B 142 -11.45 2.68 -38.31
CA ARG B 142 -11.93 2.01 -39.51
C ARG B 142 -12.70 3.03 -40.35
N LEU B 143 -12.17 3.36 -41.52
CA LEU B 143 -12.80 4.33 -42.40
C LEU B 143 -13.70 3.64 -43.41
N HIS B 144 -14.60 4.42 -43.99
CA HIS B 144 -15.54 3.95 -45.00
C HIS B 144 -15.56 4.91 -46.18
N PRO B 145 -15.91 4.43 -47.37
CA PRO B 145 -15.86 5.31 -48.55
C PRO B 145 -16.72 6.55 -48.44
N ASP B 146 -17.84 6.48 -47.72
CA ASP B 146 -18.73 7.61 -47.58
C ASP B 146 -18.30 8.58 -46.49
N GLY B 147 -17.22 8.28 -45.77
CA GLY B 147 -16.76 9.12 -44.68
C GLY B 147 -17.13 8.63 -43.30
N THR B 148 -17.76 7.47 -43.19
CA THR B 148 -18.10 6.92 -41.87
C THR B 148 -16.84 6.47 -41.16
N VAL B 149 -16.71 6.85 -39.88
CA VAL B 149 -15.55 6.54 -39.07
C VAL B 149 -15.98 5.67 -37.90
N LEU B 150 -15.28 4.56 -37.70
CA LEU B 150 -15.48 3.68 -36.56
C LEU B 150 -14.30 3.83 -35.62
N TYR B 151 -14.58 4.18 -34.37
CA TYR B 151 -13.55 4.46 -33.37
C TYR B 151 -13.83 3.61 -32.14
N GLY B 152 -13.01 2.59 -31.91
CA GLY B 152 -13.19 1.66 -30.81
C GLY B 152 -12.06 1.79 -29.80
N LEU B 153 -12.42 1.73 -28.52
CA LEU B 153 -11.45 1.81 -27.43
C LEU B 153 -11.79 0.76 -26.38
N ARG B 154 -10.76 0.11 -25.85
CA ARG B 154 -10.91 -0.81 -24.73
C ARG B 154 -10.53 -0.04 -23.47
N ILE B 155 -11.53 0.30 -22.66
CA ILE B 155 -11.37 1.23 -21.54
C ILE B 155 -11.71 0.51 -20.25
N THR B 156 -10.82 0.63 -19.26
CA THR B 156 -11.09 0.19 -17.90
C THR B 156 -11.36 1.43 -17.06
N THR B 157 -12.58 1.55 -16.55
CA THR B 157 -13.02 2.76 -15.86
C THR B 157 -13.56 2.42 -14.49
N THR B 158 -13.32 3.31 -13.53
CA THR B 158 -13.87 3.21 -12.18
C THR B 158 -14.88 4.33 -12.02
N ALA B 159 -16.17 3.98 -12.00
CA ALA B 159 -17.25 4.94 -11.94
C ALA B 159 -17.90 4.91 -10.56
N ALA B 160 -18.13 6.09 -10.00
CA ALA B 160 -18.78 6.19 -8.69
C ALA B 160 -20.22 5.72 -8.77
N CYS B 161 -20.69 5.11 -7.67
CA CYS B 161 -22.07 4.63 -7.60
C CYS B 161 -22.53 4.76 -6.15
N MET B 162 -23.35 5.78 -5.89
CA MET B 162 -23.92 5.94 -4.56
C MET B 162 -24.82 4.77 -4.24
N MET B 163 -24.66 4.22 -3.03
CA MET B 163 -25.37 3.01 -2.62
C MET B 163 -26.23 3.31 -1.41
N ASP B 164 -27.50 2.94 -1.48
CA ASP B 164 -28.43 3.05 -0.35
C ASP B 164 -28.33 1.74 0.44
N LEU B 165 -27.65 1.79 1.58
CA LEU B 165 -27.37 0.60 2.37
C LEU B 165 -28.30 0.46 3.57
N ARG B 166 -29.46 1.12 3.54
CA ARG B 166 -30.43 0.96 4.61
C ARG B 166 -30.91 -0.49 4.72
N ARG B 167 -31.17 -1.12 3.57
CA ARG B 167 -31.62 -2.50 3.53
C ARG B 167 -30.47 -3.48 3.39
N TYR B 168 -29.23 -3.03 3.55
CA TYR B 168 -28.08 -3.91 3.45
C TYR B 168 -28.17 -5.00 4.51
N PRO B 169 -27.80 -6.26 4.18
CA PRO B 169 -27.28 -6.71 2.89
C PRO B 169 -28.35 -7.19 1.91
N LEU B 170 -29.62 -6.85 2.17
CA LEU B 170 -30.72 -7.21 1.29
C LEU B 170 -31.11 -6.05 0.37
N ASP B 171 -30.14 -5.25 -0.04
CA ASP B 171 -30.37 -4.05 -0.81
C ASP B 171 -30.24 -4.30 -2.30
N GLU B 172 -30.82 -3.40 -3.09
CA GLU B 172 -30.73 -3.41 -4.54
C GLU B 172 -30.10 -2.09 -4.98
N GLN B 173 -29.08 -2.18 -5.83
CA GLN B 173 -28.30 -1.02 -6.24
C GLN B 173 -28.49 -0.72 -7.71
N ASN B 174 -28.54 0.57 -8.05
CA ASN B 174 -28.68 1.05 -9.42
C ASN B 174 -27.44 1.87 -9.74
N CYS B 175 -26.42 1.20 -10.27
CA CYS B 175 -25.17 1.86 -10.65
C CYS B 175 -25.24 2.28 -12.12
N THR B 176 -24.91 3.54 -12.38
CA THR B 176 -25.04 4.12 -13.71
C THR B 176 -23.67 4.46 -14.28
N LEU B 177 -23.64 4.61 -15.60
CA LEU B 177 -22.46 5.06 -16.33
C LEU B 177 -22.90 6.20 -17.25
N GLU B 178 -22.51 7.43 -16.90
CA GLU B 178 -22.95 8.60 -17.63
C GLU B 178 -21.97 8.91 -18.76
N ILE B 179 -22.50 9.06 -19.97
CA ILE B 179 -21.71 9.38 -21.15
C ILE B 179 -22.18 10.74 -21.67
N GLU B 180 -21.23 11.65 -21.84
CA GLU B 180 -21.57 13.02 -22.20
C GLU B 180 -20.41 13.66 -22.96
N SER B 181 -20.73 14.59 -23.85
CA SER B 181 -19.73 15.39 -24.51
C SER B 181 -19.27 16.52 -23.60
N TYR B 182 -17.96 16.78 -23.60
CA TYR B 182 -17.42 17.76 -22.66
C TYR B 182 -17.61 19.19 -23.16
N GLY B 183 -17.15 19.49 -24.37
CA GLY B 183 -17.20 20.85 -24.87
C GLY B 183 -18.33 21.14 -25.82
N TYR B 184 -18.58 20.23 -26.76
CA TYR B 184 -19.60 20.45 -27.78
C TYR B 184 -20.99 20.29 -27.18
N THR B 185 -21.86 21.26 -27.43
CA THR B 185 -23.23 21.22 -26.94
C THR B 185 -24.11 20.46 -27.91
N THR B 186 -25.42 20.47 -27.67
CA THR B 186 -26.35 19.81 -28.57
C THR B 186 -26.39 20.45 -29.95
N ASP B 187 -26.05 21.74 -30.05
CA ASP B 187 -26.01 22.40 -31.35
C ASP B 187 -24.89 21.89 -32.24
N ASP B 188 -23.84 21.31 -31.65
CA ASP B 188 -22.69 20.84 -32.40
C ASP B 188 -22.58 19.33 -32.50
N ILE B 189 -23.15 18.59 -31.55
CA ILE B 189 -23.03 17.14 -31.52
C ILE B 189 -24.26 16.55 -30.86
N GLU B 190 -24.60 15.33 -31.25
CA GLU B 190 -25.72 14.60 -30.68
C GLU B 190 -25.33 13.15 -30.48
N PHE B 191 -25.87 12.54 -29.44
CA PHE B 191 -25.57 11.15 -29.08
C PHE B 191 -26.82 10.30 -29.18
N TYR B 192 -26.64 9.07 -29.67
CA TYR B 192 -27.72 8.09 -29.69
C TYR B 192 -27.12 6.70 -29.53
N TRP B 193 -27.93 5.78 -29.02
CA TRP B 193 -27.51 4.40 -28.89
C TRP B 193 -27.68 3.70 -30.23
N ARG B 194 -26.57 3.21 -30.78
CA ARG B 194 -26.59 2.53 -32.08
C ARG B 194 -27.06 1.09 -31.89
N GLY B 195 -28.20 0.77 -32.48
CA GLY B 195 -28.82 -0.52 -32.29
C GLY B 195 -29.96 -0.55 -31.30
N GLY B 196 -30.38 0.60 -30.80
CA GLY B 196 -31.48 0.62 -29.84
C GLY B 196 -31.07 -0.05 -28.54
N ASP B 197 -31.92 -0.95 -28.05
CA ASP B 197 -31.63 -1.69 -26.83
C ASP B 197 -30.52 -2.71 -26.99
N LYS B 198 -30.09 -2.97 -28.22
CA LYS B 198 -28.98 -3.89 -28.48
C LYS B 198 -27.64 -3.19 -28.52
N ALA B 199 -27.59 -1.90 -28.19
CA ALA B 199 -26.34 -1.16 -28.23
C ALA B 199 -25.33 -1.68 -27.22
N VAL B 200 -25.81 -2.21 -26.10
CA VAL B 200 -24.95 -2.73 -25.03
C VAL B 200 -25.12 -4.24 -24.96
N THR B 201 -24.02 -4.96 -25.07
CA THR B 201 -24.01 -6.42 -25.03
C THR B 201 -23.03 -6.89 -23.97
N GLY B 202 -22.97 -8.21 -23.77
CA GLY B 202 -22.06 -8.79 -22.81
C GLY B 202 -22.49 -8.68 -21.37
N VAL B 203 -23.71 -8.20 -21.10
CA VAL B 203 -24.18 -8.06 -19.73
C VAL B 203 -24.31 -9.43 -19.07
N GLU B 204 -24.82 -10.41 -19.81
CA GLU B 204 -25.03 -11.74 -19.25
C GLU B 204 -23.73 -12.42 -18.85
N ARG B 205 -22.63 -12.07 -19.52
CA ARG B 205 -21.34 -12.69 -19.22
C ARG B 205 -20.78 -12.24 -17.88
N ILE B 206 -21.26 -11.12 -17.33
CA ILE B 206 -20.72 -10.58 -16.09
C ILE B 206 -21.04 -11.53 -14.94
N GLU B 207 -20.02 -11.86 -14.15
CA GLU B 207 -20.16 -12.80 -13.04
C GLU B 207 -19.59 -12.13 -11.79
N LEU B 208 -20.43 -11.37 -11.10
CA LEU B 208 -20.02 -10.75 -9.84
C LEU B 208 -20.15 -11.75 -8.70
N PRO B 209 -19.10 -11.95 -7.91
CA PRO B 209 -19.21 -12.91 -6.79
C PRO B 209 -20.26 -12.51 -5.76
N GLN B 210 -20.48 -11.22 -5.55
CA GLN B 210 -21.38 -10.75 -4.51
C GLN B 210 -22.72 -10.23 -5.03
N PHE B 211 -22.84 -9.96 -6.33
CA PHE B 211 -24.04 -9.37 -6.88
C PHE B 211 -24.52 -10.17 -8.08
N SER B 212 -25.77 -9.92 -8.47
CA SER B 212 -26.37 -10.48 -9.66
C SER B 212 -27.01 -9.35 -10.47
N ILE B 213 -26.75 -9.32 -11.77
CA ILE B 213 -27.23 -8.26 -12.64
C ILE B 213 -28.72 -8.53 -12.91
N VAL B 214 -29.60 -7.82 -12.20
CA VAL B 214 -31.03 -8.00 -12.41
C VAL B 214 -31.44 -7.47 -13.78
N GLU B 215 -31.03 -6.25 -14.10
CA GLU B 215 -31.44 -5.62 -15.36
C GLU B 215 -30.47 -4.50 -15.69
N HIS B 216 -30.45 -4.13 -16.98
CA HIS B 216 -29.70 -2.98 -17.46
C HIS B 216 -30.62 -2.13 -18.33
N ARG B 217 -30.44 -0.82 -18.27
CA ARG B 217 -31.29 0.10 -19.01
C ARG B 217 -30.43 1.10 -19.77
N LEU B 218 -30.94 1.54 -20.91
CA LEU B 218 -30.29 2.54 -21.75
C LEU B 218 -31.15 3.80 -21.79
N VAL B 219 -30.56 4.94 -21.44
CA VAL B 219 -31.28 6.20 -21.34
C VAL B 219 -30.56 7.24 -22.19
N SER B 220 -31.31 7.93 -23.04
CA SER B 220 -30.80 9.05 -23.82
C SER B 220 -31.58 10.30 -23.47
N ARG B 221 -30.87 11.36 -23.12
CA ARG B 221 -31.52 12.60 -22.68
C ARG B 221 -30.55 13.76 -22.88
N ASN B 222 -31.08 14.96 -22.68
CA ASN B 222 -30.30 16.19 -22.78
C ASN B 222 -30.20 16.84 -21.41
N VAL B 223 -28.99 17.20 -21.02
CA VAL B 223 -28.72 17.83 -19.72
C VAL B 223 -28.33 19.29 -19.97
N VAL B 224 -29.00 20.20 -19.28
CA VAL B 224 -28.81 21.64 -19.45
C VAL B 224 -27.89 22.15 -18.34
N PHE B 225 -26.83 22.84 -18.74
CA PHE B 225 -25.89 23.47 -17.82
C PHE B 225 -25.90 24.98 -18.04
N ALA B 226 -25.03 25.68 -17.31
CA ALA B 226 -24.89 27.12 -17.49
C ALA B 226 -24.35 27.43 -18.88
N THR B 227 -23.40 26.64 -19.37
CA THR B 227 -22.83 26.86 -20.69
C THR B 227 -23.78 26.46 -21.81
N GLY B 228 -24.77 25.63 -21.53
CA GLY B 228 -25.72 25.21 -22.53
C GLY B 228 -26.17 23.79 -22.26
N ALA B 229 -26.93 23.25 -23.22
CA ALA B 229 -27.46 21.90 -23.13
C ALA B 229 -26.48 20.93 -23.80
N TYR B 230 -26.23 19.80 -23.14
CA TYR B 230 -25.31 18.80 -23.66
C TYR B 230 -26.03 17.46 -23.81
N PRO B 231 -25.70 16.69 -24.86
CA PRO B 231 -26.28 15.36 -24.99
C PRO B 231 -25.78 14.44 -23.90
N ARG B 232 -26.62 13.47 -23.54
CA ARG B 232 -26.30 12.56 -22.44
C ARG B 232 -26.77 11.16 -22.79
N LEU B 233 -25.91 10.17 -22.55
CA LEU B 233 -26.25 8.76 -22.64
C LEU B 233 -25.95 8.10 -21.30
N SER B 234 -26.90 7.34 -20.79
CA SER B 234 -26.79 6.71 -19.48
C SER B 234 -26.96 5.21 -19.59
N LEU B 235 -26.04 4.46 -18.99
CA LEU B 235 -26.11 3.01 -18.88
C LEU B 235 -26.16 2.65 -17.41
N SER B 236 -27.25 2.03 -16.98
CA SER B 236 -27.48 1.74 -15.58
C SER B 236 -27.69 0.24 -15.37
N PHE B 237 -27.07 -0.29 -14.32
CA PHE B 237 -27.22 -1.69 -13.94
C PHE B 237 -27.93 -1.76 -12.59
N ARG B 238 -28.90 -2.65 -12.49
CA ARG B 238 -29.58 -2.91 -11.22
C ARG B 238 -28.96 -4.16 -10.60
N LEU B 239 -28.23 -3.96 -9.51
CA LEU B 239 -27.49 -5.04 -8.85
C LEU B 239 -28.23 -5.48 -7.60
N LYS B 240 -28.39 -6.79 -7.46
CA LYS B 240 -29.01 -7.39 -6.27
C LYS B 240 -27.94 -8.18 -5.52
N ARG B 241 -27.74 -7.85 -4.25
CA ARG B 241 -26.71 -8.50 -3.46
C ARG B 241 -27.13 -9.92 -3.10
N ASN B 242 -26.17 -10.83 -3.11
CA ASN B 242 -26.43 -12.21 -2.75
C ASN B 242 -26.43 -12.35 -1.22
N ILE B 243 -27.54 -12.89 -0.70
CA ILE B 243 -27.72 -12.98 0.75
C ILE B 243 -27.13 -14.24 1.35
N GLY B 244 -26.70 -15.20 0.53
CA GLY B 244 -26.27 -16.49 1.05
C GLY B 244 -25.07 -16.39 1.98
N TYR B 245 -24.08 -15.57 1.61
CA TYR B 245 -22.87 -15.47 2.41
C TYR B 245 -23.17 -14.91 3.80
N PHE B 246 -23.97 -13.85 3.86
CA PHE B 246 -24.23 -13.19 5.14
C PHE B 246 -25.12 -14.04 6.04
N ILE B 247 -26.05 -14.80 5.46
CA ILE B 247 -26.93 -15.64 6.26
C ILE B 247 -26.12 -16.68 7.03
N LEU B 248 -25.20 -17.34 6.35
CA LEU B 248 -24.38 -18.37 7.00
C LEU B 248 -23.34 -17.75 7.92
N GLN B 249 -22.68 -16.68 7.47
CA GLN B 249 -21.55 -16.14 8.20
C GLN B 249 -21.99 -15.37 9.44
N THR B 250 -23.03 -14.56 9.32
CA THR B 250 -23.37 -13.58 10.35
C THR B 250 -24.63 -13.93 11.15
N TYR B 251 -25.74 -14.22 10.46
CA TYR B 251 -27.01 -14.41 11.17
C TYR B 251 -27.00 -15.70 11.97
N MET B 252 -26.55 -16.80 11.37
CA MET B 252 -26.59 -18.09 12.06
C MET B 252 -25.78 -18.11 13.35
N PRO B 253 -24.53 -17.64 13.38
CA PRO B 253 -23.83 -17.60 14.68
C PRO B 253 -24.54 -16.74 15.71
N SER B 254 -25.12 -15.60 15.30
CA SER B 254 -25.82 -14.74 16.24
C SER B 254 -27.05 -15.43 16.81
N ILE B 255 -27.80 -16.15 15.97
CA ILE B 255 -29.00 -16.85 16.44
C ILE B 255 -28.61 -17.95 17.42
N LEU B 256 -27.58 -18.72 17.09
CA LEU B 256 -27.19 -19.85 17.92
C LEU B 256 -26.69 -19.38 19.29
N ILE B 257 -25.95 -18.27 19.33
CA ILE B 257 -25.50 -17.74 20.61
C ILE B 257 -26.68 -17.31 21.45
N THR B 258 -27.65 -16.63 20.84
CA THR B 258 -28.84 -16.21 21.58
C THR B 258 -29.61 -17.41 22.11
N ILE B 259 -29.78 -18.45 21.28
CA ILE B 259 -30.40 -19.68 21.75
C ILE B 259 -29.55 -20.30 22.86
N LEU B 260 -28.23 -20.24 22.72
CA LEU B 260 -27.35 -20.78 23.74
C LEU B 260 -27.50 -20.04 25.06
N SER B 261 -27.87 -18.75 25.01
CA SER B 261 -28.11 -18.00 26.24
C SER B 261 -29.38 -18.47 26.94
N TRP B 262 -30.39 -18.91 26.18
CA TRP B 262 -31.62 -19.41 26.78
C TRP B 262 -31.40 -20.72 27.54
N VAL B 263 -30.28 -21.40 27.30
CA VAL B 263 -29.96 -22.61 28.03
C VAL B 263 -29.85 -22.32 29.52
N SER B 264 -29.44 -21.10 29.88
CA SER B 264 -29.31 -20.74 31.29
C SER B 264 -30.62 -20.88 32.04
N PHE B 265 -31.75 -20.67 31.38
CA PHE B 265 -33.04 -20.80 32.03
C PHE B 265 -33.28 -22.23 32.52
N TRP B 266 -32.88 -23.20 31.71
CA TRP B 266 -33.03 -24.60 32.12
C TRP B 266 -32.13 -24.93 33.29
N ILE B 267 -30.95 -24.32 33.35
CA ILE B 267 -30.01 -24.59 34.44
C ILE B 267 -30.63 -24.19 35.77
N ASN B 268 -30.33 -24.97 36.81
CA ASN B 268 -30.92 -24.74 38.12
C ASN B 268 -30.47 -23.39 38.67
N TYR B 269 -31.35 -22.76 39.45
CA TYR B 269 -31.10 -21.42 39.95
C TYR B 269 -29.92 -21.39 40.93
N ASP B 270 -29.68 -22.48 41.66
CA ASP B 270 -28.58 -22.49 42.63
C ASP B 270 -27.21 -22.53 41.96
N ALA B 271 -27.14 -22.95 40.69
CA ALA B 271 -25.87 -23.01 39.97
C ALA B 271 -25.47 -21.59 39.55
N SER B 272 -25.06 -20.81 40.55
CA SER B 272 -24.69 -19.42 40.31
C SER B 272 -23.48 -19.31 39.41
N ALA B 273 -22.45 -20.12 39.68
CA ALA B 273 -21.24 -20.06 38.87
C ALA B 273 -21.52 -20.45 37.42
N ALA B 274 -22.34 -21.47 37.22
CA ALA B 274 -22.62 -21.94 35.85
C ALA B 274 -23.41 -20.93 35.06
N ARG B 275 -24.49 -20.40 35.64
CA ARG B 275 -25.37 -19.50 34.90
C ARG B 275 -24.69 -18.16 34.64
N VAL B 276 -23.95 -17.65 35.63
CA VAL B 276 -23.23 -16.40 35.42
C VAL B 276 -22.15 -16.56 34.35
N ALA B 277 -21.41 -17.67 34.42
CA ALA B 277 -20.37 -17.91 33.41
C ALA B 277 -20.99 -18.05 32.02
N LEU B 278 -22.15 -18.69 31.93
CA LEU B 278 -22.84 -18.80 30.64
C LEU B 278 -23.23 -17.42 30.11
N GLY B 279 -23.62 -16.52 31.00
CA GLY B 279 -24.07 -15.20 30.61
C GLY B 279 -23.01 -14.35 29.93
N ILE B 280 -21.94 -14.02 30.65
CA ILE B 280 -20.93 -13.11 30.12
C ILE B 280 -20.20 -13.73 28.93
N THR B 281 -19.97 -15.04 28.96
CA THR B 281 -19.31 -15.69 27.84
C THR B 281 -20.12 -15.58 26.56
N THR B 282 -21.45 -15.72 26.67
CA THR B 282 -22.31 -15.44 25.52
C THR B 282 -22.21 -13.97 25.12
N VAL B 283 -22.17 -13.07 26.11
CA VAL B 283 -21.94 -11.66 25.82
C VAL B 283 -20.58 -11.46 25.20
N LEU B 284 -19.56 -12.14 25.73
CA LEU B 284 -18.23 -12.07 25.15
C LEU B 284 -18.23 -12.59 23.71
N THR B 285 -18.93 -13.71 23.47
CA THR B 285 -18.98 -14.25 22.12
C THR B 285 -19.67 -13.29 21.16
N MET B 286 -20.75 -12.66 21.61
CA MET B 286 -21.47 -11.72 20.75
C MET B 286 -20.59 -10.53 20.38
N THR B 287 -19.80 -10.03 21.33
CA THR B 287 -18.91 -8.91 21.04
C THR B 287 -17.85 -9.29 20.01
N THR B 288 -17.29 -10.49 20.12
CA THR B 288 -16.29 -10.93 19.15
C THR B 288 -16.88 -11.02 17.75
N ILE B 289 -18.12 -11.53 17.63
CA ILE B 289 -18.78 -11.55 16.33
C ILE B 289 -19.02 -10.14 15.83
N ASN B 290 -19.46 -9.24 16.73
CA ASN B 290 -19.78 -7.87 16.31
C ASN B 290 -18.54 -7.14 15.82
N THR B 291 -17.40 -7.35 16.49
CA THR B 291 -16.18 -6.63 16.11
C THR B 291 -15.75 -6.97 14.69
N HIS B 292 -15.82 -8.26 14.32
CA HIS B 292 -15.35 -8.66 13.00
C HIS B 292 -16.30 -8.18 11.90
N LEU B 293 -17.60 -8.19 12.16
CA LEU B 293 -18.58 -7.98 11.09
C LEU B 293 -18.61 -6.55 10.60
N ARG B 294 -18.60 -5.58 11.52
CA ARG B 294 -18.77 -4.18 11.16
C ARG B 294 -17.57 -3.59 10.44
N GLU B 295 -16.44 -4.31 10.38
CA GLU B 295 -15.23 -3.76 9.77
C GLU B 295 -15.35 -3.65 8.25
N THR B 296 -16.16 -4.51 7.63
CA THR B 296 -16.21 -4.64 6.18
C THR B 296 -17.12 -3.62 5.51
N LEU B 297 -17.48 -2.55 6.21
CA LEU B 297 -18.46 -1.59 5.71
C LEU B 297 -18.06 -0.18 6.10
N PRO B 298 -18.50 0.82 5.33
CA PRO B 298 -18.24 2.22 5.71
C PRO B 298 -19.13 2.64 6.86
N LYS B 299 -18.79 3.79 7.44
CA LYS B 299 -19.52 4.32 8.60
C LYS B 299 -20.73 5.10 8.10
N ILE B 300 -21.85 4.41 7.99
CA ILE B 300 -23.12 5.03 7.58
C ILE B 300 -23.96 5.23 8.83
N PRO B 301 -24.41 6.45 9.11
CA PRO B 301 -25.16 6.69 10.36
C PRO B 301 -26.45 5.90 10.47
N TYR B 302 -27.14 5.65 9.35
CA TYR B 302 -28.42 4.97 9.40
C TYR B 302 -28.22 3.50 9.77
N VAL B 303 -29.29 2.91 10.30
CA VAL B 303 -29.24 1.54 10.81
C VAL B 303 -29.42 0.58 9.63
N LYS B 304 -28.42 -0.27 9.41
CA LYS B 304 -28.55 -1.34 8.44
C LYS B 304 -29.36 -2.49 9.03
N ALA B 305 -29.82 -3.38 8.15
CA ALA B 305 -30.48 -4.59 8.62
C ALA B 305 -29.51 -5.44 9.42
N ILE B 306 -28.25 -5.54 8.99
CA ILE B 306 -27.25 -6.25 9.77
C ILE B 306 -26.97 -5.54 11.08
N ASP B 307 -27.01 -4.20 11.07
CA ASP B 307 -26.79 -3.44 12.30
C ASP B 307 -27.87 -3.71 13.33
N MET B 308 -29.13 -3.71 12.89
CA MET B 308 -30.23 -3.94 13.82
C MET B 308 -30.18 -5.34 14.40
N TYR B 309 -29.84 -6.33 13.57
CA TYR B 309 -29.85 -7.72 14.03
C TYR B 309 -28.75 -7.97 15.05
N LEU B 310 -27.55 -7.47 14.80
CA LEU B 310 -26.45 -7.69 15.74
C LEU B 310 -26.71 -7.04 17.08
N MET B 311 -27.18 -5.79 17.07
CA MET B 311 -27.48 -5.11 18.32
C MET B 311 -28.65 -5.74 19.04
N GLY B 312 -29.67 -6.18 18.30
CA GLY B 312 -30.80 -6.83 18.93
C GLY B 312 -30.40 -8.09 19.67
N CYS B 313 -29.56 -8.92 19.04
CA CYS B 313 -29.09 -10.13 19.70
C CYS B 313 -28.25 -9.79 20.93
N PHE B 314 -27.43 -8.74 20.84
CA PHE B 314 -26.61 -8.34 21.97
C PHE B 314 -27.46 -7.86 23.14
N VAL B 315 -28.62 -7.27 22.85
CA VAL B 315 -29.52 -6.87 23.94
C VAL B 315 -30.14 -8.09 24.60
N PHE B 316 -30.52 -9.10 23.80
CA PHE B 316 -31.16 -10.28 24.37
C PHE B 316 -30.24 -11.02 25.34
N VAL B 317 -28.97 -11.21 24.95
CA VAL B 317 -28.04 -11.88 25.85
C VAL B 317 -27.76 -11.00 27.07
N PHE B 318 -27.73 -9.67 26.89
CA PHE B 318 -27.58 -8.78 28.03
C PHE B 318 -28.75 -8.92 28.99
N LEU B 319 -29.98 -9.02 28.47
CA LEU B 319 -31.14 -9.19 29.32
C LEU B 319 -31.14 -10.55 30.02
N ALA B 320 -30.59 -11.58 29.36
CA ALA B 320 -30.57 -12.90 29.97
C ALA B 320 -29.74 -12.91 31.25
N LEU B 321 -28.58 -12.28 31.23
CA LEU B 321 -27.77 -12.18 32.45
C LEU B 321 -28.47 -11.30 33.48
N LEU B 322 -29.15 -10.24 33.04
CA LEU B 322 -29.96 -9.46 33.96
C LEU B 322 -31.08 -10.30 34.55
N GLU B 323 -31.63 -11.22 33.77
CA GLU B 323 -32.70 -12.07 34.27
C GLU B 323 -32.22 -12.94 35.43
N TYR B 324 -31.00 -13.50 35.32
CA TYR B 324 -30.50 -14.30 36.43
C TYR B 324 -30.20 -13.43 37.65
N ALA B 325 -29.81 -12.17 37.43
CA ALA B 325 -29.58 -11.26 38.56
C ALA B 325 -30.84 -11.12 39.40
N PHE B 326 -31.98 -10.86 38.75
CA PHE B 326 -33.23 -10.73 39.48
C PHE B 326 -33.57 -12.04 40.18
N VAL B 327 -33.34 -13.17 39.52
CA VAL B 327 -33.63 -14.47 40.11
C VAL B 327 -32.80 -14.67 41.38
N ASN B 328 -31.50 -14.43 41.29
CA ASN B 328 -30.63 -14.66 42.44
C ASN B 328 -31.01 -13.75 43.60
N TYR B 329 -31.33 -12.49 43.31
CA TYR B 329 -31.66 -11.54 44.37
C TYR B 329 -32.93 -11.94 45.10
N ILE B 330 -34.00 -12.25 44.36
CA ILE B 330 -35.25 -12.60 45.01
C ILE B 330 -35.12 -13.94 45.75
N PHE B 331 -34.30 -14.85 45.22
CA PHE B 331 -34.10 -16.13 45.88
C PHE B 331 -33.42 -15.96 47.24
N PHE B 332 -32.44 -15.07 47.31
CA PHE B 332 -31.69 -14.87 48.55
C PHE B 332 -32.29 -13.77 49.40
N ASP B 444 -41.91 -18.21 43.53
CA ASP B 444 -41.83 -17.04 42.66
C ASP B 444 -40.51 -17.04 41.89
N VAL B 445 -39.45 -17.49 42.54
CA VAL B 445 -38.15 -17.59 41.87
C VAL B 445 -38.25 -18.55 40.69
N ASN B 446 -38.93 -19.68 40.89
CA ASN B 446 -39.21 -20.59 39.78
C ASN B 446 -40.13 -19.93 38.77
N ALA B 447 -41.10 -19.13 39.25
CA ALA B 447 -42.03 -18.47 38.35
C ALA B 447 -41.32 -17.48 37.44
N ILE B 448 -40.36 -16.72 37.98
CA ILE B 448 -39.61 -15.78 37.15
C ILE B 448 -38.88 -16.50 36.04
N ASP B 449 -38.22 -17.62 36.37
CA ASP B 449 -37.55 -18.41 35.34
C ASP B 449 -38.53 -18.92 34.29
N ARG B 450 -39.70 -19.41 34.73
CA ARG B 450 -40.68 -19.93 33.79
C ARG B 450 -41.21 -18.84 32.88
N TRP B 451 -41.51 -17.66 33.44
CA TRP B 451 -41.95 -16.54 32.62
C TRP B 451 -40.87 -16.13 31.63
N SER B 452 -39.62 -16.12 32.08
CA SER B 452 -38.51 -15.77 31.18
C SER B 452 -38.42 -16.76 30.04
N ARG B 453 -38.61 -18.05 30.33
CA ARG B 453 -38.50 -19.08 29.30
C ARG B 453 -39.56 -18.89 28.22
N ILE B 454 -40.78 -18.58 28.61
CA ILE B 454 -41.84 -18.40 27.61
C ILE B 454 -41.58 -17.11 26.81
N VAL B 455 -41.18 -16.04 27.49
CA VAL B 455 -41.11 -14.73 26.86
C VAL B 455 -39.93 -14.63 25.90
N PHE B 456 -38.75 -15.08 26.31
CA PHE B 456 -37.54 -14.81 25.52
C PHE B 456 -37.59 -15.40 24.12
N PRO B 457 -37.80 -16.71 23.93
CA PRO B 457 -37.92 -17.23 22.57
C PRO B 457 -39.05 -16.60 21.77
N PHE B 458 -40.17 -16.28 22.42
CA PHE B 458 -41.27 -15.62 21.73
C PHE B 458 -40.87 -14.21 21.30
N THR B 459 -40.26 -13.45 22.19
CA THR B 459 -39.85 -12.09 21.85
C THR B 459 -38.80 -12.09 20.75
N PHE B 460 -37.81 -13.00 20.85
CA PHE B 460 -36.79 -13.07 19.81
C PHE B 460 -37.37 -13.50 18.48
N SER B 461 -38.31 -14.45 18.50
CA SER B 461 -39.00 -14.83 17.27
C SER B 461 -39.81 -13.65 16.72
N LEU B 462 -40.47 -12.91 17.60
CA LEU B 462 -41.19 -11.71 17.16
C LEU B 462 -40.23 -10.67 16.61
N PHE B 463 -39.07 -10.50 17.25
CA PHE B 463 -38.06 -9.58 16.74
C PHE B 463 -37.58 -10.00 15.36
N ASN B 464 -37.34 -11.30 15.18
CA ASN B 464 -36.92 -11.80 13.86
C ASN B 464 -38.01 -11.57 12.82
N LEU B 465 -39.26 -11.87 13.18
CA LEU B 465 -40.35 -11.75 12.21
C LEU B 465 -40.53 -10.31 11.76
N VAL B 466 -40.51 -9.37 12.70
CA VAL B 466 -40.62 -7.95 12.36
C VAL B 466 -39.43 -7.51 11.52
N TYR B 467 -38.22 -7.96 11.91
CA TYR B 467 -37.02 -7.55 11.20
C TYR B 467 -37.02 -8.05 9.76
N TRP B 468 -37.35 -9.32 9.56
CA TRP B 468 -37.30 -9.89 8.21
C TRP B 468 -38.37 -9.29 7.31
N LEU B 469 -39.58 -9.10 7.83
CA LEU B 469 -40.64 -8.50 7.02
C LEU B 469 -40.29 -7.08 6.62
N TYR B 470 -39.65 -6.33 7.53
CA TYR B 470 -39.31 -4.94 7.24
C TYR B 470 -38.32 -4.83 6.09
N TYR B 471 -37.33 -5.74 6.04
CA TYR B 471 -36.26 -5.66 5.06
C TYR B 471 -36.44 -6.61 3.88
N VAL B 472 -37.56 -7.33 3.81
CA VAL B 472 -37.83 -8.18 2.65
C VAL B 472 -39.13 -7.75 1.98
N VAL C 58 25.55 0.41 -44.27
CA VAL C 58 24.51 -0.03 -43.36
C VAL C 58 23.51 1.09 -43.11
N THR C 59 24.03 2.30 -42.90
CA THR C 59 23.16 3.45 -42.69
C THR C 59 22.32 3.73 -43.93
N VAL C 60 22.92 3.59 -45.12
CA VAL C 60 22.17 3.79 -46.35
C VAL C 60 21.04 2.78 -46.47
N ILE C 61 21.29 1.54 -46.04
CA ILE C 61 20.26 0.50 -46.11
C ILE C 61 19.07 0.87 -45.24
N LEU C 62 19.34 1.35 -44.02
CA LEU C 62 18.24 1.73 -43.11
C LEU C 62 17.43 2.88 -43.67
N ASN C 63 18.10 3.87 -44.26
CA ASN C 63 17.40 5.02 -44.83
C ASN C 63 16.49 4.60 -45.98
N ASN C 64 16.97 3.69 -46.83
CA ASN C 64 16.17 3.23 -47.97
C ASN C 64 14.92 2.49 -47.50
N LEU C 65 15.05 1.68 -46.45
CA LEU C 65 13.91 0.91 -45.97
C LEU C 65 12.80 1.82 -45.47
N LEU C 66 13.15 2.87 -44.72
CA LEU C 66 12.15 3.77 -44.17
C LEU C 66 11.66 4.79 -45.20
N GLU C 67 12.39 4.99 -46.29
CA GLU C 67 12.00 5.98 -47.29
C GLU C 67 10.94 5.38 -48.21
N GLY C 68 9.82 6.08 -48.35
CA GLY C 68 8.71 5.56 -49.12
C GLY C 68 7.92 4.48 -48.43
N TYR C 69 8.03 4.37 -47.11
CA TYR C 69 7.34 3.34 -46.34
C TYR C 69 6.18 3.97 -45.59
N ASP C 70 5.01 3.35 -45.69
CA ASP C 70 3.79 3.80 -45.01
C ASP C 70 3.48 2.84 -43.88
N ASN C 71 3.70 3.28 -42.64
CA ASN C 71 3.44 2.44 -41.48
C ASN C 71 1.96 2.30 -41.16
N LYS C 72 1.10 3.15 -41.73
CA LYS C 72 -0.32 3.05 -41.46
C LYS C 72 -0.97 1.84 -42.14
N LEU C 73 -0.28 1.24 -43.11
CA LEU C 73 -0.82 0.13 -43.89
C LEU C 73 -0.08 -1.15 -43.56
N ARG C 74 -0.82 -2.20 -43.24
CA ARG C 74 -0.22 -3.49 -42.98
C ARG C 74 0.34 -4.07 -44.28
N PRO C 75 1.36 -4.92 -44.19
CA PRO C 75 1.85 -5.59 -45.40
C PRO C 75 0.77 -6.44 -46.04
N ASP C 76 0.70 -6.40 -47.36
CA ASP C 76 -0.34 -7.06 -48.14
C ASP C 76 -1.72 -6.64 -47.64
N ILE C 77 -1.98 -5.33 -47.75
CA ILE C 77 -3.22 -4.76 -47.22
C ILE C 77 -4.43 -5.35 -47.94
N GLY C 78 -4.37 -5.47 -49.26
CA GLY C 78 -5.48 -6.02 -50.01
C GLY C 78 -5.13 -7.32 -50.72
N VAL C 79 -3.87 -7.75 -50.59
CA VAL C 79 -3.43 -8.96 -51.27
C VAL C 79 -3.99 -10.20 -50.59
N LYS C 80 -3.64 -10.41 -49.32
CA LYS C 80 -4.04 -11.58 -48.58
C LYS C 80 -3.92 -11.27 -47.09
N PRO C 81 -4.61 -12.03 -46.24
CA PRO C 81 -4.45 -11.82 -44.79
C PRO C 81 -3.00 -12.02 -44.36
N THR C 82 -2.58 -11.19 -43.40
CA THR C 82 -1.21 -11.25 -42.90
C THR C 82 -1.10 -12.38 -41.87
N LEU C 83 -0.20 -13.32 -42.13
CA LEU C 83 0.01 -14.45 -41.24
C LEU C 83 1.09 -14.09 -40.23
N ILE C 84 0.75 -14.18 -38.94
CA ILE C 84 1.65 -13.81 -37.86
C ILE C 84 1.92 -15.06 -37.02
N HIS C 85 3.19 -15.39 -36.86
CA HIS C 85 3.61 -16.51 -36.04
C HIS C 85 4.02 -16.00 -34.66
N THR C 86 3.37 -16.51 -33.62
CA THR C 86 3.61 -16.06 -32.26
C THR C 86 4.00 -17.24 -31.38
N ASP C 87 4.95 -17.02 -30.49
CA ASP C 87 5.31 -17.99 -29.47
C ASP C 87 5.68 -17.25 -28.20
N MET C 88 5.47 -17.90 -27.07
CA MET C 88 5.57 -17.27 -25.77
C MET C 88 6.52 -18.03 -24.87
N TYR C 89 7.36 -17.29 -24.14
CA TYR C 89 8.26 -17.86 -23.14
C TYR C 89 7.84 -17.32 -21.78
N VAL C 90 7.23 -18.18 -20.96
CA VAL C 90 6.74 -17.78 -19.64
C VAL C 90 7.97 -17.67 -18.73
N ASN C 91 8.43 -16.44 -18.50
CA ASN C 91 9.56 -16.24 -17.60
C ASN C 91 9.21 -16.67 -16.18
N SER C 92 8.01 -16.32 -15.71
CA SER C 92 7.54 -16.68 -14.39
C SER C 92 6.06 -16.35 -14.29
N ILE C 93 5.36 -17.12 -13.44
CA ILE C 93 3.96 -16.87 -13.15
C ILE C 93 3.87 -16.31 -11.75
N GLY C 94 3.31 -15.11 -11.63
CA GLY C 94 3.23 -14.42 -10.36
C GLY C 94 2.17 -15.01 -9.44
N PRO C 95 1.96 -14.39 -8.29
CA PRO C 95 0.96 -14.88 -7.35
C PRO C 95 -0.44 -14.79 -7.94
N VAL C 96 -1.29 -15.73 -7.55
CA VAL C 96 -2.67 -15.77 -7.99
C VAL C 96 -3.52 -15.07 -6.95
N ASN C 97 -4.11 -13.93 -7.33
CA ASN C 97 -4.93 -13.14 -6.42
C ASN C 97 -6.33 -13.71 -6.44
N ALA C 98 -6.68 -14.51 -5.43
CA ALA C 98 -8.00 -15.10 -5.36
C ALA C 98 -9.08 -14.06 -5.10
N ILE C 99 -8.73 -12.99 -4.37
CA ILE C 99 -9.72 -11.96 -4.07
C ILE C 99 -10.17 -11.26 -5.35
N ASN C 100 -9.21 -10.88 -6.19
CA ASN C 100 -9.52 -10.17 -7.44
C ASN C 100 -9.65 -11.12 -8.62
N MET C 101 -9.47 -12.43 -8.43
CA MET C 101 -9.57 -13.41 -9.49
C MET C 101 -8.64 -13.07 -10.65
N GLU C 102 -7.40 -12.74 -10.32
CA GLU C 102 -6.40 -12.39 -11.30
C GLU C 102 -5.07 -13.04 -10.92
N TYR C 103 -4.20 -13.18 -11.92
CA TYR C 103 -2.88 -13.75 -11.72
C TYR C 103 -1.86 -12.97 -12.55
N THR C 104 -0.66 -12.83 -12.01
CA THR C 104 0.42 -12.13 -12.71
C THR C 104 1.26 -13.13 -13.49
N ILE C 105 1.63 -12.75 -14.71
CA ILE C 105 2.46 -13.58 -15.57
C ILE C 105 3.49 -12.69 -16.26
N ASP C 106 4.73 -13.15 -16.30
CA ASP C 106 5.83 -12.44 -16.95
C ASP C 106 6.31 -13.28 -18.12
N ILE C 107 6.26 -12.70 -19.33
CA ILE C 107 6.55 -13.44 -20.56
C ILE C 107 7.42 -12.61 -21.48
N PHE C 108 8.06 -13.29 -22.42
CA PHE C 108 8.79 -12.67 -23.52
C PHE C 108 7.98 -12.94 -24.78
N PHE C 109 7.06 -12.02 -25.10
CA PHE C 109 6.14 -12.20 -26.20
C PHE C 109 6.84 -11.88 -27.51
N ALA C 110 6.92 -12.87 -28.40
CA ALA C 110 7.61 -12.75 -29.68
C ALA C 110 6.63 -12.96 -30.82
N GLN C 111 6.69 -12.08 -31.82
CA GLN C 111 5.82 -12.17 -32.98
C GLN C 111 6.68 -12.15 -34.25
N THR C 112 6.23 -12.90 -35.26
CA THR C 112 6.95 -13.00 -36.52
C THR C 112 5.97 -12.84 -37.67
N TRP C 113 6.29 -11.97 -38.62
CA TRP C 113 5.46 -11.76 -39.79
C TRP C 113 6.33 -11.29 -40.94
N TYR C 114 5.79 -11.36 -42.15
CA TYR C 114 6.50 -11.01 -43.37
C TYR C 114 6.03 -9.66 -43.89
N ASP C 115 6.98 -8.78 -44.19
CA ASP C 115 6.69 -7.48 -44.79
C ASP C 115 7.68 -7.29 -45.95
N ARG C 116 7.18 -7.42 -47.18
CA ARG C 116 8.04 -7.35 -48.34
C ARG C 116 8.65 -5.97 -48.55
N ARG C 117 8.05 -4.94 -47.95
CA ARG C 117 8.57 -3.58 -48.11
C ARG C 117 9.94 -3.40 -47.46
N LEU C 118 10.32 -4.29 -46.55
CA LEU C 118 11.57 -4.16 -45.81
C LEU C 118 12.69 -5.03 -46.38
N LYS C 119 12.49 -5.61 -47.56
CA LYS C 119 13.53 -6.41 -48.18
C LYS C 119 14.73 -5.54 -48.57
N PHE C 120 15.92 -6.05 -48.30
CA PHE C 120 17.16 -5.36 -48.67
C PHE C 120 18.17 -6.39 -49.12
N ASN C 121 18.92 -6.06 -50.18
CA ASN C 121 19.96 -6.94 -50.72
C ASN C 121 21.31 -6.45 -50.21
N SER C 122 21.94 -7.24 -49.34
CA SER C 122 23.23 -6.88 -48.78
C SER C 122 23.91 -8.14 -48.27
N THR C 123 25.21 -8.03 -48.03
CA THR C 123 25.95 -9.15 -47.45
C THR C 123 25.43 -9.47 -46.06
N ILE C 124 25.09 -8.45 -45.27
CA ILE C 124 24.50 -8.67 -43.96
C ILE C 124 23.06 -9.14 -44.15
N LYS C 125 22.74 -10.30 -43.60
CA LYS C 125 21.43 -10.92 -43.76
C LYS C 125 20.50 -10.66 -42.58
N VAL C 126 20.92 -9.84 -41.62
CA VAL C 126 20.10 -9.55 -40.45
C VAL C 126 20.44 -8.15 -39.97
N LEU C 127 19.44 -7.44 -39.44
CA LEU C 127 19.62 -6.08 -38.93
C LEU C 127 18.95 -5.98 -37.56
N ARG C 128 19.76 -6.10 -36.51
CA ARG C 128 19.27 -5.91 -35.15
C ARG C 128 19.21 -4.41 -34.87
N LEU C 129 18.00 -3.90 -34.72
CA LEU C 129 17.76 -2.46 -34.66
C LEU C 129 17.32 -2.03 -33.27
N ASN C 130 17.28 -0.71 -33.08
CA ASN C 130 16.92 -0.13 -31.79
C ASN C 130 15.41 -0.19 -31.57
N SER C 131 15.01 0.04 -30.32
CA SER C 131 13.59 0.08 -29.99
C SER C 131 12.90 1.29 -30.62
N ASN C 132 13.65 2.38 -30.83
CA ASN C 132 13.08 3.55 -31.50
C ASN C 132 12.70 3.25 -32.94
N MET C 133 13.39 2.28 -33.56
CA MET C 133 13.07 1.88 -34.92
C MET C 133 11.69 1.22 -35.02
N VAL C 134 11.14 0.73 -33.91
CA VAL C 134 9.86 0.03 -33.94
C VAL C 134 8.75 0.97 -34.39
N GLY C 135 8.73 2.20 -33.88
CA GLY C 135 7.69 3.14 -34.24
C GLY C 135 7.71 3.56 -35.70
N LYS C 136 8.83 3.34 -36.39
CA LYS C 136 8.92 3.73 -37.80
C LYS C 136 8.17 2.79 -38.72
N ILE C 137 8.13 1.50 -38.39
CA ILE C 137 7.55 0.49 -39.25
C ILE C 137 6.21 0.04 -38.67
N TRP C 138 5.47 -0.74 -39.47
CA TRP C 138 4.18 -1.24 -39.05
C TRP C 138 4.34 -2.37 -38.02
N ILE C 139 3.52 -2.32 -36.98
CA ILE C 139 3.54 -3.33 -35.92
C ILE C 139 2.13 -3.83 -35.70
N PRO C 140 1.92 -5.15 -35.62
CA PRO C 140 0.56 -5.66 -35.37
C PRO C 140 0.03 -5.19 -34.03
N ASP C 141 -1.28 -4.95 -33.98
CA ASP C 141 -1.94 -4.43 -32.79
C ASP C 141 -2.46 -5.57 -31.91
N THR C 142 -1.53 -6.43 -31.50
CA THR C 142 -1.89 -7.55 -30.64
C THR C 142 -2.16 -7.07 -29.23
N PHE C 143 -3.29 -7.48 -28.67
CA PHE C 143 -3.67 -7.13 -27.32
C PHE C 143 -4.22 -8.36 -26.62
N PHE C 144 -4.17 -8.35 -25.30
CA PHE C 144 -4.63 -9.46 -24.49
C PHE C 144 -6.04 -9.18 -24.00
N ARG C 145 -6.98 -10.07 -24.32
CA ARG C 145 -8.39 -9.81 -24.08
C ARG C 145 -8.72 -9.82 -22.60
N ASN C 146 -8.14 -10.75 -21.85
CA ASN C 146 -8.45 -10.91 -20.43
C ASN C 146 -7.44 -10.21 -19.53
N SER C 147 -6.72 -9.20 -20.05
CA SER C 147 -5.71 -8.50 -19.29
C SER C 147 -6.34 -7.33 -18.56
N LYS C 148 -6.36 -7.38 -17.23
CA LYS C 148 -6.82 -6.24 -16.45
C LYS C 148 -5.81 -5.10 -16.48
N LYS C 149 -4.53 -5.43 -16.34
CA LYS C 149 -3.46 -4.43 -16.40
C LYS C 149 -2.19 -5.11 -16.88
N ALA C 150 -1.59 -4.56 -17.92
CA ALA C 150 -0.34 -5.07 -18.46
C ALA C 150 0.63 -3.91 -18.68
N ASP C 151 1.92 -4.20 -18.51
CA ASP C 151 2.96 -3.18 -18.63
C ASP C 151 4.13 -3.74 -19.40
N ALA C 152 4.85 -2.84 -20.07
CA ALA C 152 6.11 -3.15 -20.74
C ALA C 152 7.23 -2.40 -20.04
N HIS C 153 8.26 -3.12 -19.60
CA HIS C 153 9.32 -2.52 -18.83
C HIS C 153 10.17 -1.60 -19.70
N TRP C 154 10.57 -0.46 -19.12
CA TRP C 154 11.37 0.53 -19.84
C TRP C 154 12.71 0.78 -19.16
N ILE C 155 13.16 -0.12 -18.30
CA ILE C 155 14.38 0.04 -17.52
C ILE C 155 15.39 -1.00 -17.98
N THR C 156 16.59 -0.56 -18.36
CA THR C 156 16.93 0.86 -18.38
C THR C 156 16.53 1.50 -19.71
N THR C 157 16.20 0.65 -20.67
CA THR C 157 15.78 1.04 -22.00
C THR C 157 14.51 0.27 -22.32
N PRO C 158 13.70 0.76 -23.29
CA PRO C 158 12.54 -0.02 -23.73
C PRO C 158 12.89 -1.45 -24.08
N ASN C 159 12.38 -2.41 -23.30
CA ASN C 159 12.73 -3.82 -23.47
C ASN C 159 11.98 -4.40 -24.66
N ARG C 160 12.41 -3.97 -25.85
CA ARG C 160 11.84 -4.43 -27.10
C ARG C 160 12.97 -4.77 -28.07
N MET C 161 12.72 -5.77 -28.91
CA MET C 161 13.67 -6.24 -29.90
C MET C 161 13.05 -6.14 -31.28
N LEU C 162 13.83 -5.65 -32.25
CA LEU C 162 13.37 -5.51 -33.63
C LEU C 162 14.50 -5.98 -34.55
N ARG C 163 14.34 -7.17 -35.11
CA ARG C 163 15.32 -7.75 -36.02
C ARG C 163 14.68 -7.93 -37.38
N ILE C 164 15.35 -7.45 -38.42
CA ILE C 164 14.87 -7.54 -39.79
C ILE C 164 15.90 -8.27 -40.63
N TRP C 165 15.47 -9.29 -41.36
CA TRP C 165 16.32 -10.04 -42.25
C TRP C 165 16.18 -9.54 -43.68
N ASN C 166 17.15 -9.92 -44.52
CA ASN C 166 17.05 -9.61 -45.95
C ASN C 166 15.86 -10.29 -46.58
N ASP C 167 15.39 -11.39 -46.00
CA ASP C 167 14.20 -12.08 -46.51
C ASP C 167 12.94 -11.22 -46.36
N GLY C 168 12.98 -10.19 -45.52
CA GLY C 168 11.80 -9.43 -45.19
C GLY C 168 11.05 -9.91 -43.97
N ARG C 169 11.47 -11.04 -43.40
CA ARG C 169 10.86 -11.52 -42.16
C ARG C 169 11.22 -10.58 -41.02
N VAL C 170 10.22 -10.25 -40.19
CA VAL C 170 10.39 -9.33 -39.09
C VAL C 170 10.13 -10.07 -37.78
N LEU C 171 11.08 -9.99 -36.86
CA LEU C 171 10.95 -10.56 -35.53
C LEU C 171 10.83 -9.43 -34.52
N TYR C 172 9.73 -9.42 -33.78
CA TYR C 172 9.46 -8.37 -32.79
C TYR C 172 9.15 -9.04 -31.46
N THR C 173 10.05 -8.89 -30.50
CA THR C 173 9.92 -9.49 -29.18
C THR C 173 9.94 -8.40 -28.13
N LEU C 174 8.97 -8.42 -27.23
CA LEU C 174 8.87 -7.44 -26.16
C LEU C 174 8.54 -8.14 -24.85
N ARG C 175 9.15 -7.68 -23.77
CA ARG C 175 8.90 -8.24 -22.45
C ARG C 175 7.67 -7.60 -21.84
N LEU C 176 6.76 -8.43 -21.34
CA LEU C 176 5.49 -7.95 -20.81
C LEU C 176 5.19 -8.59 -19.47
N THR C 177 4.65 -7.80 -18.55
CA THR C 177 4.09 -8.27 -17.30
C THR C 177 2.58 -8.05 -17.34
N ILE C 178 1.82 -9.13 -17.21
CA ILE C 178 0.38 -9.11 -17.45
C ILE C 178 -0.34 -9.59 -16.21
N ASP C 179 -1.34 -8.83 -15.78
CA ASP C 179 -2.26 -9.25 -14.72
C ASP C 179 -3.56 -9.68 -15.39
N ALA C 180 -3.56 -10.93 -15.86
CA ALA C 180 -4.71 -11.44 -16.60
C ALA C 180 -5.86 -11.76 -15.64
N GLU C 181 -7.06 -11.76 -16.20
CA GLU C 181 -8.27 -12.06 -15.45
C GLU C 181 -8.53 -13.57 -15.50
N CYS C 182 -8.79 -14.16 -14.33
CA CYS C 182 -9.03 -15.60 -14.23
C CYS C 182 -10.19 -15.82 -13.28
N GLN C 183 -11.38 -16.02 -13.83
CA GLN C 183 -12.56 -16.29 -13.01
C GLN C 183 -12.40 -17.61 -12.28
N LEU C 184 -12.45 -17.55 -10.95
CA LEU C 184 -12.21 -18.72 -10.10
C LEU C 184 -13.54 -19.23 -9.57
N GLN C 185 -13.82 -20.50 -9.81
CA GLN C 185 -14.97 -21.19 -9.22
C GLN C 185 -14.52 -21.77 -7.89
N LEU C 186 -14.80 -21.06 -6.80
CA LEU C 186 -14.27 -21.41 -5.49
C LEU C 186 -15.06 -22.50 -4.79
N HIS C 187 -15.87 -23.26 -5.52
CA HIS C 187 -16.46 -24.46 -4.95
C HIS C 187 -15.36 -25.48 -4.64
N ASN C 188 -15.60 -26.30 -3.62
CA ASN C 188 -14.66 -27.32 -3.17
C ASN C 188 -13.36 -26.72 -2.65
N PHE C 189 -13.38 -25.45 -2.25
CA PHE C 189 -12.21 -24.83 -1.65
C PHE C 189 -11.88 -25.51 -0.32
N PRO C 190 -10.59 -25.75 -0.03
CA PRO C 190 -9.40 -25.41 -0.80
C PRO C 190 -8.94 -26.48 -1.77
N MET C 191 -9.74 -27.52 -1.95
CA MET C 191 -9.43 -28.59 -2.89
C MET C 191 -9.80 -28.23 -4.33
N ASP C 192 -10.03 -26.95 -4.61
CA ASP C 192 -10.43 -26.53 -5.94
C ASP C 192 -9.27 -26.61 -6.92
N GLU C 193 -9.61 -26.78 -8.19
CA GLU C 193 -8.63 -26.82 -9.28
C GLU C 193 -9.08 -25.83 -10.34
N HIS C 194 -8.15 -24.98 -10.79
CA HIS C 194 -8.49 -23.88 -11.69
C HIS C 194 -7.63 -23.95 -12.94
N SER C 195 -8.19 -23.45 -14.04
CA SER C 195 -7.50 -23.34 -15.32
C SER C 195 -7.57 -21.90 -15.77
N CYS C 196 -6.49 -21.15 -15.53
CA CYS C 196 -6.45 -19.73 -15.85
C CYS C 196 -6.06 -19.53 -17.30
N PRO C 197 -6.88 -18.88 -18.11
CA PRO C 197 -6.55 -18.69 -19.53
C PRO C 197 -5.71 -17.43 -19.76
N LEU C 198 -5.22 -17.31 -20.99
CA LEU C 198 -4.49 -16.12 -21.42
C LEU C 198 -4.79 -15.95 -22.91
N GLU C 199 -5.67 -15.02 -23.24
CA GLU C 199 -6.17 -14.84 -24.59
C GLU C 199 -5.63 -13.54 -25.18
N PHE C 200 -5.12 -13.61 -26.41
CA PHE C 200 -4.66 -12.44 -27.13
C PHE C 200 -5.09 -12.53 -28.58
N SER C 201 -5.29 -11.37 -29.20
CA SER C 201 -5.74 -11.30 -30.58
C SER C 201 -5.49 -9.90 -31.11
N SER C 202 -5.68 -9.74 -32.42
CA SER C 202 -5.59 -8.41 -33.03
C SER C 202 -6.80 -7.58 -32.65
N TYR C 203 -6.56 -6.33 -32.25
CA TYR C 203 -7.66 -5.50 -31.78
C TYR C 203 -8.55 -5.01 -32.92
N GLY C 204 -7.95 -4.58 -34.02
CA GLY C 204 -8.72 -3.94 -35.07
C GLY C 204 -8.79 -4.71 -36.36
N TYR C 205 -7.83 -5.60 -36.60
CA TYR C 205 -7.78 -6.35 -37.85
C TYR C 205 -8.52 -7.67 -37.69
N PRO C 206 -9.59 -7.91 -38.44
CA PRO C 206 -10.33 -9.18 -38.31
C PRO C 206 -9.57 -10.36 -38.89
N ARG C 207 -10.21 -11.53 -38.91
CA ARG C 207 -9.58 -12.72 -39.45
C ARG C 207 -9.29 -12.59 -40.94
N GLU C 208 -10.02 -11.73 -41.65
CA GLU C 208 -9.79 -11.53 -43.07
C GLU C 208 -8.56 -10.69 -43.36
N GLU C 209 -7.94 -10.10 -42.35
CA GLU C 209 -6.77 -9.25 -42.53
C GLU C 209 -5.55 -9.73 -41.76
N ILE C 210 -5.72 -10.23 -40.54
CA ILE C 210 -4.62 -10.74 -39.73
C ILE C 210 -5.01 -12.09 -39.17
N VAL C 211 -4.15 -13.08 -39.35
CA VAL C 211 -4.36 -14.43 -38.83
C VAL C 211 -3.15 -14.81 -37.98
N TYR C 212 -3.40 -15.23 -36.75
CA TYR C 212 -2.35 -15.69 -35.85
C TYR C 212 -2.16 -17.20 -35.99
N GLN C 213 -0.98 -17.67 -35.58
CA GLN C 213 -0.65 -19.07 -35.69
C GLN C 213 0.51 -19.39 -34.74
N TRP C 214 0.34 -20.43 -33.93
CA TRP C 214 1.40 -20.85 -33.04
C TRP C 214 2.57 -21.45 -33.81
N LYS C 215 3.77 -21.25 -33.29
CA LYS C 215 4.97 -21.82 -33.88
C LYS C 215 5.17 -23.23 -33.33
N ARG C 216 6.24 -23.89 -33.80
CA ARG C 216 6.51 -25.26 -33.38
C ARG C 216 6.87 -25.37 -31.90
N SER C 217 7.35 -24.28 -31.30
CA SER C 217 7.56 -24.19 -29.86
C SER C 217 6.70 -23.04 -29.37
N SER C 218 5.42 -23.33 -29.08
CA SER C 218 4.46 -22.27 -28.83
C SER C 218 4.68 -21.64 -27.46
N VAL C 219 4.52 -22.43 -26.40
CA VAL C 219 4.64 -21.94 -25.03
C VAL C 219 5.83 -22.64 -24.39
N GLU C 220 6.82 -21.86 -23.97
CA GLU C 220 8.03 -22.39 -23.34
C GLU C 220 8.04 -21.94 -21.89
N VAL C 221 8.15 -22.91 -20.98
CA VAL C 221 8.12 -22.64 -19.55
C VAL C 221 9.53 -22.77 -18.99
N GLY C 222 9.72 -22.18 -17.82
CA GLY C 222 10.99 -22.23 -17.13
C GLY C 222 11.11 -23.47 -16.25
N ASP C 223 11.96 -23.36 -15.24
CA ASP C 223 12.15 -24.46 -14.30
C ASP C 223 10.92 -24.73 -13.46
N THR C 224 9.98 -23.78 -13.38
CA THR C 224 8.76 -23.81 -12.59
C THR C 224 9.02 -23.80 -11.10
N ARG C 225 10.29 -23.82 -10.68
CA ARG C 225 10.63 -23.65 -9.28
C ARG C 225 10.87 -22.19 -8.92
N SER C 226 11.39 -21.40 -9.86
CA SER C 226 11.54 -19.98 -9.68
C SER C 226 10.23 -19.22 -9.85
N TRP C 227 9.16 -19.91 -10.25
CA TRP C 227 7.86 -19.27 -10.41
C TRP C 227 7.31 -18.83 -9.06
N ARG C 228 6.57 -17.72 -9.08
CA ARG C 228 6.06 -17.08 -7.87
C ARG C 228 4.80 -17.75 -7.33
N LEU C 229 4.49 -18.97 -7.77
CA LEU C 229 3.31 -19.69 -7.30
C LEU C 229 3.64 -20.34 -5.96
N TYR C 230 3.19 -19.72 -4.86
CA TYR C 230 3.40 -20.28 -3.53
C TYR C 230 2.15 -20.93 -2.97
N GLN C 231 0.98 -20.66 -3.53
CA GLN C 231 -0.26 -21.31 -3.13
C GLN C 231 -0.62 -22.50 -4.01
N PHE C 232 -0.60 -22.30 -5.32
CA PHE C 232 -0.97 -23.33 -6.28
C PHE C 232 0.27 -24.05 -6.81
N SER C 233 0.01 -25.11 -7.56
CA SER C 233 1.07 -25.87 -8.21
C SER C 233 0.75 -26.03 -9.68
N PHE C 234 1.69 -25.64 -10.54
CA PHE C 234 1.48 -25.74 -11.98
C PHE C 234 1.48 -27.21 -12.39
N VAL C 235 0.39 -27.65 -13.02
CA VAL C 235 0.24 -29.05 -13.38
C VAL C 235 -0.03 -29.26 -14.86
N GLY C 236 -0.58 -28.29 -15.58
CA GLY C 236 -0.93 -28.51 -16.97
C GLY C 236 -0.76 -27.25 -17.80
N LEU C 237 -0.68 -27.45 -19.11
CA LEU C 237 -0.49 -26.36 -20.06
C LEU C 237 -1.06 -26.79 -21.40
N ARG C 238 -1.83 -25.91 -22.03
CA ARG C 238 -2.40 -26.21 -23.33
C ARG C 238 -2.63 -24.91 -24.09
N ASN C 239 -2.51 -25.00 -25.42
CA ASN C 239 -2.69 -23.86 -26.30
C ASN C 239 -3.84 -24.15 -27.27
N THR C 240 -4.64 -23.14 -27.55
CA THR C 240 -5.84 -23.29 -28.37
C THR C 240 -5.95 -22.14 -29.35
N THR C 241 -6.55 -22.41 -30.51
CA THR C 241 -6.83 -21.41 -31.52
C THR C 241 -8.32 -21.46 -31.85
N GLU C 242 -8.96 -20.30 -31.86
CA GLU C 242 -10.39 -20.22 -32.10
C GLU C 242 -10.73 -18.84 -32.65
N VAL C 243 -11.94 -18.73 -33.20
CA VAL C 243 -12.43 -17.49 -33.79
C VAL C 243 -13.64 -17.02 -32.99
N VAL C 244 -13.62 -15.77 -32.57
CA VAL C 244 -14.68 -15.17 -31.76
C VAL C 244 -15.35 -14.08 -32.59
N LYS C 245 -16.67 -14.15 -32.71
CA LYS C 245 -17.43 -13.18 -33.47
C LYS C 245 -17.89 -12.05 -32.56
N THR C 246 -17.58 -10.81 -32.94
CA THR C 246 -17.97 -9.63 -32.20
C THR C 246 -18.74 -8.69 -33.14
N THR C 247 -19.11 -7.52 -32.61
CA THR C 247 -19.83 -6.55 -33.41
C THR C 247 -18.98 -6.03 -34.56
N SER C 248 -17.69 -5.77 -34.30
CA SER C 248 -16.82 -5.28 -35.35
C SER C 248 -16.57 -6.35 -36.41
N GLY C 249 -16.45 -7.61 -36.00
CA GLY C 249 -16.23 -8.68 -36.95
C GLY C 249 -15.78 -9.94 -36.25
N ASP C 250 -15.16 -10.82 -37.03
CA ASP C 250 -14.65 -12.09 -36.52
C ASP C 250 -13.14 -12.00 -36.36
N TYR C 251 -12.64 -12.36 -35.18
CA TYR C 251 -11.23 -12.26 -34.85
C TYR C 251 -10.72 -13.61 -34.38
N VAL C 252 -9.51 -13.97 -34.83
CA VAL C 252 -8.86 -15.19 -34.39
C VAL C 252 -8.23 -14.94 -33.03
N VAL C 253 -8.59 -15.77 -32.05
CA VAL C 253 -8.15 -15.61 -30.67
C VAL C 253 -7.29 -16.81 -30.30
N MET C 254 -6.11 -16.54 -29.77
CA MET C 254 -5.19 -17.57 -29.30
C MET C 254 -5.25 -17.61 -27.78
N SER C 255 -5.49 -18.79 -27.22
CA SER C 255 -5.69 -18.96 -25.79
C SER C 255 -4.68 -19.94 -25.23
N VAL C 256 -4.14 -19.60 -24.06
CA VAL C 256 -3.23 -20.47 -23.32
C VAL C 256 -3.82 -20.70 -21.94
N TYR C 257 -4.11 -21.95 -21.61
CA TYR C 257 -4.73 -22.30 -20.35
C TYR C 257 -3.68 -22.89 -19.41
N PHE C 258 -3.54 -22.30 -18.23
CA PHE C 258 -2.64 -22.79 -17.20
C PHE C 258 -3.47 -23.49 -16.13
N ASP C 259 -3.21 -24.79 -15.94
CA ASP C 259 -3.93 -25.57 -14.95
C ASP C 259 -3.22 -25.43 -13.61
N LEU C 260 -3.96 -24.96 -12.59
CA LEU C 260 -3.40 -24.74 -11.27
C LEU C 260 -4.24 -25.50 -10.24
N SER C 261 -3.57 -26.26 -9.38
CA SER C 261 -4.22 -26.99 -8.31
C SER C 261 -3.75 -26.42 -6.98
N ARG C 262 -4.70 -26.00 -6.14
CA ARG C 262 -4.35 -25.40 -4.87
C ARG C 262 -3.75 -26.45 -3.93
N ARG C 263 -2.73 -26.06 -3.18
CA ARG C 263 -2.08 -26.94 -2.23
C ARG C 263 -2.73 -26.75 -0.86
N MET C 264 -3.22 -27.85 -0.28
CA MET C 264 -4.07 -27.83 0.90
C MET C 264 -3.30 -27.90 2.21
N GLY C 265 -1.96 -27.91 2.16
CA GLY C 265 -1.19 -28.10 3.38
C GLY C 265 -1.43 -27.00 4.41
N TYR C 266 -1.43 -25.75 3.95
CA TYR C 266 -1.59 -24.63 4.89
C TYR C 266 -2.98 -24.61 5.50
N PHE C 267 -4.01 -24.80 4.69
CA PHE C 267 -5.38 -24.72 5.20
C PHE C 267 -5.69 -25.86 6.15
N THR C 268 -5.16 -27.06 5.86
CA THR C 268 -5.41 -28.20 6.73
C THR C 268 -4.88 -27.96 8.14
N ILE C 269 -3.66 -27.42 8.24
CA ILE C 269 -3.07 -27.15 9.54
C ILE C 269 -3.78 -25.99 10.23
N GLN C 270 -4.11 -24.94 9.47
CA GLN C 270 -4.65 -23.73 10.08
C GLN C 270 -6.07 -23.93 10.60
N THR C 271 -6.93 -24.61 9.83
CA THR C 271 -8.35 -24.67 10.14
C THR C 271 -8.83 -26.07 10.52
N TYR C 272 -8.54 -27.07 9.69
CA TYR C 272 -9.15 -28.38 9.88
C TYR C 272 -8.74 -29.01 11.21
N ILE C 273 -7.45 -29.05 11.50
CA ILE C 273 -6.98 -29.66 12.75
C ILE C 273 -7.48 -28.91 13.97
N PRO C 274 -7.35 -27.57 14.07
CA PRO C 274 -7.91 -26.90 15.27
C PRO C 274 -9.41 -27.07 15.41
N CYS C 275 -10.16 -27.02 14.31
CA CYS C 275 -11.60 -27.20 14.39
C CYS C 275 -11.95 -28.61 14.85
N THR C 276 -11.23 -29.62 14.32
CA THR C 276 -11.49 -30.99 14.74
C THR C 276 -11.18 -31.19 16.21
N LEU C 277 -10.06 -30.63 16.69
CA LEU C 277 -9.69 -30.79 18.09
C LEU C 277 -10.70 -30.12 19.02
N ILE C 278 -11.22 -28.97 18.63
CA ILE C 278 -12.22 -28.29 19.46
C ILE C 278 -13.48 -29.15 19.56
N VAL C 279 -13.88 -29.77 18.45
CA VAL C 279 -15.04 -30.67 18.49
C VAL C 279 -14.78 -31.83 19.44
N VAL C 280 -13.56 -32.37 19.40
CA VAL C 280 -13.20 -33.45 20.34
C VAL C 280 -13.26 -32.93 21.77
N LEU C 281 -12.81 -31.69 21.99
CA LEU C 281 -12.89 -31.11 23.34
C LEU C 281 -14.33 -30.98 23.81
N SER C 282 -15.27 -30.77 22.90
CA SER C 282 -16.67 -30.72 23.30
C SER C 282 -17.14 -32.07 23.81
N TRP C 283 -16.66 -33.16 23.20
CA TRP C 283 -17.00 -34.50 23.67
C TRP C 283 -16.44 -34.78 25.06
N VAL C 284 -15.41 -34.04 25.47
CA VAL C 284 -14.84 -34.22 26.80
C VAL C 284 -15.89 -33.98 27.88
N SER C 285 -16.82 -33.04 27.62
CA SER C 285 -17.86 -32.73 28.60
C SER C 285 -18.73 -33.95 28.89
N PHE C 286 -18.84 -34.88 27.93
CA PHE C 286 -19.69 -36.04 28.13
C PHE C 286 -19.15 -36.96 29.23
N TRP C 287 -17.84 -37.02 29.39
CA TRP C 287 -17.26 -37.89 30.42
C TRP C 287 -17.24 -37.25 31.79
N ILE C 288 -17.23 -35.92 31.86
CA ILE C 288 -17.33 -35.23 33.14
C ILE C 288 -18.72 -35.49 33.72
N ASN C 289 -18.78 -35.83 35.00
CA ASN C 289 -20.04 -36.25 35.60
C ASN C 289 -21.04 -35.09 35.62
N LYS C 290 -22.32 -35.45 35.61
CA LYS C 290 -23.39 -34.47 35.47
C LYS C 290 -23.47 -33.50 36.64
N ASP C 291 -22.95 -33.87 37.81
CA ASP C 291 -23.07 -33.01 38.98
C ASP C 291 -22.21 -31.77 38.87
N ALA C 292 -21.11 -31.83 38.12
CA ALA C 292 -20.19 -30.71 37.97
C ALA C 292 -20.78 -29.73 36.95
N VAL C 293 -21.76 -28.96 37.42
CA VAL C 293 -22.47 -28.00 36.57
C VAL C 293 -21.55 -26.88 36.09
N PRO C 294 -20.80 -26.20 36.96
CA PRO C 294 -19.93 -25.12 36.45
C PRO C 294 -18.84 -25.60 35.51
N ALA C 295 -18.47 -26.88 35.56
CA ALA C 295 -17.41 -27.40 34.70
C ALA C 295 -17.92 -27.65 33.28
N ARG C 296 -18.96 -28.46 33.14
CA ARG C 296 -19.46 -28.81 31.82
C ARG C 296 -20.05 -27.60 31.12
N THR C 297 -20.73 -26.73 31.85
CA THR C 297 -21.31 -25.53 31.25
C THR C 297 -20.22 -24.61 30.70
N SER C 298 -19.17 -24.38 31.50
CA SER C 298 -18.08 -23.52 31.04
C SER C 298 -17.34 -24.14 29.86
N LEU C 299 -17.14 -25.47 29.88
CA LEU C 299 -16.46 -26.13 28.78
C LEU C 299 -17.25 -25.99 27.48
N GLY C 300 -18.56 -26.17 27.55
CA GLY C 300 -19.36 -26.09 26.34
C GLY C 300 -19.40 -24.70 25.75
N ILE C 301 -19.58 -23.68 26.59
CA ILE C 301 -19.71 -22.31 26.09
C ILE C 301 -18.38 -21.80 25.55
N THR C 302 -17.28 -22.15 26.22
CA THR C 302 -15.97 -21.67 25.77
C THR C 302 -15.56 -22.33 24.46
N THR C 303 -15.90 -23.59 24.25
CA THR C 303 -15.62 -24.24 22.98
C THR C 303 -16.37 -23.56 21.84
N VAL C 304 -17.61 -23.14 22.11
CA VAL C 304 -18.36 -22.37 21.11
C VAL C 304 -17.65 -21.06 20.82
N LEU C 305 -17.16 -20.39 21.86
CA LEU C 305 -16.40 -19.16 21.66
C LEU C 305 -15.12 -19.44 20.88
N THR C 306 -14.46 -20.56 21.15
CA THR C 306 -13.25 -20.92 20.41
C THR C 306 -13.57 -21.17 18.95
N MET C 307 -14.67 -21.86 18.65
CA MET C 307 -15.04 -22.09 17.26
C MET C 307 -15.37 -20.79 16.56
N THR C 308 -15.97 -19.83 17.28
CA THR C 308 -16.24 -18.52 16.70
C THR C 308 -14.95 -17.82 16.29
N THR C 309 -13.91 -17.91 17.11
CA THR C 309 -12.63 -17.33 16.75
C THR C 309 -12.04 -18.02 15.51
N LEU C 310 -12.14 -19.34 15.44
CA LEU C 310 -11.60 -20.07 14.30
C LEU C 310 -12.41 -19.82 13.03
N SER C 311 -13.73 -19.63 13.16
CA SER C 311 -14.57 -19.42 11.99
C SER C 311 -14.20 -18.12 11.27
N THR C 312 -13.91 -17.07 12.04
CA THR C 312 -13.57 -15.79 11.42
C THR C 312 -12.29 -15.88 10.61
N ILE C 313 -11.27 -16.56 11.15
CA ILE C 313 -9.98 -16.61 10.48
C ILE C 313 -10.00 -17.54 9.27
N ALA C 314 -11.00 -18.42 9.17
CA ALA C 314 -11.04 -19.37 8.06
C ALA C 314 -11.22 -18.65 6.72
N ARG C 315 -12.24 -17.79 6.64
CA ARG C 315 -12.55 -17.07 5.40
C ARG C 315 -11.91 -15.68 5.39
N LYS C 316 -10.60 -15.62 5.64
CA LYS C 316 -9.87 -14.36 5.66
C LYS C 316 -9.16 -14.05 4.37
N SER C 317 -9.26 -14.91 3.36
CA SER C 317 -8.56 -14.67 2.11
C SER C 317 -9.49 -14.84 0.91
N LEU C 318 -10.54 -15.63 1.08
CA LEU C 318 -11.52 -15.80 0.01
C LEU C 318 -12.31 -14.50 -0.18
N PRO C 319 -12.77 -14.24 -1.41
CA PRO C 319 -13.72 -13.14 -1.60
C PRO C 319 -15.07 -13.45 -0.99
N LYS C 320 -16.05 -12.60 -1.23
CA LYS C 320 -17.36 -12.70 -0.59
C LYS C 320 -18.34 -13.54 -1.39
N VAL C 321 -17.84 -14.56 -2.11
CA VAL C 321 -18.69 -15.42 -2.90
C VAL C 321 -19.82 -16.00 -2.04
N SER C 322 -21.02 -16.05 -2.61
CA SER C 322 -22.20 -16.49 -1.86
C SER C 322 -22.23 -18.00 -1.67
N TYR C 323 -21.79 -18.75 -2.67
CA TYR C 323 -21.89 -20.20 -2.60
C TYR C 323 -21.02 -20.75 -1.48
N VAL C 324 -21.50 -21.81 -0.85
CA VAL C 324 -20.83 -22.39 0.32
C VAL C 324 -19.63 -23.20 -0.17
N THR C 325 -18.43 -22.76 0.18
CA THR C 325 -17.24 -23.52 -0.12
C THR C 325 -17.11 -24.70 0.85
N ALA C 326 -16.26 -25.67 0.46
CA ALA C 326 -16.05 -26.82 1.32
C ALA C 326 -15.43 -26.42 2.65
N MET C 327 -14.60 -25.39 2.66
CA MET C 327 -14.05 -24.89 3.93
C MET C 327 -15.15 -24.33 4.81
N ASP C 328 -16.07 -23.55 4.23
CA ASP C 328 -17.17 -22.99 5.00
C ASP C 328 -18.09 -24.08 5.53
N LEU C 329 -18.36 -25.10 4.72
CA LEU C 329 -19.22 -26.18 5.14
C LEU C 329 -18.63 -26.94 6.34
N PHE C 330 -17.33 -27.22 6.28
CA PHE C 330 -16.70 -27.96 7.37
C PHE C 330 -16.73 -27.17 8.67
N VAL C 331 -16.44 -25.86 8.61
CA VAL C 331 -16.47 -25.04 9.81
C VAL C 331 -17.88 -24.94 10.36
N SER C 332 -18.88 -24.75 9.49
CA SER C 332 -20.26 -24.62 9.94
C SER C 332 -20.74 -25.90 10.63
N VAL C 333 -20.41 -27.06 10.06
CA VAL C 333 -20.81 -28.32 10.68
C VAL C 333 -20.14 -28.49 12.04
N CYS C 334 -18.84 -28.17 12.12
CA CYS C 334 -18.14 -28.24 13.40
C CYS C 334 -18.74 -27.30 14.43
N PHE C 335 -19.22 -26.13 13.98
CA PHE C 335 -19.86 -25.21 14.91
C PHE C 335 -21.15 -25.79 15.48
N ILE C 336 -21.86 -26.61 14.70
CA ILE C 336 -23.09 -27.22 15.19
C ILE C 336 -22.78 -28.26 16.25
N PHE C 337 -21.71 -29.04 16.06
CA PHE C 337 -21.37 -30.09 17.01
C PHE C 337 -21.06 -29.52 18.39
N VAL C 338 -20.25 -28.47 18.45
CA VAL C 338 -19.95 -27.85 19.74
C VAL C 338 -21.19 -27.17 20.30
N PHE C 339 -22.02 -26.59 19.44
CA PHE C 339 -23.29 -26.04 19.89
C PHE C 339 -24.20 -27.12 20.45
N SER C 340 -24.28 -28.26 19.77
CA SER C 340 -25.15 -29.33 20.23
C SER C 340 -24.64 -29.97 21.53
N ALA C 341 -23.33 -29.94 21.75
CA ALA C 341 -22.78 -30.53 22.97
C ALA C 341 -23.28 -29.80 24.20
N LEU C 342 -23.31 -28.47 24.17
CA LEU C 342 -23.80 -27.72 25.31
C LEU C 342 -25.31 -27.87 25.45
N VAL C 343 -26.04 -27.91 24.34
CA VAL C 343 -27.48 -28.13 24.39
C VAL C 343 -27.78 -29.51 24.97
N GLU C 344 -26.95 -30.50 24.63
CA GLU C 344 -27.15 -31.84 25.17
C GLU C 344 -27.05 -31.85 26.69
N TYR C 345 -26.04 -31.15 27.24
CA TYR C 345 -25.90 -31.10 28.69
C TYR C 345 -27.07 -30.36 29.33
N GLY C 346 -27.51 -29.27 28.72
CA GLY C 346 -28.66 -28.54 29.24
C GLY C 346 -29.90 -29.40 29.31
N THR C 347 -30.14 -30.20 28.27
CA THR C 347 -31.24 -31.16 28.31
C THR C 347 -31.00 -32.21 29.40
N LEU C 348 -29.78 -32.72 29.51
CA LEU C 348 -29.47 -33.71 30.53
C LEU C 348 -29.63 -33.14 31.93
N HIS C 349 -29.15 -31.91 32.15
CA HIS C 349 -29.22 -31.31 33.48
C HIS C 349 -30.66 -31.12 33.94
N TYR C 350 -31.53 -30.67 33.03
CA TYR C 350 -32.91 -30.38 33.41
C TYR C 350 -33.65 -31.65 33.83
N PHE C 351 -33.59 -32.69 33.00
CA PHE C 351 -34.32 -33.92 33.30
C PHE C 351 -33.78 -34.61 34.54
N VAL C 352 -32.46 -34.59 34.72
CA VAL C 352 -31.87 -35.19 35.92
C VAL C 352 -32.30 -34.41 37.16
N SER C 353 -32.27 -33.08 37.10
CA SER C 353 -32.70 -32.28 38.24
C SER C 353 -34.19 -32.44 38.52
N ASN C 354 -34.97 -32.75 37.49
CA ASN C 354 -36.41 -32.95 37.66
C ASN C 354 -36.77 -34.43 37.58
N ARG C 437 -32.65 -44.49 28.41
CA ARG C 437 -33.61 -43.40 28.50
C ARG C 437 -32.90 -42.04 28.52
N ILE C 438 -33.61 -41.03 29.00
CA ILE C 438 -33.05 -39.69 29.08
C ILE C 438 -31.93 -39.62 30.12
N ALA C 439 -32.09 -40.35 31.23
CA ALA C 439 -31.09 -40.33 32.28
C ALA C 439 -29.75 -40.84 31.80
N LYS C 440 -29.74 -41.75 30.83
CA LYS C 440 -28.51 -42.27 30.25
C LYS C 440 -28.14 -41.57 28.95
N MET C 441 -28.46 -40.28 28.83
CA MET C 441 -28.13 -39.54 27.62
C MET C 441 -26.61 -39.41 27.46
N ASP C 442 -25.87 -39.38 28.55
CA ASP C 442 -24.41 -39.32 28.46
C ASP C 442 -23.85 -40.53 27.73
N SER C 443 -24.35 -41.72 28.04
CA SER C 443 -23.87 -42.93 27.38
C SER C 443 -24.16 -42.88 25.88
N TYR C 444 -25.36 -42.43 25.50
CA TYR C 444 -25.68 -42.29 24.09
C TYR C 444 -24.85 -41.21 23.43
N ALA C 445 -24.61 -40.10 24.14
CA ALA C 445 -23.82 -39.01 23.59
C ALA C 445 -22.38 -39.43 23.34
N ARG C 446 -21.81 -40.26 24.24
CA ARG C 446 -20.44 -40.71 24.08
C ARG C 446 -20.26 -41.57 22.82
N ILE C 447 -21.34 -42.10 22.28
CA ILE C 447 -21.29 -42.93 21.08
C ILE C 447 -21.80 -42.18 19.86
N PHE C 448 -22.95 -41.51 20.00
CA PHE C 448 -23.57 -40.85 18.85
C PHE C 448 -22.70 -39.72 18.31
N PHE C 449 -22.21 -38.85 19.20
CA PHE C 449 -21.44 -37.70 18.74
C PHE C 449 -20.16 -38.09 18.04
N PRO C 450 -19.29 -38.95 18.59
CA PRO C 450 -18.10 -39.35 17.81
C PRO C 450 -18.44 -40.06 16.51
N THR C 451 -19.49 -40.89 16.52
CA THR C 451 -19.87 -41.62 15.31
C THR C 451 -20.38 -40.66 14.23
N ALA C 452 -21.22 -39.70 14.62
CA ALA C 452 -21.76 -38.76 13.64
C ALA C 452 -20.66 -37.91 13.02
N PHE C 453 -19.72 -37.43 13.83
CA PHE C 453 -18.63 -36.63 13.30
C PHE C 453 -17.71 -37.44 12.41
N CYS C 454 -17.41 -38.68 12.80
CA CYS C 454 -16.61 -39.55 11.95
C CYS C 454 -17.33 -39.85 10.64
N LEU C 455 -18.65 -40.10 10.71
CA LEU C 455 -19.43 -40.32 9.49
C LEU C 455 -19.43 -39.08 8.61
N PHE C 456 -19.56 -37.90 9.22
CA PHE C 456 -19.54 -36.66 8.44
C PHE C 456 -18.19 -36.47 7.76
N ASN C 457 -17.09 -36.73 8.48
CA ASN C 457 -15.76 -36.59 7.89
C ASN C 457 -15.57 -37.56 6.73
N LEU C 458 -16.05 -38.79 6.87
CA LEU C 458 -15.93 -39.77 5.79
C LEU C 458 -16.67 -39.30 4.54
N VAL C 459 -17.89 -38.80 4.72
CA VAL C 459 -18.65 -38.29 3.58
C VAL C 459 -18.00 -37.03 3.03
N TYR C 460 -17.56 -36.13 3.91
CA TYR C 460 -17.01 -34.85 3.47
C TYR C 460 -15.75 -35.04 2.63
N TRP C 461 -14.79 -35.82 3.15
CA TRP C 461 -13.52 -35.96 2.45
C TRP C 461 -13.68 -36.72 1.14
N VAL C 462 -14.51 -37.76 1.12
CA VAL C 462 -14.73 -38.51 -0.12
C VAL C 462 -15.39 -37.63 -1.17
N SER C 463 -16.37 -36.83 -0.76
CA SER C 463 -17.11 -36.02 -1.72
C SER C 463 -16.27 -34.93 -2.36
N TYR C 464 -15.17 -34.52 -1.73
CA TYR C 464 -14.36 -33.43 -2.25
C TYR C 464 -12.99 -33.85 -2.76
N LEU C 465 -12.46 -34.98 -2.31
CA LEU C 465 -11.18 -35.48 -2.82
C LEU C 465 -11.34 -36.30 -4.09
N TYR C 466 -12.52 -36.87 -4.34
CA TYR C 466 -12.76 -37.70 -5.51
C TYR C 466 -13.61 -37.01 -6.57
N LEU C 467 -14.71 -36.40 -6.17
CA LEU C 467 -15.60 -35.72 -7.11
C LEU C 467 -14.96 -34.42 -7.61
N GLY D 32 37.08 26.64 -22.35
CA GLY D 32 36.88 28.07 -22.20
C GLY D 32 35.92 28.64 -23.22
N ASN D 33 36.25 28.45 -24.50
CA ASN D 33 35.40 28.94 -25.59
C ASN D 33 34.17 28.05 -25.67
N MET D 34 33.03 28.56 -25.17
CA MET D 34 31.80 27.77 -25.19
C MET D 34 31.35 27.47 -26.61
N SER D 35 31.50 28.44 -27.52
CA SER D 35 31.15 28.20 -28.92
C SER D 35 32.00 27.10 -29.53
N PHE D 36 33.30 27.09 -29.22
CA PHE D 36 34.18 26.04 -29.72
C PHE D 36 33.76 24.68 -29.19
N VAL D 37 33.42 24.60 -27.91
CA VAL D 37 32.90 23.34 -27.35
C VAL D 37 31.58 22.97 -27.99
N LYS D 38 30.71 23.96 -28.22
CA LYS D 38 29.43 23.70 -28.85
C LYS D 38 29.61 23.14 -30.26
N GLU D 39 30.56 23.71 -31.02
CA GLU D 39 30.83 23.20 -32.37
C GLU D 39 31.34 21.77 -32.31
N THR D 40 32.20 21.45 -31.33
CA THR D 40 32.72 20.10 -31.20
C THR D 40 31.60 19.10 -30.92
N VAL D 41 30.68 19.45 -30.02
CA VAL D 41 29.58 18.56 -29.69
C VAL D 41 28.67 18.37 -30.90
N ASP D 42 28.37 19.46 -31.62
CA ASP D 42 27.54 19.36 -32.81
C ASP D 42 28.20 18.49 -33.87
N LYS D 43 29.53 18.59 -34.00
CA LYS D 43 30.24 17.74 -34.94
C LYS D 43 30.11 16.27 -34.59
N LEU D 44 30.19 15.94 -33.29
CA LEU D 44 30.03 14.55 -32.87
C LEU D 44 28.64 14.03 -33.18
N LEU D 45 27.61 14.85 -32.95
CA LEU D 45 26.24 14.43 -33.18
C LEU D 45 25.83 14.45 -34.64
N LYS D 46 26.58 15.14 -35.49
CA LYS D 46 26.22 15.23 -36.90
C LYS D 46 26.47 13.91 -37.60
N GLY D 47 25.44 13.37 -38.24
CA GLY D 47 25.53 12.08 -38.90
C GLY D 47 25.55 10.89 -37.97
N TYR D 48 25.45 11.12 -36.66
CA TYR D 48 25.48 10.02 -35.70
C TYR D 48 24.20 9.20 -35.81
N ASP D 49 24.35 7.88 -35.84
CA ASP D 49 23.22 6.96 -35.97
C ASP D 49 23.03 6.24 -34.63
N ILE D 50 21.97 6.58 -33.91
CA ILE D 50 21.67 5.93 -32.64
C ILE D 50 21.30 4.47 -32.86
N ARG D 51 20.76 4.13 -34.02
CA ARG D 51 20.28 2.78 -34.29
C ARG D 51 21.42 1.76 -34.39
N LEU D 52 22.65 2.21 -34.60
CA LEU D 52 23.78 1.31 -34.81
C LEU D 52 24.71 1.36 -33.61
N ARG D 53 25.09 0.18 -33.12
CA ARG D 53 25.98 0.08 -31.97
C ARG D 53 27.41 0.43 -32.36
N PRO D 54 28.25 0.79 -31.40
CA PRO D 54 29.66 0.99 -31.69
C PRO D 54 30.30 -0.28 -32.21
N ASP D 55 31.25 -0.12 -33.13
CA ASP D 55 31.92 -1.25 -33.79
C ASP D 55 30.90 -2.19 -34.43
N PHE D 56 29.91 -1.61 -35.09
CA PHE D 56 28.87 -2.40 -35.75
C PHE D 56 29.49 -3.26 -36.84
N GLY D 57 29.13 -4.54 -36.86
CA GLY D 57 29.73 -5.46 -37.81
C GLY D 57 31.14 -5.89 -37.45
N GLY D 58 31.62 -5.56 -36.26
CA GLY D 58 32.95 -5.92 -35.84
C GLY D 58 32.96 -6.64 -34.51
N PRO D 59 34.03 -6.48 -33.74
CA PRO D 59 34.11 -7.12 -32.44
C PRO D 59 33.03 -6.59 -31.51
N PRO D 60 32.53 -7.42 -30.60
CA PRO D 60 31.52 -6.94 -29.66
C PRO D 60 32.08 -5.87 -28.74
N VAL D 61 31.21 -4.92 -28.37
CA VAL D 61 31.61 -3.82 -27.51
C VAL D 61 31.57 -4.27 -26.06
N CYS D 62 32.67 -4.07 -25.35
CA CYS D 62 32.74 -4.43 -23.94
C CYS D 62 32.14 -3.32 -23.09
N VAL D 63 31.18 -3.68 -22.25
CA VAL D 63 30.48 -2.74 -21.38
C VAL D 63 30.81 -3.10 -19.94
N GLY D 64 31.42 -2.15 -19.22
CA GLY D 64 31.73 -2.33 -17.81
C GLY D 64 30.67 -1.68 -16.96
N MET D 65 30.23 -2.40 -15.93
CA MET D 65 29.15 -1.96 -15.07
C MET D 65 29.61 -1.95 -13.62
N ASN D 66 29.30 -0.87 -12.90
CA ASN D 66 29.51 -0.77 -11.47
C ASN D 66 28.24 -0.21 -10.84
N ILE D 67 27.92 -0.70 -9.64
CA ILE D 67 26.68 -0.35 -8.97
C ILE D 67 27.00 0.20 -7.59
N ASP D 68 26.44 1.36 -7.28
CA ASP D 68 26.53 1.95 -5.94
C ASP D 68 25.14 1.87 -5.31
N ILE D 69 25.00 0.98 -4.33
CA ILE D 69 23.71 0.77 -3.70
C ILE D 69 23.37 1.95 -2.80
N ALA D 70 22.16 2.48 -2.95
CA ALA D 70 21.69 3.53 -2.06
C ALA D 70 21.00 2.96 -0.83
N SER D 71 20.05 2.05 -1.02
CA SER D 71 19.34 1.42 0.07
C SER D 71 18.49 0.29 -0.48
N ILE D 72 18.17 -0.66 0.39
CA ILE D 72 17.21 -1.73 0.11
C ILE D 72 15.98 -1.41 0.95
N ASP D 73 14.96 -0.81 0.32
CA ASP D 73 13.84 -0.26 1.06
C ASP D 73 13.02 -1.35 1.74
N MET D 74 12.61 -2.37 0.98
CA MET D 74 11.69 -3.37 1.49
C MET D 74 12.11 -4.76 1.05
N VAL D 75 11.77 -5.76 1.88
CA VAL D 75 11.90 -7.17 1.54
C VAL D 75 10.58 -7.82 1.92
N SER D 76 9.79 -8.20 0.92
CA SER D 76 8.44 -8.68 1.13
C SER D 76 8.41 -10.20 0.97
N GLU D 77 8.01 -10.90 2.03
CA GLU D 77 7.85 -12.35 1.95
C GLU D 77 6.58 -12.74 1.19
N VAL D 78 5.49 -11.98 1.39
CA VAL D 78 4.24 -12.31 0.74
C VAL D 78 4.35 -12.17 -0.77
N ASN D 79 5.00 -11.11 -1.24
CA ASN D 79 5.17 -10.89 -2.67
C ASN D 79 6.46 -11.51 -3.22
N MET D 80 7.33 -12.01 -2.35
CA MET D 80 8.60 -12.63 -2.75
C MET D 80 9.40 -11.72 -3.67
N ASP D 81 9.65 -10.50 -3.17
CA ASP D 81 10.42 -9.52 -3.92
C ASP D 81 11.03 -8.52 -2.95
N TYR D 82 12.00 -7.76 -3.46
CA TYR D 82 12.66 -6.73 -2.69
C TYR D 82 12.80 -5.47 -3.54
N THR D 83 12.83 -4.32 -2.88
CA THR D 83 12.96 -3.03 -3.54
C THR D 83 14.37 -2.52 -3.36
N LEU D 84 15.02 -2.15 -4.46
CA LEU D 84 16.41 -1.74 -4.46
C LEU D 84 16.56 -0.39 -5.14
N THR D 85 17.29 0.52 -4.49
CA THR D 85 17.65 1.81 -5.06
C THR D 85 19.16 1.86 -5.20
N MET D 86 19.64 2.24 -6.38
CA MET D 86 21.06 2.14 -6.67
C MET D 86 21.45 3.15 -7.74
N TYR D 87 22.75 3.40 -7.82
CA TYR D 87 23.35 4.22 -8.88
C TYR D 87 23.97 3.25 -9.90
N PHE D 88 23.28 3.07 -11.01
CA PHE D 88 23.72 2.11 -12.03
C PHE D 88 24.53 2.85 -13.09
N GLN D 89 25.79 2.45 -13.26
CA GLN D 89 26.71 3.12 -14.17
C GLN D 89 27.26 2.12 -15.18
N GLN D 90 27.41 2.58 -16.43
CA GLN D 90 27.92 1.76 -17.51
C GLN D 90 29.09 2.46 -18.18
N TYR D 91 30.10 1.68 -18.56
N TYR D 91 30.05 1.67 -18.65
CA TYR D 91 31.30 2.19 -19.21
CA TYR D 91 31.31 2.16 -19.20
C TYR D 91 31.51 1.46 -20.53
C TYR D 91 31.59 1.45 -20.52
N TRP D 92 31.71 2.22 -21.60
CA TRP D 92 32.01 1.63 -22.90
C TRP D 92 32.70 2.69 -23.77
N ARG D 93 33.35 2.21 -24.83
CA ARG D 93 34.08 3.06 -25.76
C ARG D 93 33.32 3.15 -27.07
N ASP D 94 33.07 4.38 -27.52
CA ASP D 94 32.43 4.63 -28.81
C ASP D 94 33.35 5.57 -29.59
N LYS D 95 34.03 5.02 -30.60
CA LYS D 95 34.95 5.82 -31.41
C LYS D 95 34.24 6.92 -32.16
N ARG D 96 32.95 6.77 -32.43
CA ARG D 96 32.19 7.82 -33.11
C ARG D 96 32.13 9.08 -32.28
N LEU D 97 32.17 8.96 -30.95
CA LEU D 97 32.08 10.10 -30.05
C LEU D 97 33.45 10.63 -29.63
N ALA D 98 34.53 10.09 -30.18
CA ALA D 98 35.85 10.60 -29.86
C ALA D 98 36.03 12.01 -30.40
N TYR D 99 36.63 12.88 -29.59
CA TYR D 99 36.88 14.26 -29.96
C TYR D 99 38.32 14.63 -29.62
N SER D 100 38.85 15.61 -30.35
CA SER D 100 40.22 16.06 -30.18
C SER D 100 40.25 17.56 -29.96
N GLY D 101 41.31 18.02 -29.30
CA GLY D 101 41.49 19.43 -29.02
C GLY D 101 40.88 19.93 -27.74
N ILE D 102 40.11 19.12 -27.04
CA ILE D 102 39.50 19.48 -25.77
C ILE D 102 40.01 18.53 -24.71
N PRO D 103 41.01 18.94 -23.91
CA PRO D 103 41.57 18.09 -22.87
C PRO D 103 40.74 18.08 -21.58
N LEU D 104 39.43 17.82 -21.72
CA LEU D 104 38.52 17.81 -20.60
C LEU D 104 37.49 16.72 -20.80
N ASN D 105 36.87 16.30 -19.69
CA ASN D 105 35.76 15.36 -19.73
C ASN D 105 34.46 16.14 -19.78
N LEU D 106 33.74 16.01 -20.88
CA LEU D 106 32.53 16.81 -21.11
C LEU D 106 31.37 16.17 -20.36
N THR D 107 30.92 16.82 -19.28
CA THR D 107 29.73 16.41 -18.54
C THR D 107 28.54 17.15 -19.14
N LEU D 108 27.78 16.45 -19.98
CA LEU D 108 26.69 17.06 -20.71
C LEU D 108 25.37 16.92 -19.96
N ASP D 109 24.37 17.65 -20.44
CA ASP D 109 23.03 17.54 -19.87
C ASP D 109 22.45 16.16 -20.12
N ASN D 110 21.61 15.70 -19.20
CA ASN D 110 21.04 14.35 -19.30
C ASN D 110 20.21 14.16 -20.55
N ARG D 111 19.68 15.23 -21.14
CA ARG D 111 18.89 15.11 -22.36
C ARG D 111 19.73 14.75 -23.58
N VAL D 112 21.06 14.83 -23.49
CA VAL D 112 21.89 14.44 -24.63
C VAL D 112 21.96 12.92 -24.79
N ALA D 113 21.55 12.16 -23.77
CA ALA D 113 21.60 10.71 -23.87
C ALA D 113 20.64 10.19 -24.93
N ASP D 114 19.58 10.93 -25.24
CA ASP D 114 18.65 10.51 -26.28
C ASP D 114 19.28 10.51 -27.66
N GLN D 115 20.34 11.31 -27.87
CA GLN D 115 21.03 11.38 -29.14
C GLN D 115 22.27 10.49 -29.18
N LEU D 116 22.48 9.65 -28.17
CA LEU D 116 23.64 8.77 -28.11
C LEU D 116 23.19 7.32 -27.92
N TRP D 117 24.00 6.40 -28.43
CA TRP D 117 23.71 4.98 -28.26
C TRP D 117 24.02 4.56 -26.84
N VAL D 118 23.11 3.81 -26.24
CA VAL D 118 23.31 3.25 -24.90
C VAL D 118 22.97 1.77 -24.95
N PRO D 119 23.61 0.92 -24.14
CA PRO D 119 23.29 -0.51 -24.16
C PRO D 119 21.85 -0.76 -23.75
N ASP D 120 21.26 -1.80 -24.36
CA ASP D 120 19.89 -2.19 -24.03
C ASP D 120 19.87 -3.04 -22.78
N THR D 121 20.44 -2.52 -21.69
CA THR D 121 20.53 -3.26 -20.44
C THR D 121 19.18 -3.30 -19.75
N TYR D 122 18.77 -4.49 -19.32
CA TYR D 122 17.53 -4.65 -18.57
C TYR D 122 17.76 -5.69 -17.48
N PHE D 123 16.87 -5.67 -16.49
CA PHE D 123 16.93 -6.59 -15.37
C PHE D 123 15.91 -7.70 -15.62
N LEU D 124 16.38 -8.95 -15.61
CA LEU D 124 15.51 -10.07 -15.98
C LEU D 124 14.49 -10.36 -14.89
N ASN D 125 14.88 -10.25 -13.61
CA ASN D 125 14.03 -10.64 -12.50
C ASN D 125 13.26 -9.47 -11.90
N ASP D 126 13.35 -8.28 -12.48
CA ASP D 126 12.63 -7.15 -11.92
C ASP D 126 11.14 -7.24 -12.22
N LYS D 127 10.34 -6.69 -11.31
CA LYS D 127 8.89 -6.66 -11.46
C LYS D 127 8.35 -5.27 -11.76
N LYS D 128 8.98 -4.22 -11.22
CA LYS D 128 8.56 -2.85 -11.49
C LYS D 128 9.74 -1.94 -11.18
N SER D 129 10.17 -1.17 -12.17
CA SER D 129 11.32 -0.30 -12.02
C SER D 129 11.04 1.05 -12.66
N PHE D 130 11.73 2.08 -12.17
CA PHE D 130 11.58 3.42 -12.72
C PHE D 130 12.85 4.22 -12.41
N VAL D 131 13.01 5.31 -13.15
CA VAL D 131 14.13 6.22 -12.98
C VAL D 131 13.59 7.52 -12.40
N HIS D 132 14.20 7.98 -11.31
CA HIS D 132 13.73 9.20 -10.65
C HIS D 132 13.89 10.40 -11.57
N GLY D 133 12.88 11.27 -11.55
CA GLY D 133 12.88 12.43 -12.44
C GLY D 133 12.67 13.75 -11.72
N VAL D 134 13.12 13.84 -10.47
CA VAL D 134 13.01 15.06 -9.68
C VAL D 134 14.42 15.44 -9.22
N THR D 135 14.83 16.67 -9.52
CA THR D 135 14.01 17.64 -10.25
C THR D 135 14.06 17.38 -11.74
N VAL D 136 15.04 16.60 -12.17
CA VAL D 136 15.17 16.15 -13.55
C VAL D 136 15.46 14.66 -13.53
N LYS D 137 15.49 14.08 -14.73
CA LYS D 137 15.87 12.68 -14.86
C LYS D 137 17.25 12.45 -14.27
N ASN D 138 17.35 11.54 -13.29
CA ASN D 138 18.61 11.27 -12.61
C ASN D 138 19.48 10.46 -13.58
N ARG D 139 20.04 11.16 -14.56
CA ARG D 139 20.81 10.56 -15.63
C ARG D 139 22.07 11.38 -15.84
N MET D 140 23.19 10.71 -16.09
CA MET D 140 24.48 11.36 -16.26
C MET D 140 25.15 10.85 -17.52
N ILE D 141 25.62 11.77 -18.35
CA ILE D 141 26.41 11.45 -19.54
C ILE D 141 27.73 12.20 -19.42
N ARG D 142 28.84 11.44 -19.47
CA ARG D 142 30.17 12.01 -19.36
C ARG D 142 31.03 11.44 -20.49
N LEU D 143 31.44 12.30 -21.41
CA LEU D 143 32.24 11.88 -22.55
C LEU D 143 33.72 12.04 -22.23
N HIS D 144 34.55 11.35 -23.03
CA HIS D 144 35.99 11.39 -22.90
C HIS D 144 36.62 11.57 -24.27
N PRO D 145 37.82 12.15 -24.35
CA PRO D 145 38.42 12.42 -25.67
C PRO D 145 38.60 11.19 -26.52
N ASP D 146 38.83 10.03 -25.93
CA ASP D 146 39.04 8.80 -26.68
C ASP D 146 37.74 8.14 -27.11
N GLY D 147 36.59 8.68 -26.71
CA GLY D 147 35.31 8.09 -27.02
C GLY D 147 34.68 7.30 -25.89
N THR D 148 35.29 7.28 -24.72
CA THR D 148 34.70 6.60 -23.58
C THR D 148 33.47 7.33 -23.08
N VAL D 149 32.38 6.59 -22.85
CA VAL D 149 31.12 7.15 -22.42
C VAL D 149 30.78 6.61 -21.05
N LEU D 150 30.44 7.51 -20.12
CA LEU D 150 29.97 7.14 -18.79
C LEU D 150 28.48 7.46 -18.71
N TYR D 151 27.69 6.44 -18.38
CA TYR D 151 26.23 6.55 -18.36
C TYR D 151 25.74 6.06 -17.00
N GLY D 152 25.28 6.99 -16.17
CA GLY D 152 24.84 6.69 -14.81
C GLY D 152 23.34 6.94 -14.66
N LEU D 153 22.67 6.04 -13.95
CA LEU D 153 21.24 6.13 -13.70
C LEU D 153 20.97 5.79 -12.24
N ARG D 154 20.06 6.56 -11.63
CA ARG D 154 19.58 6.26 -10.28
C ARG D 154 18.24 5.55 -10.43
N ILE D 155 18.24 4.23 -10.18
CA ILE D 155 17.10 3.37 -10.50
C ILE D 155 16.58 2.76 -9.21
N THR D 156 15.26 2.85 -9.03
CA THR D 156 14.57 2.12 -7.97
C THR D 156 13.83 0.95 -8.61
N THR D 157 14.23 -0.27 -8.26
CA THR D 157 13.73 -1.47 -8.91
C THR D 157 13.19 -2.44 -7.88
N THR D 158 12.13 -3.15 -8.26
CA THR D 158 11.54 -4.21 -7.44
C THR D 158 11.82 -5.53 -8.15
N ALA D 159 12.72 -6.33 -7.59
CA ALA D 159 13.16 -7.57 -8.21
C ALA D 159 12.60 -8.76 -7.43
N ALA D 160 12.06 -9.74 -8.15
CA ALA D 160 11.53 -10.92 -7.51
C ALA D 160 12.64 -11.74 -6.88
N CYS D 161 12.31 -12.40 -5.76
CA CYS D 161 13.26 -13.24 -5.05
C CYS D 161 12.49 -14.39 -4.42
N MET D 162 12.59 -15.57 -5.03
CA MET D 162 11.98 -16.76 -4.46
C MET D 162 12.62 -17.09 -3.11
N MET D 163 11.78 -17.35 -2.12
CA MET D 163 12.24 -17.57 -0.75
C MET D 163 11.86 -18.97 -0.29
N ASP D 164 12.84 -19.71 0.23
CA ASP D 164 12.60 -21.01 0.83
C ASP D 164 12.30 -20.79 2.30
N LEU D 165 11.01 -20.91 2.67
CA LEU D 165 10.55 -20.60 4.00
C LEU D 165 10.34 -21.86 4.85
N ARG D 166 10.96 -22.98 4.48
CA ARG D 166 10.85 -24.19 5.30
C ARG D 166 11.45 -23.95 6.68
N ARG D 167 12.59 -23.28 6.76
CA ARG D 167 13.26 -22.99 8.02
C ARG D 167 12.83 -21.64 8.59
N TYR D 168 11.81 -21.02 8.05
CA TYR D 168 11.34 -19.74 8.56
C TYR D 168 10.90 -19.88 10.02
N PRO D 169 11.20 -18.90 10.89
CA PRO D 169 11.90 -17.64 10.58
C PRO D 169 13.42 -17.72 10.74
N LEU D 170 13.98 -18.92 10.80
CA LEU D 170 15.41 -19.11 10.91
C LEU D 170 16.05 -19.42 9.55
N ASP D 171 15.51 -18.83 8.49
CA ASP D 171 15.92 -19.13 7.13
C ASP D 171 16.97 -18.14 6.64
N GLU D 172 17.69 -18.56 5.60
CA GLU D 172 18.68 -17.73 4.92
C GLU D 172 18.26 -17.59 3.47
N GLN D 173 18.23 -16.37 2.96
CA GLN D 173 17.73 -16.09 1.62
C GLN D 173 18.84 -15.59 0.72
N ASN D 174 18.79 -16.00 -0.54
CA ASN D 174 19.75 -15.61 -1.57
C ASN D 174 18.97 -14.88 -2.66
N CYS D 175 18.86 -13.56 -2.51
CA CYS D 175 18.15 -12.73 -3.49
C CYS D 175 19.15 -12.19 -4.51
N THR D 176 18.82 -12.36 -5.78
CA THR D 176 19.71 -12.02 -6.88
C THR D 176 19.15 -10.85 -7.70
N LEU D 177 20.04 -10.21 -8.44
CA LEU D 177 19.68 -9.16 -9.39
C LEU D 177 20.35 -9.49 -10.71
N GLU D 178 19.55 -9.92 -11.69
CA GLU D 178 20.08 -10.37 -12.97
C GLU D 178 20.17 -9.19 -13.94
N ILE D 179 21.35 -9.01 -14.53
CA ILE D 179 21.60 -7.95 -15.49
C ILE D 179 21.95 -8.61 -16.83
N GLU D 180 21.24 -8.22 -17.88
CA GLU D 180 21.38 -8.88 -19.17
C GLU D 180 21.00 -7.91 -20.28
N SER D 181 21.64 -8.09 -21.44
CA SER D 181 21.26 -7.34 -22.63
C SER D 181 20.03 -7.97 -23.27
N TYR D 182 19.11 -7.13 -23.74
CA TYR D 182 17.85 -7.65 -24.25
C TYR D 182 17.99 -8.15 -25.68
N GLY D 183 18.48 -7.30 -26.59
CA GLY D 183 18.53 -7.66 -27.99
C GLY D 183 19.89 -8.12 -28.48
N TYR D 184 20.95 -7.42 -28.07
CA TYR D 184 22.29 -7.73 -28.55
C TYR D 184 22.81 -9.00 -27.87
N THR D 185 23.33 -9.92 -28.67
CA THR D 185 23.86 -11.18 -28.17
C THR D 185 25.34 -10.98 -27.79
N THR D 186 26.01 -12.08 -27.45
CA THR D 186 27.43 -12.00 -27.11
C THR D 186 28.29 -11.59 -28.30
N ASP D 187 27.81 -11.84 -29.53
CA ASP D 187 28.56 -11.42 -30.71
C ASP D 187 28.59 -9.92 -30.88
N ASP D 188 27.62 -9.20 -30.30
CA ASP D 188 27.53 -7.75 -30.46
C ASP D 188 27.89 -6.97 -29.21
N ILE D 189 27.76 -7.57 -28.02
CA ILE D 189 28.02 -6.86 -26.77
C ILE D 189 28.48 -7.86 -25.72
N GLU D 190 29.30 -7.38 -24.78
CA GLU D 190 29.79 -8.19 -23.68
C GLU D 190 29.74 -7.37 -22.40
N PHE D 191 29.49 -8.05 -21.29
CA PHE D 191 29.37 -7.42 -19.98
C PHE D 191 30.47 -7.91 -19.05
N TYR D 192 31.00 -6.99 -18.25
CA TYR D 192 31.96 -7.35 -17.21
C TYR D 192 31.79 -6.40 -16.04
N TRP D 193 32.18 -6.86 -14.86
CA TRP D 193 32.15 -6.02 -13.66
C TRP D 193 33.39 -5.13 -13.65
N ARG D 194 33.17 -3.82 -13.69
CA ARG D 194 34.28 -2.87 -13.69
C ARG D 194 34.81 -2.69 -12.27
N GLY D 195 36.06 -3.07 -12.05
CA GLY D 195 36.64 -3.07 -10.73
C GLY D 195 36.68 -4.41 -10.04
N GLY D 196 36.32 -5.49 -10.73
CA GLY D 196 36.33 -6.80 -10.10
C GLY D 196 35.29 -6.89 -8.99
N ASP D 197 35.73 -7.37 -7.83
CA ASP D 197 34.84 -7.49 -6.69
C ASP D 197 34.48 -6.15 -6.07
N LYS D 198 35.14 -5.07 -6.48
CA LYS D 198 34.83 -3.73 -6.01
C LYS D 198 33.80 -3.02 -6.89
N ALA D 199 33.22 -3.72 -7.86
CA ALA D 199 32.26 -3.10 -8.76
C ALA D 199 30.99 -2.66 -8.02
N VAL D 200 30.63 -3.37 -6.96
CA VAL D 200 29.44 -3.06 -6.18
C VAL D 200 29.86 -2.59 -4.80
N THR D 201 29.39 -1.40 -4.42
CA THR D 201 29.72 -0.78 -3.15
C THR D 201 28.42 -0.41 -2.43
N GLY D 202 28.57 0.10 -1.21
CA GLY D 202 27.43 0.52 -0.42
C GLY D 202 26.65 -0.60 0.24
N VAL D 203 27.14 -1.84 0.16
CA VAL D 203 26.42 -2.96 0.76
C VAL D 203 26.37 -2.81 2.28
N GLU D 204 27.47 -2.38 2.88
CA GLU D 204 27.54 -2.25 4.33
C GLU D 204 26.56 -1.21 4.86
N ARG D 205 26.23 -0.20 4.05
CA ARG D 205 25.32 0.85 4.49
C ARG D 205 23.89 0.38 4.61
N ILE D 206 23.55 -0.74 3.98
CA ILE D 206 22.17 -1.23 3.99
C ILE D 206 21.79 -1.66 5.40
N GLU D 207 20.63 -1.18 5.86
CA GLU D 207 20.15 -1.45 7.22
C GLU D 207 18.71 -1.98 7.11
N LEU D 208 18.59 -3.28 6.93
CA LEU D 208 17.27 -3.91 6.88
C LEU D 208 16.78 -4.18 8.30
N PRO D 209 15.57 -3.73 8.65
CA PRO D 209 15.08 -3.98 10.01
C PRO D 209 14.92 -5.45 10.34
N GLN D 210 14.61 -6.28 9.36
CA GLN D 210 14.33 -7.70 9.60
C GLN D 210 15.45 -8.64 9.15
N PHE D 211 16.40 -8.16 8.33
CA PHE D 211 17.44 -9.01 7.79
C PHE D 211 18.81 -8.39 8.02
N SER D 212 19.83 -9.22 7.84
CA SER D 212 21.22 -8.79 7.90
C SER D 212 21.95 -9.32 6.67
N ILE D 213 22.69 -8.46 6.00
CA ILE D 213 23.38 -8.83 4.75
C ILE D 213 24.61 -9.66 5.14
N VAL D 214 24.51 -10.98 5.01
CA VAL D 214 25.63 -11.84 5.34
C VAL D 214 26.76 -11.67 4.33
N GLU D 215 26.42 -11.71 3.03
CA GLU D 215 27.44 -11.64 1.99
C GLU D 215 26.77 -11.24 0.68
N HIS D 216 27.59 -10.70 -0.23
CA HIS D 216 27.17 -10.42 -1.60
C HIS D 216 28.19 -11.00 -2.55
N ARG D 217 27.71 -11.46 -3.70
CA ARG D 217 28.56 -12.09 -4.70
C ARG D 217 28.30 -11.50 -6.07
N LEU D 218 29.35 -11.47 -6.89
CA LEU D 218 29.28 -10.99 -8.26
C LEU D 218 29.58 -12.14 -9.21
N VAL D 219 28.66 -12.39 -10.13
CA VAL D 219 28.76 -13.51 -11.07
C VAL D 219 28.64 -12.99 -12.49
N SER D 220 29.57 -13.40 -13.34
CA SER D 220 29.54 -13.09 -14.77
C SER D 220 29.49 -14.40 -15.55
N ARG D 221 28.51 -14.52 -16.44
CA ARG D 221 28.32 -15.75 -17.18
C ARG D 221 27.55 -15.44 -18.47
N ASN D 222 27.45 -16.45 -19.33
CA ASN D 222 26.73 -16.36 -20.58
C ASN D 222 25.52 -17.29 -20.53
N VAL D 223 24.36 -16.76 -20.89
CA VAL D 223 23.10 -17.51 -20.89
C VAL D 223 22.68 -17.73 -22.33
N VAL D 224 22.39 -18.98 -22.68
CA VAL D 224 22.04 -19.35 -24.04
C VAL D 224 20.53 -19.49 -24.14
N PHE D 225 19.94 -18.80 -25.13
CA PHE D 225 18.52 -18.87 -25.43
C PHE D 225 18.32 -19.41 -26.83
N ALA D 226 17.05 -19.46 -27.26
CA ALA D 226 16.75 -19.88 -28.62
C ALA D 226 17.30 -18.89 -29.64
N THR D 227 17.24 -17.59 -29.34
CA THR D 227 17.76 -16.59 -30.26
C THR D 227 19.28 -16.52 -30.25
N GLY D 228 19.92 -17.05 -29.21
CA GLY D 228 21.36 -17.04 -29.13
C GLY D 228 21.82 -16.89 -27.69
N ALA D 229 23.12 -16.73 -27.53
CA ALA D 229 23.73 -16.56 -26.22
C ALA D 229 23.82 -15.08 -25.86
N TYR D 230 23.44 -14.74 -24.63
CA TYR D 230 23.47 -13.37 -24.16
C TYR D 230 24.37 -13.23 -22.95
N PRO D 231 25.09 -12.12 -22.83
CA PRO D 231 25.89 -11.89 -21.61
C PRO D 231 25.00 -11.70 -20.40
N ARG D 232 25.52 -12.09 -19.23
CA ARG D 232 24.76 -12.03 -18.00
C ARG D 232 25.65 -11.59 -16.86
N LEU D 233 25.15 -10.65 -16.05
CA LEU D 233 25.78 -10.25 -14.80
C LEU D 233 24.79 -10.45 -13.68
N SER D 234 25.22 -11.08 -12.59
CA SER D 234 24.36 -11.40 -11.47
C SER D 234 24.92 -10.82 -10.19
N LEU D 235 24.07 -10.13 -9.44
CA LEU D 235 24.40 -9.62 -8.11
C LEU D 235 23.45 -10.27 -7.11
N SER D 236 24.01 -11.02 -6.17
CA SER D 236 23.22 -11.80 -5.22
C SER D 236 23.57 -11.41 -3.80
N PHE D 237 22.55 -11.27 -2.97
CA PHE D 237 22.71 -10.98 -1.54
C PHE D 237 22.23 -12.18 -0.74
N ARG D 238 23.00 -12.56 0.26
CA ARG D 238 22.61 -13.61 1.20
C ARG D 238 22.05 -12.93 2.45
N LEU D 239 20.74 -13.05 2.66
CA LEU D 239 20.05 -12.39 3.75
C LEU D 239 19.75 -13.39 4.86
N LYS D 240 20.06 -13.02 6.09
CA LYS D 240 19.76 -13.83 7.26
C LYS D 240 18.72 -13.10 8.10
N ARG D 241 17.60 -13.76 8.36
CA ARG D 241 16.51 -13.13 9.11
C ARG D 241 16.88 -13.01 10.58
N ASN D 242 16.48 -11.90 11.19
CA ASN D 242 16.72 -11.69 12.61
C ASN D 242 15.67 -12.43 13.43
N ILE D 243 16.14 -13.27 14.34
CA ILE D 243 15.25 -14.15 15.12
C ILE D 243 14.73 -13.47 16.39
N GLY D 244 15.28 -12.30 16.76
CA GLY D 244 14.93 -11.71 18.04
C GLY D 244 13.46 -11.36 18.16
N TYR D 245 12.88 -10.78 17.10
CA TYR D 245 11.48 -10.36 17.15
C TYR D 245 10.55 -11.55 17.36
N PHE D 246 10.77 -12.63 16.62
CA PHE D 246 9.86 -13.77 16.68
C PHE D 246 10.00 -14.53 18.00
N ILE D 247 11.21 -14.58 18.56
CA ILE D 247 11.42 -15.28 19.82
C ILE D 247 10.59 -14.64 20.93
N LEU D 248 10.64 -13.32 21.03
CA LEU D 248 9.89 -12.63 22.07
C LEU D 248 8.40 -12.60 21.76
N GLN D 249 8.03 -12.34 20.50
CA GLN D 249 6.63 -12.13 20.16
C GLN D 249 5.84 -13.43 20.15
N THR D 250 6.41 -14.49 19.58
CA THR D 250 5.66 -15.70 19.27
C THR D 250 6.00 -16.88 20.17
N TYR D 251 7.28 -17.22 20.30
CA TYR D 251 7.65 -18.43 21.03
C TYR D 251 7.39 -18.30 22.52
N MET D 252 7.79 -17.17 23.12
CA MET D 252 7.63 -17.00 24.56
C MET D 252 6.19 -17.06 25.02
N PRO D 253 5.23 -16.37 24.40
CA PRO D 253 3.83 -16.56 24.83
C PRO D 253 3.34 -17.99 24.69
N SER D 254 3.75 -18.69 23.63
CA SER D 254 3.32 -20.07 23.45
C SER D 254 3.88 -20.98 24.53
N ILE D 255 5.15 -20.78 24.90
CA ILE D 255 5.76 -21.60 25.94
C ILE D 255 5.06 -21.35 27.27
N LEU D 256 4.83 -20.08 27.61
CA LEU D 256 4.24 -19.74 28.90
C LEU D 256 2.83 -20.29 29.03
N ILE D 257 2.05 -20.25 27.96
CA ILE D 257 0.70 -20.81 27.99
C ILE D 257 0.76 -22.32 28.23
N THR D 258 1.67 -23.01 27.54
CA THR D 258 1.81 -24.45 27.73
C THR D 258 2.23 -24.78 29.16
N ILE D 259 3.18 -24.01 29.71
CA ILE D 259 3.55 -24.18 31.10
C ILE D 259 2.35 -23.87 32.00
N LEU D 260 1.57 -22.84 31.65
CA LEU D 260 0.40 -22.50 32.42
C LEU D 260 -0.63 -23.62 32.41
N SER D 261 -0.66 -24.42 31.35
CA SER D 261 -1.57 -25.57 31.30
C SER D 261 -1.12 -26.66 32.27
N TRP D 262 0.19 -26.81 32.48
CA TRP D 262 0.68 -27.82 33.42
C TRP D 262 0.31 -27.49 34.86
N VAL D 263 -0.08 -26.25 35.13
CA VAL D 263 -0.52 -25.86 36.47
C VAL D 263 -1.74 -26.69 36.88
N SER D 264 -2.56 -27.10 35.91
CA SER D 264 -3.74 -27.89 36.22
C SER D 264 -3.39 -29.19 36.94
N PHE D 265 -2.23 -29.77 36.65
CA PHE D 265 -1.83 -31.01 37.31
C PHE D 265 -1.67 -30.81 38.81
N TRP D 266 -1.11 -29.68 39.21
CA TRP D 266 -0.97 -29.39 40.64
C TRP D 266 -2.33 -29.20 41.32
N ILE D 267 -3.28 -28.63 40.58
CA ILE D 267 -4.61 -28.39 41.15
C ILE D 267 -5.25 -29.72 41.54
N ASN D 268 -6.01 -29.70 42.63
CA ASN D 268 -6.62 -30.91 43.14
C ASN D 268 -7.64 -31.46 42.13
N TYR D 269 -7.77 -32.79 42.12
CA TYR D 269 -8.63 -33.44 41.14
C TYR D 269 -10.11 -33.11 41.34
N ASP D 270 -10.52 -32.84 42.58
CA ASP D 270 -11.92 -32.53 42.84
C ASP D 270 -12.33 -31.16 42.31
N ALA D 271 -11.37 -30.27 42.08
CA ALA D 271 -11.67 -28.93 41.57
C ALA D 271 -11.97 -29.03 40.07
N SER D 272 -13.14 -29.59 39.78
CA SER D 272 -13.54 -29.80 38.39
C SER D 272 -13.72 -28.47 37.66
N ALA D 273 -14.39 -27.51 38.30
CA ALA D 273 -14.62 -26.23 37.65
C ALA D 273 -13.31 -25.50 37.36
N ALA D 274 -12.36 -25.56 38.31
CA ALA D 274 -11.10 -24.85 38.15
C ALA D 274 -10.26 -25.45 37.05
N ARG D 275 -10.09 -26.78 37.06
CA ARG D 275 -9.21 -27.43 36.09
C ARG D 275 -9.80 -27.38 34.69
N VAL D 276 -11.11 -27.57 34.56
CA VAL D 276 -11.75 -27.48 33.24
C VAL D 276 -11.63 -26.05 32.70
N ALA D 277 -11.89 -25.05 33.54
CA ALA D 277 -11.78 -23.67 33.11
C ALA D 277 -10.36 -23.33 32.70
N LEU D 278 -9.37 -23.86 33.43
CA LEU D 278 -7.98 -23.64 33.05
C LEU D 278 -7.68 -24.25 31.68
N GLY D 279 -8.28 -25.40 31.39
CA GLY D 279 -8.03 -26.09 30.14
C GLY D 279 -8.44 -25.33 28.89
N ILE D 280 -9.73 -25.06 28.75
CA ILE D 280 -10.23 -24.44 27.51
C ILE D 280 -9.71 -23.01 27.38
N THR D 281 -9.55 -22.30 28.49
CA THR D 281 -9.04 -20.94 28.41
C THR D 281 -7.60 -20.91 27.87
N THR D 282 -6.78 -21.88 28.29
CA THR D 282 -5.47 -22.03 27.68
C THR D 282 -5.60 -22.39 26.20
N VAL D 283 -6.55 -23.28 25.87
CA VAL D 283 -6.83 -23.57 24.47
C VAL D 283 -7.33 -22.31 23.76
N LEU D 284 -8.21 -21.55 24.41
CA LEU D 284 -8.69 -20.30 23.84
C LEU D 284 -7.53 -19.33 23.63
N THR D 285 -6.63 -19.23 24.61
CA THR D 285 -5.49 -18.33 24.47
C THR D 285 -4.59 -18.75 23.32
N MET D 286 -4.36 -20.06 23.17
CA MET D 286 -3.49 -20.54 22.10
C MET D 286 -4.09 -20.22 20.73
N THR D 287 -5.41 -20.34 20.59
CA THR D 287 -6.05 -20.02 19.31
C THR D 287 -5.91 -18.55 18.98
N THR D 288 -6.06 -17.67 19.98
CA THR D 288 -5.92 -16.24 19.72
C THR D 288 -4.51 -15.91 19.27
N ILE D 289 -3.49 -16.52 19.87
CA ILE D 289 -2.13 -16.33 19.43
C ILE D 289 -1.95 -16.85 18.01
N ASN D 290 -2.51 -18.03 17.72
CA ASN D 290 -2.35 -18.64 16.41
C ASN D 290 -2.99 -17.80 15.30
N THR D 291 -4.15 -17.22 15.59
CA THR D 291 -4.85 -16.43 14.57
C THR D 291 -4.03 -15.22 14.13
N HIS D 292 -3.41 -14.53 15.09
CA HIS D 292 -2.66 -13.32 14.75
C HIS D 292 -1.37 -13.64 13.99
N LEU D 293 -0.71 -14.74 14.36
CA LEU D 293 0.64 -14.98 13.87
C LEU D 293 0.66 -15.37 12.39
N ARG D 294 -0.24 -16.26 11.99
CA ARG D 294 -0.21 -16.81 10.63
C ARG D 294 -0.62 -15.80 9.56
N GLU D 295 -1.14 -14.63 9.96
CA GLU D 295 -1.62 -13.67 8.97
C GLU D 295 -0.48 -13.01 8.21
N THR D 296 0.70 -12.91 8.82
CA THR D 296 1.80 -12.12 8.27
C THR D 296 2.63 -12.89 7.24
N LEU D 297 2.11 -13.99 6.69
CA LEU D 297 2.88 -14.85 5.82
C LEU D 297 1.99 -15.37 4.69
N PRO D 298 2.58 -15.72 3.55
CA PRO D 298 1.80 -16.33 2.47
C PRO D 298 1.46 -17.78 2.80
N LYS D 299 0.54 -18.33 2.01
CA LYS D 299 0.06 -19.70 2.21
C LYS D 299 1.01 -20.67 1.53
N ILE D 300 2.00 -21.13 2.28
CA ILE D 300 2.97 -22.11 1.78
C ILE D 300 2.58 -23.48 2.34
N PRO D 301 2.36 -24.49 1.49
CA PRO D 301 1.90 -25.79 2.00
C PRO D 301 2.86 -26.45 2.98
N TYR D 302 4.17 -26.27 2.79
CA TYR D 302 5.13 -26.93 3.66
C TYR D 302 5.10 -26.35 5.06
N VAL D 303 5.56 -27.16 6.01
CA VAL D 303 5.50 -26.79 7.42
C VAL D 303 6.68 -25.89 7.76
N LYS D 304 6.40 -24.68 8.20
CA LYS D 304 7.45 -23.80 8.71
C LYS D 304 7.83 -24.20 10.13
N ALA D 305 8.97 -23.70 10.58
CA ALA D 305 9.36 -23.90 11.97
C ALA D 305 8.35 -23.25 12.90
N ILE D 306 7.88 -22.06 12.55
CA ILE D 306 6.83 -21.41 13.35
C ILE D 306 5.54 -22.21 13.28
N ASP D 307 5.25 -22.81 12.12
CA ASP D 307 4.03 -23.61 11.99
C ASP D 307 4.07 -24.84 12.89
N MET D 308 5.20 -25.53 12.92
CA MET D 308 5.31 -26.73 13.76
C MET D 308 5.21 -26.38 15.23
N TYR D 309 5.82 -25.27 15.65
CA TYR D 309 5.83 -24.92 17.06
C TYR D 309 4.44 -24.54 17.56
N LEU D 310 3.71 -23.74 16.78
CA LEU D 310 2.38 -23.32 17.21
C LEU D 310 1.43 -24.50 17.30
N MET D 311 1.44 -25.38 16.30
CA MET D 311 0.57 -26.55 16.34
C MET D 311 0.98 -27.51 17.44
N GLY D 312 2.28 -27.68 17.66
CA GLY D 312 2.73 -28.56 18.73
C GLY D 312 2.25 -28.11 20.09
N CYS D 313 2.34 -26.80 20.36
CA CYS D 313 1.85 -26.27 21.63
C CYS D 313 0.34 -26.44 21.74
N PHE D 314 -0.39 -26.25 20.64
CA PHE D 314 -1.83 -26.41 20.67
C PHE D 314 -2.23 -27.86 20.95
N VAL D 315 -1.42 -28.82 20.52
CA VAL D 315 -1.69 -30.22 20.83
C VAL D 315 -1.47 -30.49 22.31
N PHE D 316 -0.42 -29.91 22.90
CA PHE D 316 -0.11 -30.17 24.29
C PHE D 316 -1.22 -29.68 25.21
N VAL D 317 -1.72 -28.47 24.97
CA VAL D 317 -2.83 -27.96 25.79
C VAL D 317 -4.09 -28.77 25.54
N PHE D 318 -4.30 -29.23 24.30
CA PHE D 318 -5.43 -30.11 24.02
C PHE D 318 -5.33 -31.41 24.80
N LEU D 319 -4.13 -31.99 24.87
CA LEU D 319 -3.95 -33.22 25.63
C LEU D 319 -4.11 -32.99 27.12
N ALA D 320 -3.75 -31.80 27.62
CA ALA D 320 -3.87 -31.53 29.04
C ALA D 320 -5.32 -31.58 29.49
N LEU D 321 -6.23 -31.00 28.71
CA LEU D 321 -7.65 -31.09 29.04
C LEU D 321 -8.15 -32.51 28.89
N LEU D 322 -7.66 -33.24 27.88
CA LEU D 322 -7.97 -34.66 27.77
C LEU D 322 -7.46 -35.43 28.99
N GLU D 323 -6.32 -35.02 29.53
CA GLU D 323 -5.78 -35.70 30.70
C GLU D 323 -6.70 -35.58 31.89
N TYR D 324 -7.29 -34.39 32.10
CA TYR D 324 -8.22 -34.25 33.22
C TYR D 324 -9.49 -35.04 32.97
N ALA D 325 -9.90 -35.19 31.71
CA ALA D 325 -11.08 -36.00 31.40
C ALA D 325 -10.89 -37.43 31.89
N PHE D 326 -9.76 -38.03 31.58
CA PHE D 326 -9.50 -39.39 32.03
C PHE D 326 -9.46 -39.44 33.56
N VAL D 327 -8.85 -38.43 34.19
CA VAL D 327 -8.77 -38.40 35.65
C VAL D 327 -10.17 -38.36 36.25
N ASN D 328 -11.02 -37.46 35.76
CA ASN D 328 -12.36 -37.32 36.32
C ASN D 328 -13.16 -38.61 36.14
N TYR D 329 -13.04 -39.24 34.98
CA TYR D 329 -13.83 -40.44 34.70
C TYR D 329 -13.42 -41.59 35.62
N ILE D 330 -12.12 -41.84 35.74
CA ILE D 330 -11.68 -42.96 36.58
C ILE D 330 -11.97 -42.67 38.05
N PHE D 331 -11.91 -41.39 38.45
CA PHE D 331 -12.21 -41.04 39.83
C PHE D 331 -13.66 -41.31 40.18
N PHE D 332 -14.57 -41.02 39.26
CA PHE D 332 -15.99 -41.20 39.52
C PHE D 332 -16.49 -42.57 39.07
N ASP D 444 -4.91 -44.65 41.99
CA ASP D 444 -4.62 -44.63 40.55
C ASP D 444 -4.92 -43.27 39.96
N VAL D 445 -5.99 -42.63 40.45
CA VAL D 445 -6.33 -41.29 39.99
C VAL D 445 -5.19 -40.32 40.31
N ASN D 446 -4.61 -40.44 41.50
CA ASN D 446 -3.41 -39.68 41.84
C ASN D 446 -2.23 -40.11 40.97
N ALA D 447 -2.14 -41.41 40.66
CA ALA D 447 -1.05 -41.91 39.84
C ALA D 447 -1.10 -41.35 38.43
N ILE D 448 -2.30 -41.25 37.85
CA ILE D 448 -2.42 -40.69 36.52
C ILE D 448 -1.93 -39.25 36.49
N ASP D 449 -2.32 -38.45 37.50
CA ASP D 449 -1.84 -37.07 37.59
C ASP D 449 -0.32 -37.03 37.73
N ARG D 450 0.24 -37.90 38.57
CA ARG D 450 1.69 -37.92 38.77
C ARG D 450 2.43 -38.29 37.49
N TRP D 451 1.94 -39.32 36.79
CA TRP D 451 2.54 -39.70 35.51
C TRP D 451 2.45 -38.56 34.51
N SER D 452 1.30 -37.88 34.46
CA SER D 452 1.13 -36.76 33.55
C SER D 452 2.14 -35.66 33.87
N ARG D 453 2.36 -35.39 35.16
CA ARG D 453 3.28 -34.34 35.55
C ARG D 453 4.70 -34.62 35.09
N ILE D 454 5.15 -35.86 35.22
CA ILE D 454 6.51 -36.19 34.79
C ILE D 454 6.60 -36.15 33.27
N VAL D 455 5.59 -36.67 32.57
CA VAL D 455 5.68 -36.86 31.13
C VAL D 455 5.59 -35.53 30.38
N PHE D 456 4.62 -34.68 30.76
CA PHE D 456 4.33 -33.50 29.92
C PHE D 456 5.51 -32.55 29.81
N PRO D 457 6.10 -32.04 30.90
CA PRO D 457 7.29 -31.18 30.74
C PRO D 457 8.44 -31.87 30.03
N PHE D 458 8.62 -33.17 30.26
CA PHE D 458 9.67 -33.91 29.57
C PHE D 458 9.40 -34.00 28.08
N THR D 459 8.16 -34.35 27.71
CA THR D 459 7.81 -34.46 26.31
C THR D 459 7.91 -33.11 25.60
N PHE D 460 7.42 -32.05 26.24
CA PHE D 460 7.51 -30.72 25.65
C PHE D 460 8.95 -30.27 25.51
N SER D 461 9.78 -30.56 26.52
CA SER D 461 11.20 -30.25 26.40
C SER D 461 11.84 -31.07 25.29
N LEU D 462 11.47 -32.34 25.16
CA LEU D 462 11.95 -33.16 24.06
C LEU D 462 11.47 -32.61 22.73
N PHE D 463 10.21 -32.17 22.66
CA PHE D 463 9.70 -31.56 21.44
C PHE D 463 10.47 -30.30 21.08
N ASN D 464 10.77 -29.46 22.08
CA ASN D 464 11.56 -28.26 21.83
C ASN D 464 12.95 -28.61 21.36
N LEU D 465 13.60 -29.59 22.01
CA LEU D 465 14.97 -29.94 21.65
C LEU D 465 15.06 -30.45 20.23
N VAL D 466 14.13 -31.34 19.84
CA VAL D 466 14.12 -31.86 18.47
C VAL D 466 13.84 -30.72 17.49
N TYR D 467 12.88 -29.86 17.83
CA TYR D 467 12.50 -28.78 16.93
C TYR D 467 13.66 -27.81 16.70
N TRP D 468 14.33 -27.39 17.77
CA TRP D 468 15.39 -26.40 17.63
C TRP D 468 16.60 -26.98 16.90
N LEU D 469 16.97 -28.22 17.19
CA LEU D 469 18.09 -28.84 16.49
C LEU D 469 17.80 -29.00 15.01
N TYR D 470 16.56 -29.32 14.66
CA TYR D 470 16.21 -29.52 13.26
C TYR D 470 16.35 -28.24 12.46
N TYR D 471 15.96 -27.09 13.03
CA TYR D 471 15.95 -25.83 12.32
C TYR D 471 17.15 -24.94 12.63
N VAL D 472 18.10 -25.40 13.43
CA VAL D 472 19.31 -24.64 13.68
C VAL D 472 20.54 -25.42 13.25
N GLY E 32 5.64 47.54 -21.78
CA GLY E 32 4.48 48.00 -22.51
C GLY E 32 4.37 47.38 -23.89
N ASN E 33 5.39 47.59 -24.71
CA ASN E 33 5.42 47.03 -26.06
C ASN E 33 5.67 45.54 -25.96
N MET E 34 4.60 44.75 -26.17
CA MET E 34 4.72 43.30 -26.08
C MET E 34 5.65 42.75 -27.16
N SER E 35 5.59 43.32 -28.37
CA SER E 35 6.49 42.89 -29.44
C SER E 35 7.94 43.15 -29.07
N PHE E 36 8.22 44.32 -28.48
CA PHE E 36 9.58 44.62 -28.05
C PHE E 36 10.06 43.64 -26.99
N VAL E 37 9.20 43.30 -26.03
CA VAL E 37 9.56 42.30 -25.02
C VAL E 37 9.75 40.94 -25.70
N LYS E 38 8.88 40.60 -26.65
CA LYS E 38 9.00 39.33 -27.36
C LYS E 38 10.33 39.24 -28.11
N GLU E 39 10.73 40.33 -28.76
CA GLU E 39 12.01 40.35 -29.47
C GLU E 39 13.17 40.16 -28.49
N THR E 40 13.08 40.80 -27.32
CA THR E 40 14.14 40.65 -26.32
C THR E 40 14.27 39.21 -25.86
N VAL E 41 13.14 38.55 -25.59
CA VAL E 41 13.18 37.15 -25.14
C VAL E 41 13.73 36.26 -26.24
N ASP E 42 13.30 36.48 -27.48
CA ASP E 42 13.82 35.68 -28.60
C ASP E 42 15.31 35.88 -28.76
N LYS E 43 15.80 37.11 -28.55
CA LYS E 43 17.23 37.36 -28.63
C LYS E 43 17.99 36.58 -27.59
N LEU E 44 17.45 36.51 -26.36
CA LEU E 44 18.11 35.75 -25.31
C LEU E 44 18.18 34.27 -25.65
N LEU E 45 17.09 33.73 -26.20
CA LEU E 45 17.03 32.30 -26.51
C LEU E 45 17.78 31.94 -27.79
N LYS E 46 18.09 32.92 -28.63
CA LYS E 46 18.76 32.63 -29.89
C LYS E 46 20.22 32.26 -29.64
N GLY E 47 20.62 31.09 -30.14
CA GLY E 47 21.96 30.59 -29.91
C GLY E 47 22.23 30.08 -28.51
N TYR E 48 21.24 30.10 -27.63
CA TYR E 48 21.42 29.63 -26.27
C TYR E 48 21.61 28.12 -26.25
N ASP E 49 22.61 27.66 -25.50
CA ASP E 49 22.93 26.24 -25.40
C ASP E 49 22.55 25.77 -24.00
N ILE E 50 21.49 24.97 -23.91
CA ILE E 50 21.07 24.42 -22.63
C ILE E 50 22.08 23.43 -22.09
N ARG E 51 22.85 22.79 -22.98
CA ARG E 51 23.79 21.76 -22.56
C ARG E 51 24.97 22.32 -21.77
N LEU E 52 25.23 23.62 -21.85
CA LEU E 52 26.39 24.23 -21.21
C LEU E 52 25.94 25.08 -20.04
N ARG E 53 26.61 24.90 -18.90
CA ARG E 53 26.29 25.65 -17.70
C ARG E 53 26.78 27.08 -17.82
N PRO E 54 26.24 28.00 -17.02
CA PRO E 54 26.79 29.36 -16.98
C PRO E 54 28.23 29.35 -16.51
N ASP E 55 29.02 30.27 -17.06
CA ASP E 55 30.45 30.36 -16.77
C ASP E 55 31.15 29.03 -17.04
N PHE E 56 30.79 28.39 -18.15
CA PHE E 56 31.38 27.11 -18.51
C PHE E 56 32.88 27.28 -18.73
N GLY E 57 33.67 26.38 -18.14
CA GLY E 57 35.10 26.50 -18.21
C GLY E 57 35.69 27.56 -17.31
N GLY E 58 34.90 28.14 -16.42
CA GLY E 58 35.37 29.17 -15.52
C GLY E 58 35.06 28.87 -14.07
N PRO E 59 34.85 29.91 -13.27
CA PRO E 59 34.53 29.68 -11.87
C PRO E 59 33.20 28.98 -11.73
N PRO E 60 33.04 28.16 -10.69
CA PRO E 60 31.77 27.47 -10.48
C PRO E 60 30.63 28.46 -10.21
N VAL E 61 29.44 28.11 -10.67
CA VAL E 61 28.27 28.97 -10.49
C VAL E 61 27.69 28.73 -9.12
N CYS E 62 27.49 29.82 -8.37
CA CYS E 62 26.91 29.73 -7.04
C CYS E 62 25.40 29.68 -7.14
N VAL E 63 24.79 28.66 -6.54
CA VAL E 63 23.35 28.47 -6.56
C VAL E 63 22.82 28.62 -5.15
N GLY E 64 21.94 29.59 -4.94
CA GLY E 64 21.30 29.79 -3.65
C GLY E 64 19.93 29.14 -3.63
N MET E 65 19.65 28.44 -2.53
CA MET E 65 18.43 27.67 -2.39
C MET E 65 17.69 28.09 -1.13
N ASN E 66 16.39 28.31 -1.26
CA ASN E 66 15.51 28.55 -0.13
C ASN E 66 14.28 27.65 -0.28
N ILE E 67 13.76 27.17 0.85
CA ILE E 67 12.66 26.21 0.85
C ILE E 67 11.54 26.76 1.72
N ASP E 68 10.33 26.78 1.17
CA ASP E 68 9.12 27.13 1.92
C ASP E 68 8.30 25.86 2.09
N ILE E 69 8.27 25.33 3.30
CA ILE E 69 7.58 24.07 3.56
CA ILE E 69 7.58 24.07 3.55
C ILE E 69 6.08 24.30 3.56
N ALA E 70 5.37 23.47 2.79
CA ALA E 70 3.91 23.52 2.77
C ALA E 70 3.30 22.66 3.88
N SER E 71 3.72 21.40 3.97
CA SER E 71 3.23 20.48 4.99
C SER E 71 4.07 19.22 4.95
N ILE E 72 4.09 18.51 6.08
CA ILE E 72 4.66 17.18 6.18
C ILE E 72 3.49 16.23 6.33
N ASP E 73 3.10 15.59 5.22
CA ASP E 73 1.85 14.83 5.20
C ASP E 73 1.91 13.60 6.11
N MET E 74 2.94 12.79 5.97
CA MET E 74 3.01 11.51 6.67
C MET E 74 4.40 11.27 7.21
N VAL E 75 4.47 10.52 8.31
CA VAL E 75 5.72 10.01 8.86
C VAL E 75 5.47 8.53 9.17
N SER E 76 6.08 7.65 8.37
CA SER E 76 5.80 6.22 8.45
C SER E 76 6.95 5.51 9.14
N GLU E 77 6.66 4.85 10.26
CA GLU E 77 7.67 4.07 10.95
C GLU E 77 7.95 2.75 10.23
N VAL E 78 6.91 2.13 9.66
CA VAL E 78 7.10 0.84 8.99
C VAL E 78 7.97 1.00 7.75
N ASN E 79 7.75 2.06 6.98
CA ASN E 79 8.54 2.30 5.78
C ASN E 79 9.76 3.16 6.03
N MET E 80 9.89 3.73 7.23
CA MET E 80 11.02 4.57 7.61
C MET E 80 11.23 5.71 6.60
N ASP E 81 10.17 6.47 6.38
CA ASP E 81 10.22 7.60 5.47
C ASP E 81 9.13 8.60 5.83
N TYR E 82 9.25 9.80 5.29
CA TYR E 82 8.28 10.85 5.50
C TYR E 82 7.97 11.53 4.17
N THR E 83 6.77 12.08 4.07
CA THR E 83 6.32 12.77 2.87
C THR E 83 6.35 14.27 3.11
N LEU E 84 7.00 15.00 2.22
CA LEU E 84 7.21 16.43 2.37
C LEU E 84 6.72 17.17 1.13
N THR E 85 5.96 18.23 1.34
CA THR E 85 5.52 19.12 0.27
C THR E 85 6.11 20.50 0.54
N MET E 86 6.74 21.09 -0.47
CA MET E 86 7.49 22.32 -0.25
C MET E 86 7.58 23.11 -1.54
N TYR E 87 7.92 24.40 -1.39
CA TYR E 87 8.22 25.28 -2.52
C TYR E 87 9.73 25.39 -2.61
N PHE E 88 10.33 24.69 -3.57
CA PHE E 88 11.76 24.65 -3.74
C PHE E 88 12.18 25.71 -4.75
N GLN E 89 13.02 26.65 -4.32
CA GLN E 89 13.44 27.77 -5.15
C GLN E 89 14.96 27.80 -5.26
N GLN E 90 15.46 28.14 -6.44
CA GLN E 90 16.89 28.22 -6.71
C GLN E 90 17.23 29.57 -7.30
N TYR E 91 18.37 30.12 -6.90
CA TYR E 91 18.84 31.42 -7.37
C TYR E 91 20.23 31.26 -7.95
N TRP E 92 20.43 31.79 -9.15
CA TRP E 92 21.75 31.80 -9.77
C TRP E 92 21.80 32.88 -10.84
N ARG E 93 23.01 33.24 -11.24
CA ARG E 93 23.24 34.26 -12.25
C ARG E 93 23.72 33.62 -13.53
N ASP E 94 23.05 33.95 -14.64
CA ASP E 94 23.44 33.48 -15.97
C ASP E 94 23.59 34.71 -16.86
N LYS E 95 24.84 35.08 -17.16
CA LYS E 95 25.10 36.25 -17.97
C LYS E 95 24.53 36.11 -19.38
N ARG E 96 24.35 34.88 -19.86
CA ARG E 96 23.76 34.67 -21.18
C ARG E 96 22.33 35.18 -21.24
N LEU E 97 21.62 35.18 -20.11
CA LEU E 97 20.23 35.61 -20.06
C LEU E 97 20.08 37.07 -19.65
N ALA E 98 21.19 37.79 -19.49
CA ALA E 98 21.11 39.21 -19.17
C ALA E 98 20.52 40.00 -20.32
N TYR E 99 19.62 40.93 -20.00
CA TYR E 99 18.96 41.76 -20.98
C TYR E 99 19.00 43.22 -20.53
N SER E 100 18.95 44.12 -21.50
CA SER E 100 19.02 45.55 -21.24
C SER E 100 17.85 46.26 -21.89
N GLY E 101 17.48 47.41 -21.33
CA GLY E 101 16.40 48.21 -21.85
C GLY E 101 15.03 47.90 -21.28
N ILE E 102 14.90 46.85 -20.49
CA ILE E 102 13.65 46.47 -19.86
C ILE E 102 13.84 46.50 -18.36
N PRO E 103 13.42 47.58 -17.68
CA PRO E 103 13.56 47.71 -16.23
C PRO E 103 12.49 46.96 -15.44
N LEU E 104 12.29 45.70 -15.77
CA LEU E 104 11.28 44.87 -15.13
C LEU E 104 11.80 43.45 -14.97
N ASN E 105 11.20 42.72 -14.03
CA ASN E 105 11.49 41.30 -13.83
C ASN E 105 10.50 40.49 -14.67
N LEU E 106 11.01 39.78 -15.66
CA LEU E 106 10.17 39.06 -16.60
C LEU E 106 9.74 37.74 -15.98
N THR E 107 8.46 37.65 -15.62
CA THR E 107 7.88 36.40 -15.12
C THR E 107 7.31 35.65 -16.33
N LEU E 108 8.04 34.66 -16.81
CA LEU E 108 7.67 33.96 -18.03
C LEU E 108 6.84 32.72 -17.71
N ASP E 109 6.25 32.14 -18.76
CA ASP E 109 5.51 30.91 -18.62
C ASP E 109 6.44 29.77 -18.22
N ASN E 110 5.89 28.81 -17.47
CA ASN E 110 6.69 27.71 -16.96
C ASN E 110 7.30 26.86 -18.06
N ARG E 111 6.73 26.87 -19.26
CA ARG E 111 7.28 26.10 -20.37
C ARG E 111 8.58 26.68 -20.90
N VAL E 112 8.95 27.91 -20.52
CA VAL E 112 10.22 28.47 -20.97
C VAL E 112 11.40 27.86 -20.23
N ALA E 113 11.17 27.16 -19.12
CA ALA E 113 12.27 26.55 -18.39
C ALA E 113 12.95 25.45 -19.19
N ASP E 114 12.23 24.83 -20.14
CA ASP E 114 12.84 23.81 -20.98
C ASP E 114 13.92 24.38 -21.89
N GLN E 115 13.86 25.66 -22.21
CA GLN E 115 14.85 26.31 -23.06
C GLN E 115 15.94 27.01 -22.27
N LEU E 116 15.98 26.84 -20.94
CA LEU E 116 16.96 27.47 -20.09
C LEU E 116 17.70 26.43 -19.27
N TRP E 117 18.96 26.74 -18.95
CA TRP E 117 19.75 25.84 -18.10
C TRP E 117 19.28 25.93 -16.66
N VAL E 118 19.11 24.79 -16.02
CA VAL E 118 18.76 24.73 -14.61
C VAL E 118 19.71 23.76 -13.92
N PRO E 119 20.03 23.95 -12.64
CA PRO E 119 20.93 23.03 -11.96
C PRO E 119 20.35 21.62 -11.88
N ASP E 120 21.24 20.63 -11.94
CA ASP E 120 20.82 19.24 -11.85
C ASP E 120 20.64 18.84 -10.39
N THR E 121 19.81 19.60 -9.67
CA THR E 121 19.59 19.35 -8.26
C THR E 121 18.70 18.13 -8.06
N TYR E 122 19.13 17.23 -7.17
CA TYR E 122 18.35 16.06 -6.83
C TYR E 122 18.49 15.80 -5.34
N PHE E 123 17.55 15.03 -4.81
CA PHE E 123 17.53 14.66 -3.40
C PHE E 123 18.09 13.26 -3.25
N LEU E 124 19.13 13.11 -2.43
CA LEU E 124 19.83 11.84 -2.34
C LEU E 124 19.00 10.79 -1.60
N ASN E 125 18.28 11.20 -0.55
CA ASN E 125 17.57 10.27 0.31
C ASN E 125 16.10 10.11 -0.07
N ASP E 126 15.65 10.71 -1.17
CA ASP E 126 14.25 10.60 -1.55
C ASP E 126 13.98 9.21 -2.12
N LYS E 127 12.74 8.75 -1.94
CA LYS E 127 12.30 7.47 -2.48
C LYS E 127 11.32 7.60 -3.62
N LYS E 128 10.47 8.64 -3.61
CA LYS E 128 9.53 8.88 -4.69
C LYS E 128 9.12 10.34 -4.63
N SER E 129 9.33 11.07 -5.73
CA SER E 129 9.04 12.49 -5.77
C SER E 129 8.39 12.84 -7.10
N PHE E 130 7.61 13.92 -7.09
CA PHE E 130 6.95 14.38 -8.30
C PHE E 130 6.66 15.86 -8.16
N VAL E 131 6.41 16.51 -9.30
CA VAL E 131 6.05 17.92 -9.37
C VAL E 131 4.59 18.01 -9.77
N HIS E 132 3.81 18.77 -9.00
CA HIS E 132 2.39 18.90 -9.28
C HIS E 132 2.16 19.58 -10.63
N GLY E 133 1.18 19.07 -11.37
CA GLY E 133 0.91 19.57 -12.70
C GLY E 133 -0.53 19.99 -12.93
N VAL E 134 -1.21 20.44 -11.87
CA VAL E 134 -2.58 20.89 -11.95
C VAL E 134 -2.64 22.31 -11.42
N THR E 135 -3.18 23.23 -12.22
CA THR E 135 -3.70 22.93 -13.55
C THR E 135 -2.57 22.85 -14.59
N VAL E 136 -1.41 23.38 -14.22
CA VAL E 136 -0.21 23.29 -15.02
C VAL E 136 0.94 22.88 -14.11
N LYS E 137 2.10 22.65 -14.71
CA LYS E 137 3.30 22.35 -13.94
C LYS E 137 3.58 23.49 -12.97
N ASN E 138 3.65 23.17 -11.68
CA ASN E 138 3.88 24.18 -10.64
C ASN E 138 5.34 24.60 -10.72
N ARG E 139 5.66 25.40 -11.73
CA ARG E 139 7.02 25.82 -12.03
C ARG E 139 7.01 27.32 -12.32
N MET E 140 8.04 28.00 -11.82
CA MET E 140 8.15 29.44 -11.97
C MET E 140 9.53 29.81 -12.50
N ILE E 141 9.55 30.65 -13.53
CA ILE E 141 10.79 31.20 -14.07
C ILE E 141 10.67 32.71 -14.03
N ARG E 142 11.61 33.37 -13.36
CA ARG E 142 11.63 34.82 -13.23
C ARG E 142 13.01 35.32 -13.56
N LEU E 143 13.14 36.07 -14.65
CA LEU E 143 14.42 36.59 -15.09
C LEU E 143 14.64 38.00 -14.53
N HIS E 144 15.90 38.41 -14.55
CA HIS E 144 16.31 39.73 -14.08
C HIS E 144 17.25 40.35 -15.10
N PRO E 145 17.32 41.68 -15.14
CA PRO E 145 18.15 42.34 -16.16
C PRO E 145 19.62 41.94 -16.12
N ASP E 146 20.14 41.64 -14.93
CA ASP E 146 21.55 41.26 -14.80
C ASP E 146 21.81 39.80 -15.11
N GLY E 147 20.78 39.02 -15.42
CA GLY E 147 20.93 37.61 -15.69
C GLY E 147 20.57 36.70 -14.54
N THR E 148 20.06 37.24 -13.44
CA THR E 148 19.64 36.42 -12.31
C THR E 148 18.38 35.65 -12.67
N VAL E 149 18.37 34.36 -12.37
CA VAL E 149 17.26 33.47 -12.69
C VAL E 149 16.67 32.93 -11.39
N LEU E 150 15.35 33.03 -11.26
CA LEU E 150 14.62 32.46 -10.13
C LEU E 150 13.83 31.27 -10.65
N TYR E 151 14.05 30.10 -10.05
CA TYR E 151 13.44 28.85 -10.48
C TYR E 151 12.77 28.20 -9.27
N GLY E 152 11.44 28.21 -9.26
CA GLY E 152 10.66 27.69 -8.15
C GLY E 152 9.86 26.46 -8.57
N LEU E 153 9.83 25.46 -7.70
CA LEU E 153 9.08 24.23 -7.94
C LEU E 153 8.33 23.84 -6.68
N ARG E 154 7.10 23.38 -6.86
CA ARG E 154 6.30 22.81 -5.77
C ARG E 154 6.42 21.30 -5.86
N ILE E 155 7.17 20.71 -4.94
CA ILE E 155 7.58 19.31 -5.02
C ILE E 155 7.03 18.57 -3.81
N THR E 156 6.38 17.44 -4.07
CA THR E 156 6.00 16.50 -3.03
C THR E 156 6.96 15.31 -3.08
N THR E 157 7.73 15.13 -2.02
CA THR E 157 8.80 14.14 -2.02
C THR E 157 8.66 13.22 -0.81
N THR E 158 9.00 11.95 -1.01
CA THR E 158 9.05 10.96 0.06
C THR E 158 10.51 10.61 0.30
N ALA E 159 11.05 11.06 1.43
CA ALA E 159 12.46 10.89 1.76
C ALA E 159 12.61 9.87 2.87
N ALA E 160 13.55 8.94 2.70
CA ALA E 160 13.80 7.93 3.71
C ALA E 160 14.39 8.56 4.97
N CYS E 161 14.04 7.98 6.12
CA CYS E 161 14.53 8.46 7.41
C CYS E 161 14.68 7.26 8.33
N MET E 162 15.91 6.82 8.53
CA MET E 162 16.18 5.74 9.47
C MET E 162 15.81 6.17 10.88
N MET E 163 15.09 5.32 11.59
CA MET E 163 14.56 5.63 12.91
C MET E 163 15.13 4.67 13.94
N ASP E 164 15.67 5.22 15.02
CA ASP E 164 16.14 4.42 16.15
C ASP E 164 14.95 4.25 17.11
N LEU E 165 14.37 3.06 17.11
CA LEU E 165 13.16 2.79 17.87
C LEU E 165 13.44 2.04 19.17
N ARG E 166 14.68 2.09 19.66
CA ARG E 166 14.98 1.47 20.95
C ARG E 166 14.18 2.11 22.07
N ARG E 167 14.07 3.43 22.07
CA ARG E 167 13.32 4.15 23.09
C ARG E 167 11.88 4.39 22.69
N TYR E 168 11.40 3.74 21.63
CA TYR E 168 10.03 3.91 21.20
C TYR E 168 9.07 3.46 22.30
N PRO E 169 7.95 4.17 22.52
CA PRO E 169 7.50 5.36 21.78
C PRO E 169 7.99 6.68 22.36
N LEU E 170 9.00 6.64 23.23
CA LEU E 170 9.58 7.84 23.81
C LEU E 170 10.87 8.27 23.08
N ASP E 171 10.92 8.04 21.78
CA ASP E 171 12.11 8.27 20.98
C ASP E 171 12.09 9.65 20.33
N GLU E 172 13.28 10.10 19.93
CA GLU E 172 13.46 11.35 19.22
C GLU E 172 14.12 11.03 17.89
N GLN E 173 13.57 11.55 16.79
CA GLN E 173 14.01 11.21 15.45
C GLN E 173 14.61 12.43 14.76
N ASN E 174 15.67 12.19 13.99
CA ASN E 174 16.36 13.23 13.23
C ASN E 174 16.24 12.85 11.75
N CYS E 175 15.18 13.33 11.10
CA CYS E 175 14.94 13.08 9.69
C CYS E 175 15.56 14.19 8.85
N THR E 176 16.34 13.82 7.85
CA THR E 176 17.09 14.76 7.04
C THR E 176 16.58 14.78 5.61
N LEU E 177 16.89 15.86 4.91
CA LEU E 177 16.63 16.01 3.48
C LEU E 177 17.91 16.44 2.81
N GLU E 178 18.53 15.54 2.05
CA GLU E 178 19.82 15.80 1.43
C GLU E 178 19.62 16.40 0.05
N ILE E 179 20.28 17.53 -0.19
CA ILE E 179 20.23 18.23 -1.47
C ILE E 179 21.62 18.24 -2.06
N GLU E 180 21.74 17.77 -3.30
CA GLU E 180 23.05 17.60 -3.92
C GLU E 180 22.92 17.69 -5.43
N SER E 181 23.99 18.17 -6.07
CA SER E 181 24.06 18.16 -7.53
C SER E 181 24.46 16.78 -8.01
N TYR E 182 23.83 16.33 -9.09
CA TYR E 182 24.07 14.97 -9.56
C TYR E 182 25.35 14.86 -10.37
N GLY E 183 25.49 15.67 -11.41
CA GLY E 183 26.62 15.55 -12.31
C GLY E 183 27.73 16.56 -12.06
N TYR E 184 27.36 17.82 -11.84
CA TYR E 184 28.35 18.88 -11.69
C TYR E 184 29.01 18.78 -10.31
N THR E 185 30.33 18.82 -10.29
CA THR E 185 31.09 18.74 -9.05
C THR E 185 31.25 20.14 -8.46
N THR E 186 32.05 20.26 -7.40
CA THR E 186 32.30 21.56 -6.79
C THR E 186 33.04 22.51 -7.73
N ASP E 187 33.81 21.97 -8.68
CA ASP E 187 34.51 22.82 -9.63
C ASP E 187 33.56 23.52 -10.60
N ASP E 188 32.36 22.97 -10.80
CA ASP E 188 31.41 23.54 -11.75
C ASP E 188 30.22 24.23 -11.09
N ILE E 189 29.86 23.84 -9.87
CA ILE E 189 28.69 24.39 -9.21
C ILE E 189 28.90 24.37 -7.70
N GLU E 190 28.28 25.31 -7.00
CA GLU E 190 28.34 25.40 -5.56
C GLU E 190 26.96 25.73 -5.02
N PHE E 191 26.67 25.21 -3.83
CA PHE E 191 25.37 25.39 -3.19
C PHE E 191 25.53 26.16 -1.89
N TYR E 192 24.59 27.05 -1.60
CA TYR E 192 24.54 27.75 -0.33
C TYR E 192 23.08 28.04 0.01
N TRP E 193 22.82 28.18 1.31
CA TRP E 193 21.49 28.54 1.78
C TRP E 193 21.29 30.04 1.63
N ARG E 194 20.31 30.44 0.83
CA ARG E 194 20.05 31.86 0.59
C ARG E 194 19.24 32.41 1.75
N GLY E 195 19.82 33.36 2.48
CA GLY E 195 19.20 33.89 3.68
C GLY E 195 19.73 33.32 4.98
N GLY E 196 20.79 32.52 4.93
CA GLY E 196 21.33 31.94 6.15
C GLY E 196 20.34 30.98 6.79
N ASP E 197 20.12 31.16 8.10
CA ASP E 197 19.17 30.32 8.82
C ASP E 197 17.72 30.61 8.46
N LYS E 198 17.46 31.68 7.71
CA LYS E 198 16.11 32.00 7.26
C LYS E 198 15.79 31.40 5.90
N ALA E 199 16.68 30.56 5.36
CA ALA E 199 16.44 29.97 4.04
C ALA E 199 15.24 29.04 4.05
N VAL E 200 14.95 28.41 5.18
CA VAL E 200 13.83 27.47 5.30
C VAL E 200 12.79 28.08 6.23
N THR E 201 11.56 28.19 5.75
CA THR E 201 10.45 28.76 6.50
C THR E 201 9.30 27.78 6.51
N GLY E 202 8.23 28.15 7.23
CA GLY E 202 7.05 27.32 7.31
C GLY E 202 7.16 26.13 8.22
N VAL E 203 8.24 26.00 8.98
CA VAL E 203 8.41 24.86 9.88
C VAL E 203 7.35 24.89 10.97
N GLU E 204 7.06 26.08 11.51
CA GLU E 204 6.10 26.20 12.61
C GLU E 204 4.69 25.80 12.18
N ARG E 205 4.37 25.95 10.90
CA ARG E 205 3.04 25.61 10.41
C ARG E 205 2.78 24.11 10.38
N ILE E 206 3.84 23.30 10.41
CA ILE E 206 3.69 21.86 10.31
C ILE E 206 2.98 21.33 11.55
N GLU E 207 1.95 20.52 11.35
CA GLU E 207 1.13 19.97 12.42
C GLU E 207 1.06 18.45 12.24
N LEU E 208 2.04 17.75 12.78
CA LEU E 208 2.05 16.30 12.73
C LEU E 208 1.18 15.74 13.87
N PRO E 209 0.22 14.87 13.56
CA PRO E 209 -0.61 14.32 14.64
C PRO E 209 0.17 13.52 15.68
N GLN E 210 1.24 12.86 15.27
CA GLN E 210 1.99 11.98 16.17
C GLN E 210 3.32 12.56 16.64
N PHE E 211 3.82 13.61 15.98
CA PHE E 211 5.13 14.16 16.31
C PHE E 211 5.04 15.66 16.53
N SER E 212 6.10 16.21 17.13
CA SER E 212 6.25 17.65 17.31
C SER E 212 7.65 18.05 16.83
N ILE E 213 7.72 19.10 16.02
CA ILE E 213 8.99 19.54 15.44
C ILE E 213 9.77 20.26 16.54
N VAL E 214 10.74 19.59 17.14
CA VAL E 214 11.55 20.20 18.18
C VAL E 214 12.45 21.29 17.59
N GLU E 215 13.16 20.95 16.51
CA GLU E 215 14.11 21.89 15.92
C GLU E 215 14.40 21.47 14.49
N HIS E 216 14.87 22.43 13.70
CA HIS E 216 15.36 22.18 12.36
C HIS E 216 16.72 22.83 12.19
N ARG E 217 17.59 22.19 11.42
CA ARG E 217 18.95 22.66 11.22
C ARG E 217 19.28 22.68 9.73
N LEU E 218 20.14 23.63 9.37
CA LEU E 218 20.62 23.78 8.00
C LEU E 218 22.12 23.51 7.97
N VAL E 219 22.55 22.59 7.12
CA VAL E 219 23.94 22.17 7.04
C VAL E 219 24.41 22.29 5.60
N SER E 220 25.56 22.93 5.40
CA SER E 220 26.21 23.03 4.10
C SER E 220 27.58 22.40 4.19
N ARG E 221 27.87 21.46 3.29
CA ARG E 221 29.13 20.74 3.34
C ARG E 221 29.43 20.18 1.96
N ASN E 222 30.63 19.64 1.81
CA ASN E 222 31.08 19.02 0.56
C ASN E 222 31.27 17.53 0.79
N VAL E 223 30.71 16.72 -0.10
CA VAL E 223 30.80 15.26 -0.02
C VAL E 223 31.68 14.78 -1.15
N VAL E 224 32.68 13.96 -0.82
CA VAL E 224 33.65 13.47 -1.77
C VAL E 224 33.27 12.05 -2.20
N PHE E 225 33.19 11.83 -3.51
CA PHE E 225 32.91 10.54 -4.09
C PHE E 225 34.09 10.10 -4.96
N ALA E 226 33.93 8.94 -5.61
CA ALA E 226 34.96 8.48 -6.54
C ALA E 226 35.10 9.42 -7.73
N THR E 227 33.97 9.93 -8.23
CA THR E 227 34.01 10.85 -9.38
C THR E 227 34.50 12.24 -8.98
N GLY E 228 34.46 12.58 -7.70
CA GLY E 228 34.92 13.88 -7.26
C GLY E 228 34.09 14.36 -6.08
N ALA E 229 34.34 15.60 -5.69
CA ALA E 229 33.63 16.23 -4.58
C ALA E 229 32.40 16.96 -5.10
N TYR E 230 31.28 16.78 -4.41
CA TYR E 230 30.04 17.42 -4.80
C TYR E 230 29.50 18.30 -3.67
N PRO E 231 28.90 19.45 -3.98
CA PRO E 231 28.29 20.27 -2.94
C PRO E 231 27.08 19.57 -2.34
N ARG E 232 26.83 19.86 -1.06
CA ARG E 232 25.75 19.21 -0.34
C ARG E 232 25.05 20.22 0.56
N LEU E 233 23.72 20.19 0.55
CA LEU E 233 22.89 20.94 1.48
C LEU E 233 21.98 19.97 2.20
N SER E 234 21.91 20.09 3.53
CA SER E 234 21.14 19.17 4.35
C SER E 234 20.15 19.95 5.20
N LEU E 235 18.89 19.49 5.18
CA LEU E 235 17.84 20.02 6.02
C LEU E 235 17.33 18.90 6.91
N SER E 236 17.49 19.06 8.22
CA SER E 236 17.17 18.01 9.19
C SER E 236 16.14 18.51 10.19
N PHE E 237 15.17 17.65 10.49
CA PHE E 237 14.14 17.94 11.49
C PHE E 237 14.31 16.98 12.65
N ARG E 238 14.24 17.51 13.88
CA ARG E 238 14.26 16.68 15.08
C ARG E 238 12.82 16.50 15.54
N LEU E 239 12.31 15.28 15.41
CA LEU E 239 10.92 14.97 15.71
C LEU E 239 10.84 14.25 17.06
N LYS E 240 9.93 14.71 17.91
CA LYS E 240 9.67 14.07 19.20
C LYS E 240 8.27 13.48 19.17
N ARG E 241 8.17 12.18 19.43
CA ARG E 241 6.89 11.50 19.37
C ARG E 241 6.02 11.88 20.57
N ASN E 242 4.72 12.02 20.33
CA ASN E 242 3.78 12.34 21.39
C ASN E 242 3.43 11.08 22.16
N ILE E 243 3.63 11.12 23.48
CA ILE E 243 3.43 9.94 24.33
C ILE E 243 2.00 9.80 24.81
N GLY E 244 1.15 10.80 24.61
CA GLY E 244 -0.18 10.76 25.20
C GLY E 244 -1.03 9.61 24.69
N TYR E 245 -0.98 9.34 23.39
CA TYR E 245 -1.81 8.28 22.81
C TYR E 245 -1.43 6.92 23.38
N PHE E 246 -0.13 6.63 23.45
CA PHE E 246 0.30 5.30 23.89
C PHE E 246 0.07 5.09 25.39
N ILE E 247 0.20 6.16 26.18
CA ILE E 247 -0.02 6.03 27.62
C ILE E 247 -1.44 5.58 27.92
N LEU E 248 -2.42 6.22 27.26
CA LEU E 248 -3.81 5.86 27.50
C LEU E 248 -4.18 4.54 26.84
N GLN E 249 -3.71 4.33 25.61
CA GLN E 249 -4.15 3.17 24.84
C GLN E 249 -3.50 1.87 25.33
N THR E 250 -2.20 1.91 25.63
CA THR E 250 -1.43 0.69 25.84
C THR E 250 -1.05 0.47 27.30
N TYR E 251 -0.42 1.47 27.94
CA TYR E 251 0.11 1.26 29.28
C TYR E 251 -1.00 1.09 30.31
N MET E 252 -2.02 1.97 30.26
CA MET E 252 -3.08 1.91 31.27
C MET E 252 -3.84 0.58 31.27
N PRO E 253 -4.28 0.03 30.14
CA PRO E 253 -4.91 -1.30 30.20
C PRO E 253 -3.99 -2.37 30.76
N SER E 254 -2.70 -2.33 30.41
CA SER E 254 -1.77 -3.33 30.91
C SER E 254 -1.60 -3.23 32.42
N ILE E 255 -1.52 -2.02 32.95
CA ILE E 255 -1.37 -1.83 34.39
C ILE E 255 -2.61 -2.33 35.12
N LEU E 256 -3.79 -1.96 34.61
CA LEU E 256 -5.03 -2.33 35.29
C LEU E 256 -5.24 -3.84 35.31
N ILE E 257 -4.88 -4.52 34.21
CA ILE E 257 -4.98 -5.98 34.20
C ILE E 257 -4.05 -6.61 35.23
N THR E 258 -2.82 -6.09 35.31
CA THR E 258 -1.87 -6.62 36.30
C THR E 258 -2.38 -6.38 37.71
N ILE E 259 -2.91 -5.18 37.98
CA ILE E 259 -3.53 -4.92 39.29
C ILE E 259 -4.72 -5.85 39.50
N LEU E 260 -5.49 -6.09 38.43
CA LEU E 260 -6.64 -6.98 38.53
C LEU E 260 -6.20 -8.41 38.86
N SER E 261 -4.99 -8.79 38.46
CA SER E 261 -4.49 -10.12 38.81
C SER E 261 -4.16 -10.21 40.29
N TRP E 262 -3.71 -9.11 40.91
CA TRP E 262 -3.42 -9.10 42.33
C TRP E 262 -4.67 -9.29 43.18
N VAL E 263 -5.85 -9.08 42.61
CA VAL E 263 -7.10 -9.30 43.33
C VAL E 263 -7.21 -10.75 43.77
N SER E 264 -6.60 -11.67 43.03
CA SER E 264 -6.66 -13.09 43.38
C SER E 264 -6.06 -13.35 44.76
N PHE E 265 -5.07 -12.56 45.17
CA PHE E 265 -4.46 -12.77 46.48
C PHE E 265 -5.46 -12.53 47.59
N TRP E 266 -6.31 -11.51 47.44
CA TRP E 266 -7.34 -11.25 48.44
C TRP E 266 -8.37 -12.38 48.50
N ILE E 267 -8.67 -12.98 47.35
CA ILE E 267 -9.66 -14.05 47.29
C ILE E 267 -9.19 -15.22 48.16
N ASN E 268 -10.15 -15.88 48.81
CA ASN E 268 -9.83 -16.97 49.71
C ASN E 268 -9.18 -18.13 48.95
N TYR E 269 -8.29 -18.85 49.63
CA TYR E 269 -7.52 -19.91 48.99
C TYR E 269 -8.42 -21.08 48.56
N ASP E 270 -9.52 -21.32 49.28
CA ASP E 270 -10.38 -22.44 48.93
C ASP E 270 -11.17 -22.19 47.64
N ALA E 271 -11.32 -20.93 47.23
CA ALA E 271 -12.04 -20.60 46.01
C ALA E 271 -11.17 -20.93 44.79
N SER E 272 -11.01 -22.23 44.56
CA SER E 272 -10.14 -22.69 43.47
C SER E 272 -10.68 -22.26 42.11
N ALA E 273 -11.99 -22.42 41.90
CA ALA E 273 -12.57 -22.05 40.62
C ALA E 273 -12.44 -20.55 40.36
N ALA E 274 -12.65 -19.74 41.39
CA ALA E 274 -12.61 -18.29 41.21
C ALA E 274 -11.19 -17.81 40.90
N ARG E 275 -10.21 -18.26 41.70
CA ARG E 275 -8.85 -17.75 41.53
C ARG E 275 -8.23 -18.27 40.24
N VAL E 276 -8.48 -19.53 39.88
CA VAL E 276 -7.96 -20.05 38.62
C VAL E 276 -8.59 -19.33 37.44
N ALA E 277 -9.90 -19.12 37.48
CA ALA E 277 -10.57 -18.39 36.40
C ALA E 277 -10.05 -16.96 36.28
N LEU E 278 -9.77 -16.32 37.42
CA LEU E 278 -9.20 -14.99 37.38
C LEU E 278 -7.82 -15.00 36.72
N GLY E 279 -7.04 -16.05 36.96
CA GLY E 279 -5.70 -16.14 36.43
C GLY E 279 -5.61 -16.17 34.91
N ILE E 280 -6.18 -17.21 34.30
CA ILE E 280 -6.03 -17.38 32.85
C ILE E 280 -6.76 -16.27 32.09
N THR E 281 -7.89 -15.80 32.61
CA THR E 281 -8.62 -14.74 31.94
C THR E 281 -7.79 -13.46 31.89
N THR E 282 -7.08 -13.15 32.98
CA THR E 282 -6.12 -12.05 32.94
C THR E 282 -5.01 -12.33 31.95
N VAL E 283 -4.53 -13.57 31.91
CA VAL E 283 -3.55 -13.97 30.90
C VAL E 283 -4.17 -13.86 29.50
N LEU E 284 -5.42 -14.30 29.36
CA LEU E 284 -6.12 -14.16 28.08
C LEU E 284 -6.26 -12.70 27.70
N THR E 285 -6.62 -11.84 28.65
CA THR E 285 -6.76 -10.42 28.36
C THR E 285 -5.43 -9.81 27.93
N MET E 286 -4.34 -10.18 28.60
CA MET E 286 -3.03 -9.64 28.25
C MET E 286 -2.62 -10.03 26.84
N THR E 287 -2.92 -11.27 26.44
CA THR E 287 -2.59 -11.72 25.09
C THR E 287 -3.37 -10.92 24.04
N THR E 288 -4.65 -10.66 24.30
CA THR E 288 -5.45 -9.90 23.35
C THR E 288 -4.90 -8.49 23.19
N ILE E 289 -4.48 -7.86 24.28
CA ILE E 289 -3.85 -6.54 24.20
C ILE E 289 -2.55 -6.64 23.42
N ASN E 290 -1.75 -7.67 23.69
CA ASN E 290 -0.45 -7.80 23.04
C ASN E 290 -0.60 -8.00 21.53
N THR E 291 -1.60 -8.78 21.11
CA THR E 291 -1.77 -9.06 19.69
C THR E 291 -2.05 -7.79 18.89
N HIS E 292 -2.91 -6.91 19.43
CA HIS E 292 -3.28 -5.70 18.71
C HIS E 292 -2.13 -4.71 18.64
N LEU E 293 -1.35 -4.59 19.72
CA LEU E 293 -0.40 -3.49 19.83
C LEU E 293 0.79 -3.66 18.89
N ARG E 294 1.35 -4.87 18.82
CA ARG E 294 2.58 -5.09 18.06
C ARG E 294 2.39 -5.01 16.55
N GLU E 295 1.13 -4.95 16.07
CA GLU E 295 0.89 -4.95 14.64
C GLU E 295 1.31 -3.65 13.98
N THR E 296 1.28 -2.54 14.72
CA THR E 296 1.46 -1.21 14.15
C THR E 296 2.93 -0.82 13.99
N LEU E 297 3.84 -1.78 14.03
CA LEU E 297 5.27 -1.49 14.02
C LEU E 297 6.01 -2.51 13.18
N PRO E 298 7.18 -2.15 12.64
CA PRO E 298 7.99 -3.13 11.92
C PRO E 298 8.69 -4.08 12.88
N LYS E 299 9.23 -5.15 12.32
CA LYS E 299 9.89 -6.19 13.10
C LYS E 299 11.34 -5.78 13.35
N ILE E 300 11.55 -5.10 14.47
CA ILE E 300 12.89 -4.68 14.89
C ILE E 300 13.37 -5.64 15.98
N PRO E 301 14.53 -6.28 15.81
CA PRO E 301 14.96 -7.28 16.81
C PRO E 301 15.17 -6.71 18.20
N TYR E 302 15.61 -5.46 18.31
CA TYR E 302 15.89 -4.90 19.62
C TYR E 302 14.60 -4.65 20.39
N VAL E 303 14.75 -4.60 21.71
CA VAL E 303 13.60 -4.48 22.61
C VAL E 303 13.19 -3.02 22.70
N LYS E 304 11.96 -2.72 22.30
CA LYS E 304 11.40 -1.40 22.50
C LYS E 304 10.95 -1.22 23.95
N ALA E 305 10.72 0.04 24.33
CA ALA E 305 10.14 0.29 25.63
C ALA E 305 8.75 -0.31 25.74
N ILE E 306 7.96 -0.21 24.67
CA ILE E 306 6.64 -0.84 24.66
C ILE E 306 6.79 -2.36 24.70
N ASP E 307 7.82 -2.90 24.04
CA ASP E 307 8.03 -4.34 24.04
C ASP E 307 8.34 -4.86 25.45
N MET E 308 9.22 -4.15 26.16
CA MET E 308 9.59 -4.59 27.51
C MET E 308 8.39 -4.51 28.46
N TYR E 309 7.58 -3.47 28.33
CA TYR E 309 6.46 -3.29 29.25
C TYR E 309 5.40 -4.37 29.05
N LEU E 310 5.06 -4.67 27.80
CA LEU E 310 4.02 -5.66 27.54
C LEU E 310 4.45 -7.04 28.02
N MET E 311 5.69 -7.43 27.71
CA MET E 311 6.18 -8.74 28.15
C MET E 311 6.32 -8.79 29.66
N GLY E 312 6.77 -7.70 30.28
CA GLY E 312 6.88 -7.69 31.73
C GLY E 312 5.56 -7.91 32.42
N CYS E 313 4.51 -7.24 31.95
CA CYS E 313 3.18 -7.44 32.51
C CYS E 313 2.69 -8.86 32.29
N PHE E 314 2.98 -9.42 31.11
CA PHE E 314 2.56 -10.79 30.84
C PHE E 314 3.26 -11.79 31.75
N VAL E 315 4.50 -11.50 32.16
CA VAL E 315 5.19 -12.38 33.10
C VAL E 315 4.53 -12.29 34.48
N PHE E 316 4.16 -11.08 34.91
CA PHE E 316 3.59 -10.91 36.24
C PHE E 316 2.28 -11.69 36.38
N VAL E 317 1.40 -11.60 35.39
CA VAL E 317 0.15 -12.35 35.45
C VAL E 317 0.42 -13.84 35.36
N PHE E 318 1.43 -14.25 34.58
CA PHE E 318 1.81 -15.65 34.54
C PHE E 318 2.28 -16.13 35.90
N LEU E 319 3.07 -15.32 36.60
CA LEU E 319 3.54 -15.71 37.93
C LEU E 319 2.40 -15.74 38.93
N ALA E 320 1.39 -14.88 38.77
CA ALA E 320 0.27 -14.86 39.70
C ALA E 320 -0.48 -16.19 39.69
N LEU E 321 -0.74 -16.74 38.50
CA LEU E 321 -1.39 -18.04 38.42
C LEU E 321 -0.47 -19.14 38.96
N LEU E 322 0.84 -19.02 38.71
CA LEU E 322 1.79 -19.93 39.32
C LEU E 322 1.77 -19.83 40.83
N GLU E 323 1.56 -18.61 41.35
CA GLU E 323 1.51 -18.42 42.80
C GLU E 323 0.35 -19.20 43.41
N TYR E 324 -0.82 -19.19 42.77
CA TYR E 324 -1.94 -19.95 43.30
C TYR E 324 -1.69 -21.44 43.21
N ALA E 325 -0.94 -21.87 42.18
CA ALA E 325 -0.60 -23.29 42.07
C ALA E 325 0.15 -23.77 43.29
N PHE E 326 1.19 -23.03 43.69
CA PHE E 326 1.95 -23.40 44.87
C PHE E 326 1.07 -23.38 46.12
N VAL E 327 0.18 -22.39 46.22
CA VAL E 327 -0.71 -22.29 47.36
C VAL E 327 -1.61 -23.51 47.44
N ASN E 328 -2.24 -23.88 46.33
CA ASN E 328 -3.16 -25.01 46.32
C ASN E 328 -2.43 -26.29 46.68
N TYR E 329 -1.22 -26.48 46.13
CA TYR E 329 -0.49 -27.72 46.37
C TYR E 329 -0.11 -27.87 47.84
N ILE E 330 0.46 -26.82 48.43
CA ILE E 330 0.88 -26.93 49.83
C ILE E 330 -0.33 -27.04 50.75
N PHE E 331 -1.45 -26.43 50.37
CA PHE E 331 -2.66 -26.51 51.19
C PHE E 331 -3.19 -27.94 51.21
N PHE E 332 -3.16 -28.63 50.09
CA PHE E 332 -3.69 -29.98 50.00
C PHE E 332 -2.63 -31.03 50.26
N ASP E 444 1.15 -21.60 56.87
CA ASP E 444 2.12 -21.34 55.81
C ASP E 444 1.42 -21.00 54.50
N VAL E 445 0.29 -21.67 54.25
CA VAL E 445 -0.49 -21.37 53.05
C VAL E 445 -0.96 -19.92 53.07
N ASN E 446 -1.40 -19.45 54.24
CA ASN E 446 -1.72 -18.03 54.41
C ASN E 446 -0.46 -17.18 54.28
N ALA E 447 0.66 -17.68 54.79
CA ALA E 447 1.92 -16.94 54.72
C ALA E 447 2.37 -16.74 53.28
N ILE E 448 2.23 -17.77 52.44
CA ILE E 448 2.61 -17.63 51.04
C ILE E 448 1.80 -16.54 50.37
N ASP E 449 0.49 -16.53 50.61
CA ASP E 449 -0.37 -15.49 50.05
C ASP E 449 0.04 -14.10 50.55
N ARG E 450 0.35 -13.99 51.84
CA ARG E 450 0.74 -12.70 52.40
C ARG E 450 2.06 -12.22 51.81
N TRP E 451 3.03 -13.12 51.69
CA TRP E 451 4.31 -12.76 51.06
C TRP E 451 4.10 -12.34 49.61
N SER E 452 3.24 -13.06 48.89
CA SER E 452 2.94 -12.71 47.51
C SER E 452 2.34 -11.31 47.42
N ARG E 453 1.43 -10.99 48.35
CA ARG E 453 0.78 -9.69 48.33
C ARG E 453 1.77 -8.56 48.51
N ILE E 454 2.72 -8.71 49.43
CA ILE E 454 3.69 -7.65 49.63
C ILE E 454 4.64 -7.54 48.44
N VAL E 455 5.07 -8.68 47.90
CA VAL E 455 6.13 -8.70 46.90
C VAL E 455 5.62 -8.19 45.54
N PHE E 456 4.45 -8.67 45.10
CA PHE E 456 4.03 -8.41 43.72
C PHE E 456 3.85 -6.93 43.42
N PRO E 457 3.04 -6.17 44.16
CA PRO E 457 2.95 -4.72 43.89
C PRO E 457 4.28 -4.00 44.02
N PHE E 458 5.11 -4.43 44.97
CA PHE E 458 6.44 -3.81 45.12
C PHE E 458 7.32 -4.12 43.92
N THR E 459 7.35 -5.38 43.49
CA THR E 459 8.18 -5.75 42.34
C THR E 459 7.70 -5.07 41.07
N PHE E 460 6.38 -5.02 40.86
CA PHE E 460 5.85 -4.35 39.68
C PHE E 460 6.13 -2.85 39.72
N SER E 461 6.00 -2.23 40.89
CA SER E 461 6.37 -0.83 41.02
C SER E 461 7.86 -0.63 40.76
N LEU E 462 8.69 -1.54 41.27
CA LEU E 462 10.12 -1.47 40.99
C LEU E 462 10.38 -1.66 39.50
N PHE E 463 9.66 -2.59 38.86
CA PHE E 463 9.81 -2.78 37.42
C PHE E 463 9.42 -1.53 36.65
N ASN E 464 8.32 -0.89 37.06
CA ASN E 464 7.91 0.36 36.41
C ASN E 464 8.94 1.46 36.62
N LEU E 465 9.46 1.60 37.84
CA LEU E 465 10.42 2.65 38.13
C LEU E 465 11.69 2.50 37.32
N VAL E 466 12.23 1.27 37.25
CA VAL E 466 13.42 1.02 36.46
C VAL E 466 13.13 1.26 34.98
N TYR E 467 11.97 0.80 34.51
CA TYR E 467 11.62 0.94 33.10
C TYR E 467 11.50 2.41 32.69
N TRP E 468 10.79 3.20 33.50
CA TRP E 468 10.56 4.59 33.13
C TRP E 468 11.85 5.41 33.20
N LEU E 469 12.67 5.18 34.22
CA LEU E 469 13.93 5.91 34.32
C LEU E 469 14.86 5.57 33.15
N TYR E 470 14.85 4.31 32.72
CA TYR E 470 15.74 3.90 31.63
C TYR E 470 15.38 4.61 30.32
N TYR E 471 14.08 4.77 30.05
CA TYR E 471 13.63 5.32 28.78
C TYR E 471 13.24 6.80 28.86
N VAL E 472 13.41 7.44 30.01
CA VAL E 472 13.15 8.87 30.11
C VAL E 472 14.40 9.61 30.53
N GLN F 1 26.04 15.16 18.37
CA GLN F 1 27.39 15.15 18.92
C GLN F 1 27.84 13.74 19.29
N VAL F 2 29.00 13.34 18.77
CA VAL F 2 29.57 12.04 19.05
C VAL F 2 31.00 12.23 19.55
N GLN F 3 31.33 11.59 20.66
CA GLN F 3 32.67 11.64 21.24
C GLN F 3 33.33 10.27 21.04
N LEU F 4 34.53 10.27 20.46
CA LEU F 4 35.24 9.05 20.14
C LEU F 4 36.56 9.01 20.90
N VAL F 5 36.80 7.92 21.63
CA VAL F 5 38.06 7.68 22.32
C VAL F 5 38.53 6.29 21.95
N GLU F 6 39.76 6.20 21.44
CA GLU F 6 40.35 4.93 21.03
C GLU F 6 41.50 4.57 21.98
N SER F 7 41.65 3.28 22.24
CA SER F 7 42.66 2.80 23.17
C SER F 7 43.08 1.39 22.77
N GLY F 8 44.17 0.93 23.37
CA GLY F 8 44.69 -0.40 23.09
C GLY F 8 45.87 -0.45 22.15
N GLY F 9 46.41 0.70 21.74
CA GLY F 9 47.55 0.71 20.85
C GLY F 9 48.86 0.97 21.56
N GLY F 10 49.71 -0.05 21.59
CA GLY F 10 51.00 0.07 22.25
C GLY F 10 52.17 -0.09 21.30
N LEU F 11 53.39 -0.11 21.85
CA LEU F 11 54.60 -0.25 21.06
C LEU F 11 55.10 -1.70 21.16
N VAL F 12 55.11 -2.39 20.02
CA VAL F 12 55.58 -3.77 19.92
C VAL F 12 56.47 -3.89 18.69
N GLN F 13 56.92 -5.10 18.41
CA GLN F 13 57.71 -5.37 17.21
C GLN F 13 56.83 -5.89 16.08
N GLY F 14 53.06 -10.06 15.78
CA GLY F 14 52.30 -9.57 16.92
C GLY F 14 50.85 -9.28 16.59
N SER F 15 49.97 -9.51 17.56
CA SER F 15 48.54 -9.29 17.41
C SER F 15 48.09 -8.20 18.37
N LEU F 16 47.42 -7.18 17.86
CA LEU F 16 46.91 -6.08 18.65
C LEU F 16 45.42 -5.91 18.41
N ARG F 17 44.73 -5.42 19.44
CA ARG F 17 43.28 -5.19 19.38
C ARG F 17 43.01 -3.77 19.83
N LEU F 18 42.61 -2.90 18.91
CA LEU F 18 42.32 -1.52 19.20
C LEU F 18 40.81 -1.33 19.33
N SER F 19 40.39 -0.72 20.43
CA SER F 19 38.98 -0.49 20.72
C SER F 19 38.68 1.00 20.70
N CYS F 20 37.58 1.37 20.05
CA CYS F 20 37.15 2.76 19.93
C CYS F 20 35.79 2.92 20.60
N ALA F 21 35.77 3.62 21.73
CA ALA F 21 34.52 3.85 22.46
C ALA F 21 33.80 5.06 21.89
N ALA F 22 32.48 4.96 21.82
CA ALA F 22 31.64 6.02 21.26
C ALA F 22 30.57 6.41 22.26
N SER F 23 30.17 7.69 22.20
CA SER F 23 29.15 8.21 23.09
C SER F 23 28.40 9.32 22.38
N GLY F 24 27.10 9.43 22.66
CA GLY F 24 26.29 10.48 22.06
C GLY F 24 25.29 9.94 21.06
N HIS F 25 25.00 10.73 20.02
CA HIS F 25 24.05 10.34 18.99
C HIS F 25 24.77 9.48 17.94
N THR F 26 25.14 8.28 18.37
CA THR F 26 25.86 7.36 17.50
C THR F 26 25.01 6.83 16.36
N PHE F 27 23.68 6.83 16.51
CA PHE F 27 22.81 6.35 15.46
C PHE F 27 22.92 7.22 14.21
N ASN F 28 23.03 8.54 14.39
CA ASN F 28 23.17 9.44 13.26
C ASN F 28 24.49 9.28 12.52
N TYR F 29 25.45 8.59 13.12
CA TYR F 29 26.76 8.33 12.51
C TYR F 29 27.01 6.83 12.59
N PRO F 30 26.38 6.05 11.70
CA PRO F 30 26.41 4.59 11.84
C PRO F 30 27.67 3.93 11.30
N ILE F 31 28.52 4.65 10.57
CA ILE F 31 29.69 4.06 9.92
C ILE F 31 30.94 4.51 10.67
N MET F 32 31.76 3.54 11.08
CA MET F 32 33.01 3.79 11.78
C MET F 32 34.17 3.37 10.90
N GLY F 33 35.14 4.27 10.71
CA GLY F 33 36.31 3.99 9.89
C GLY F 33 37.58 4.21 10.67
N TRP F 34 38.59 3.40 10.35
CA TRP F 34 39.91 3.51 10.97
C TRP F 34 40.87 4.16 9.99
N PHE F 35 41.62 5.16 10.48
CA PHE F 35 42.57 5.89 9.66
C PHE F 35 43.91 5.97 10.38
N ARG F 36 44.99 5.94 9.60
CA ARG F 36 46.34 6.08 10.11
C ARG F 36 47.06 7.16 9.32
N GLN F 37 47.87 7.95 10.01
CA GLN F 37 48.59 9.07 9.41
C GLN F 37 50.07 8.91 9.70
N ALA F 38 50.82 8.38 8.73
CA ALA F 38 52.26 8.27 8.87
C ALA F 38 52.89 9.66 8.85
N PRO F 39 54.01 9.84 9.56
CA PRO F 39 54.67 11.15 9.55
C PRO F 39 55.09 11.55 8.15
N GLY F 40 54.86 12.81 7.81
CA GLY F 40 55.16 13.30 6.47
C GLY F 40 54.23 12.83 5.38
N LYS F 41 53.12 12.19 5.75
CA LYS F 41 52.18 11.63 4.78
C LYS F 41 50.76 12.00 5.17
N GLU F 42 49.88 12.00 4.19
CA GLU F 42 48.46 12.25 4.43
C GLU F 42 47.85 11.07 5.17
N ARG F 43 46.75 11.35 5.89
CA ARG F 43 46.04 10.31 6.61
C ARG F 43 45.53 9.25 5.64
N GLU F 44 45.74 7.98 6.00
CA GLU F 44 45.46 6.86 5.11
C GLU F 44 44.31 6.02 5.65
N PHE F 45 43.40 5.64 4.75
CA PHE F 45 42.28 4.78 5.11
C PHE F 45 42.76 3.37 5.42
N VAL F 46 42.08 2.73 6.37
CA VAL F 46 42.40 1.35 6.74
C VAL F 46 41.18 0.46 6.56
N GLY F 47 40.11 0.77 7.29
CA GLY F 47 38.90 -0.03 7.22
C GLY F 47 37.70 0.67 7.79
N ALA F 48 36.54 0.54 7.14
CA ALA F 48 35.31 1.19 7.56
C ALA F 48 34.24 0.14 7.81
N ILE F 49 33.57 0.23 8.96
CA ILE F 49 32.53 -0.71 9.36
C ILE F 49 31.30 0.07 9.77
N SER F 50 30.14 -0.59 9.68
CA SER F 50 28.87 -0.01 10.07
C SER F 50 28.52 -0.45 11.49
N TRP F 51 27.94 0.49 12.26
CA TRP F 51 27.46 0.15 13.60
C TRP F 51 26.42 -0.97 13.53
N SER F 52 25.47 -0.83 12.62
CA SER F 52 24.40 -1.81 12.43
C SER F 52 24.71 -2.69 11.24
N GLY F 53 24.25 -3.94 11.31
CA GLY F 53 24.48 -4.89 10.24
C GLY F 53 25.78 -5.66 10.41
N GLY F 54 26.90 -4.95 10.39
CA GLY F 54 28.19 -5.56 10.60
C GLY F 54 29.00 -5.85 9.36
N SER F 55 28.53 -5.46 8.18
CA SER F 55 29.30 -5.68 6.97
C SER F 55 30.57 -4.83 6.98
N THR F 56 31.64 -5.40 6.42
CA THR F 56 32.97 -4.85 6.57
C THR F 56 33.56 -4.45 5.21
N SER F 57 34.55 -3.55 5.27
CA SER F 57 35.31 -3.14 4.10
C SER F 57 36.72 -2.79 4.56
N TYR F 58 37.72 -3.26 3.81
CA TYR F 58 39.11 -3.10 4.19
C TYR F 58 39.93 -2.60 3.00
N ALA F 59 41.03 -1.93 3.32
CA ALA F 59 41.98 -1.52 2.30
C ALA F 59 42.76 -2.73 1.77
N ASP F 60 43.31 -2.59 0.57
CA ASP F 60 44.06 -3.68 -0.04
C ASP F 60 45.34 -3.98 0.73
N SER F 61 46.00 -2.95 1.25
CA SER F 61 47.25 -3.15 1.95
C SER F 61 47.07 -3.95 3.24
N VAL F 62 45.95 -3.80 3.92
CA VAL F 62 45.70 -4.46 5.19
C VAL F 62 44.61 -5.53 5.05
N LYS F 63 44.30 -5.93 3.82
CA LYS F 63 43.28 -6.95 3.61
C LYS F 63 43.74 -8.30 4.16
N ASP F 64 42.82 -9.02 4.79
CA ASP F 64 43.03 -10.35 5.35
C ASP F 64 44.02 -10.37 6.50
N ARG F 65 44.50 -9.20 6.94
CA ARG F 65 45.37 -9.10 8.10
C ARG F 65 44.74 -8.34 9.25
N PHE F 66 43.99 -7.27 8.97
CA PHE F 66 43.29 -6.50 9.98
C PHE F 66 41.80 -6.79 9.89
N THR F 67 41.19 -7.11 11.03
CA THR F 67 39.76 -7.41 11.10
C THR F 67 39.11 -6.50 12.14
N ILE F 68 37.93 -5.99 11.82
CA ILE F 68 37.22 -5.05 12.67
C ILE F 68 35.85 -5.61 13.01
N SER F 69 35.46 -5.49 14.27
CA SER F 69 34.15 -5.92 14.74
C SER F 69 33.59 -4.88 15.69
N ARG F 70 32.26 -4.88 15.83
CA ARG F 70 31.60 -3.90 16.68
C ARG F 70 30.36 -4.53 17.32
N ASP F 71 29.90 -3.89 18.39
CA ASP F 71 28.68 -4.31 19.08
C ASP F 71 27.95 -3.06 19.55
N ASN F 72 26.68 -2.94 19.17
CA ASN F 72 25.91 -1.74 19.50
C ASN F 72 25.65 -1.63 20.99
N ALA F 73 25.45 -2.77 21.68
CA ALA F 73 25.21 -2.72 23.12
C ALA F 73 26.39 -2.12 23.86
N LYS F 74 27.61 -2.53 23.51
CA LYS F 74 28.81 -1.96 24.11
C LYS F 74 29.14 -0.59 23.54
N ASN F 75 28.60 -0.25 22.37
CA ASN F 75 28.89 1.02 21.70
C ASN F 75 30.39 1.20 21.48
N THR F 76 31.07 0.12 21.11
CA THR F 76 32.50 0.12 20.91
C THR F 76 32.85 -0.64 19.64
N VAL F 77 33.86 -0.14 18.92
CA VAL F 77 34.35 -0.78 17.70
C VAL F 77 35.74 -1.31 17.98
N TYR F 78 35.96 -2.59 17.70
CA TYR F 78 37.22 -3.26 17.97
C TYR F 78 37.95 -3.54 16.67
N LEU F 79 39.17 -3.05 16.55
CA LEU F 79 40.03 -3.30 15.41
C LEU F 79 41.13 -4.28 15.83
N GLU F 80 41.13 -5.46 15.22
CA GLU F 80 42.11 -6.48 15.52
C GLU F 80 43.19 -6.47 14.45
N MET F 81 44.42 -6.15 14.85
CA MET F 81 45.55 -6.09 13.93
C MET F 81 46.44 -7.31 14.15
N ASN F 82 46.72 -8.05 13.07
CA ASN F 82 47.55 -9.24 13.12
C ASN F 82 48.62 -9.16 12.05
N ASN F 83 49.74 -9.84 12.30
CA ASN F 83 50.88 -9.87 11.39
C ASN F 83 51.35 -8.45 11.07
N LEU F 84 51.82 -7.77 12.11
CA LEU F 84 52.25 -6.38 11.98
C LEU F 84 53.50 -6.28 11.11
N LYS F 85 53.61 -5.18 10.38
CA LYS F 85 54.71 -4.90 9.47
C LYS F 85 55.25 -3.51 9.76
N PRO F 86 56.53 -3.25 9.44
CA PRO F 86 57.12 -1.95 9.75
C PRO F 86 56.43 -0.78 9.08
N GLU F 87 55.70 -1.00 8.00
CA GLU F 87 54.95 0.08 7.36
C GLU F 87 53.74 0.53 8.17
N ASP F 88 53.39 -0.21 9.22
CA ASP F 88 52.22 0.11 10.04
C ASP F 88 52.54 1.10 11.16
N THR F 89 53.61 1.87 11.03
CA THR F 89 53.98 2.87 12.03
C THR F 89 53.30 4.19 11.68
N ALA F 90 52.14 4.42 12.28
CA ALA F 90 51.38 5.63 12.03
C ALA F 90 50.44 5.86 13.22
N VAL F 91 49.94 7.10 13.32
CA VAL F 91 48.99 7.45 14.35
C VAL F 91 47.61 6.97 13.90
N TYR F 92 47.09 5.94 14.58
CA TYR F 92 45.79 5.38 14.23
C TYR F 92 44.68 6.23 14.80
N TYR F 93 43.72 6.59 13.94
CA TYR F 93 42.60 7.43 14.33
C TYR F 93 41.29 6.67 14.17
N CYS F 94 40.31 7.02 15.00
CA CYS F 94 38.96 6.48 14.90
C CYS F 94 38.01 7.60 14.52
N ALA F 95 37.21 7.37 13.48
CA ALA F 95 36.34 8.40 12.94
C ALA F 95 34.94 7.85 12.75
N ALA F 96 33.95 8.75 12.84
CA ALA F 96 32.55 8.42 12.63
C ALA F 96 32.06 9.10 11.37
N LYS F 97 31.21 8.40 10.62
CA LYS F 97 30.73 8.88 9.34
C LYS F 97 29.21 8.92 9.34
N GLY F 98 28.65 10.01 8.78
CA GLY F 98 27.23 10.10 8.62
C GLY F 98 26.70 9.11 7.59
N ARG F 99 25.41 8.82 7.69
CA ARG F 99 24.81 7.84 6.80
C ARG F 99 24.86 8.28 5.34
N TYR F 100 24.78 9.59 5.09
CA TYR F 100 24.81 10.10 3.72
C TYR F 100 26.04 10.98 3.50
N SER F 101 27.20 10.55 3.99
CA SER F 101 28.43 11.31 3.86
C SER F 101 29.27 10.91 2.66
N GLY F 102 28.84 9.94 1.87
CA GLY F 102 29.50 9.63 0.61
C GLY F 102 30.51 8.50 0.75
N GLY F 103 31.70 8.71 0.19
CA GLY F 103 32.70 7.65 0.15
C GLY F 103 33.37 7.41 1.48
N LEU F 104 33.75 6.15 1.70
CA LEU F 104 34.41 5.76 2.95
C LEU F 104 35.89 6.14 2.96
N TYR F 105 36.56 6.11 1.82
CA TYR F 105 38.00 6.26 1.76
C TYR F 105 38.49 7.67 2.03
N TYR F 106 37.60 8.66 2.01
CA TYR F 106 38.02 10.05 2.12
C TYR F 106 37.81 10.55 3.53
N PRO F 107 38.86 10.92 4.25
CA PRO F 107 38.69 11.37 5.65
C PRO F 107 37.89 12.65 5.79
N THR F 108 37.79 13.46 4.73
CA THR F 108 37.02 14.69 4.82
C THR F 108 35.55 14.43 5.08
N ASN F 109 35.02 13.31 4.57
CA ASN F 109 33.61 13.00 4.75
C ASN F 109 33.25 12.66 6.19
N TYR F 110 34.24 12.38 7.03
CA TYR F 110 34.00 12.06 8.43
C TYR F 110 33.93 13.33 9.27
N ASP F 111 33.01 13.36 10.23
CA ASP F 111 32.77 14.54 11.04
C ASP F 111 33.51 14.50 12.37
N TYR F 112 33.34 13.44 13.15
CA TYR F 112 33.94 13.34 14.48
C TYR F 112 35.12 12.39 14.45
N TRP F 113 36.24 12.82 15.04
CA TRP F 113 37.47 12.06 15.05
C TRP F 113 37.93 11.82 16.48
N GLY F 114 38.68 10.74 16.67
CA GLY F 114 39.27 10.45 17.95
C GLY F 114 40.58 11.21 18.17
N GLN F 115 41.16 11.00 19.34
CA GLN F 115 42.41 11.67 19.67
C GLN F 115 43.56 11.16 18.81
N GLY F 116 43.64 9.85 18.61
CA GLY F 116 44.72 9.27 17.82
C GLY F 116 45.79 8.62 18.68
N THR F 117 46.02 7.32 18.45
CA THR F 117 47.00 6.56 19.22
C THR F 117 48.25 6.36 18.38
N GLN F 118 49.40 6.62 18.99
CA GLN F 118 50.69 6.46 18.32
C GLN F 118 51.17 5.02 18.49
N VAL F 119 51.34 4.31 17.38
CA VAL F 119 51.80 2.93 17.39
C VAL F 119 53.03 2.84 16.48
N THR F 120 54.13 2.33 17.04
CA THR F 120 55.37 2.12 16.30
C THR F 120 55.78 0.67 16.42
N VAL F 121 56.09 0.05 15.29
CA VAL F 121 56.52 -1.35 15.27
C VAL F 121 57.82 -1.50 14.48
C1 NAG G . -17.71 -1.84 -44.59
C2 NAG G . -18.25 -3.15 -45.16
C3 NAG G . -19.74 -3.04 -45.44
C4 NAG G . -20.49 -2.56 -44.21
C5 NAG G . -19.86 -1.28 -43.68
C6 NAG G . -20.47 -0.81 -42.36
C7 NAG G . -16.93 -4.72 -46.50
C8 NAG G . -16.24 -4.95 -47.81
N2 NAG G . -17.52 -3.54 -46.35
O3 NAG G . -20.25 -4.29 -45.87
O4 NAG G . -21.85 -2.32 -44.52
O5 NAG G . -18.46 -1.49 -43.42
O6 NAG G . -20.38 -1.82 -41.36
O7 NAG G . -16.97 -5.59 -45.63
C1 NAG G . -22.72 -3.28 -43.89
C2 NAG G . -24.13 -2.73 -43.84
C3 NAG G . -25.07 -3.72 -43.16
C4 NAG G . -24.98 -5.08 -43.86
C5 NAG G . -23.53 -5.54 -43.91
C6 NAG G . -23.35 -6.82 -44.68
C7 NAG G . -24.35 -0.28 -43.76
C8 NAG G . -24.38 0.93 -42.88
N2 NAG G . -24.17 -1.45 -43.14
O3 NAG G . -26.41 -3.24 -43.22
O4 NAG G . -25.77 -6.04 -43.17
O5 NAG G . -22.72 -4.54 -44.55
O6 NAG G . -21.98 -7.24 -44.69
O7 NAG G . -24.50 -0.21 -44.98
C1 NAG H . -31.21 4.24 -12.26
C2 NAG H . -32.20 3.61 -13.23
C3 NAG H . -32.33 4.47 -14.48
C4 NAG H . -32.65 5.91 -14.12
C5 NAG H . -31.63 6.43 -13.10
C6 NAG H . -31.96 7.82 -12.61
C7 NAG H . -32.27 1.18 -12.96
C8 NAG H . -31.76 -0.15 -13.46
N2 NAG H . -31.80 2.25 -13.57
O3 NAG H . -33.35 3.94 -15.32
O4 NAG H . -32.59 6.73 -15.29
O5 NAG H . -31.61 5.58 -11.96
O6 NAG H . -33.22 7.86 -11.95
O7 NAG H . -33.09 1.25 -12.04
C1 NAG H . -33.91 7.14 -15.66
C2 NAG H . -33.80 8.47 -16.40
C3 NAG H . -35.19 8.93 -16.86
C4 NAG H . -35.85 7.83 -17.68
C5 NAG H . -35.88 6.54 -16.86
C6 NAG H . -36.45 5.36 -17.63
C7 NAG H . -31.88 9.75 -15.59
C8 NAG H . -31.41 10.84 -14.67
N2 NAG H . -33.19 9.49 -15.57
O3 NAG H . -35.07 10.11 -17.65
O4 NAG H . -37.18 8.21 -18.03
O5 NAG H . -34.54 6.18 -16.48
O6 NAG H . -36.44 4.18 -16.84
O7 NAG H . -31.10 9.13 -16.31
C1 BMA H . -37.23 8.43 -19.46
C2 BMA H . -38.68 8.31 -19.93
C3 BMA H . -38.75 8.60 -21.43
C4 BMA H . -38.00 9.89 -21.80
C5 BMA H . -36.56 9.84 -21.25
C6 BMA H . -35.79 11.12 -21.51
O2 BMA H . -39.50 9.26 -19.28
O3 BMA H . -40.11 8.72 -21.86
O4 BMA H . -37.96 10.05 -23.20
O5 BMA H . -36.64 9.65 -19.82
O6 BMA H . -36.69 12.21 -21.34
C1 MAN H . -40.56 7.43 -22.33
C2 MAN H . -41.59 7.65 -23.44
C3 MAN H . -42.83 8.32 -22.86
C4 MAN H . -43.36 7.54 -21.67
C5 MAN H . -42.24 7.32 -20.65
C6 MAN H . -42.67 6.45 -19.49
O2 MAN H . -41.94 6.39 -24.00
O3 MAN H . -43.82 8.44 -23.87
O4 MAN H . -44.42 8.27 -21.05
O5 MAN H . -41.14 6.65 -21.28
O6 MAN H . -41.62 6.27 -18.56
C1 MAN H . -35.94 13.44 -21.25
C2 MAN H . -36.74 14.45 -20.44
C3 MAN H . -38.01 14.81 -21.21
C4 MAN H . -37.68 15.27 -22.62
C5 MAN H . -36.81 14.23 -23.32
C6 MAN H . -36.34 14.66 -24.69
O2 MAN H . -35.96 15.62 -20.24
O3 MAN H . -38.73 15.82 -20.53
O4 MAN H . -38.88 15.46 -23.37
O5 MAN H . -35.64 13.98 -22.53
O6 MAN H . -35.54 13.67 -25.30
C1 NAG I . 38.52 12.09 -17.42
C2 NAG I . 39.74 12.56 -16.63
C3 NAG I . 40.88 11.55 -16.78
C4 NAG I . 40.41 10.15 -16.41
C5 NAG I . 39.16 9.79 -17.22
C6 NAG I . 38.57 8.45 -16.83
C7 NAG I . 39.83 14.99 -16.40
C8 NAG I . 40.34 16.28 -16.99
N2 NAG I . 40.16 13.87 -17.06
O3 NAG I . 41.96 11.93 -15.94
O4 NAG I . 41.43 9.20 -16.70
O5 NAG I . 38.14 10.78 -16.99
O6 NAG I . 38.22 8.41 -15.46
O7 NAG I . 39.14 14.97 -15.38
C1 NAG I . 41.92 8.66 -15.45
C2 NAG I . 42.74 7.39 -15.73
C3 NAG I . 43.26 6.81 -14.42
C4 NAG I . 44.01 7.86 -13.63
C5 NAG I . 43.14 9.10 -13.45
C6 NAG I . 43.86 10.24 -12.76
C7 NAG I . 42.01 6.28 -17.80
C8 NAG I . 41.14 5.21 -18.38
N2 NAG I . 41.96 6.41 -16.46
O3 NAG I . 44.11 5.70 -14.70
O4 NAG I . 44.38 7.35 -12.36
O5 NAG I . 42.72 9.59 -14.72
O6 NAG I . 43.03 11.37 -12.59
O7 NAG I . 42.74 6.98 -18.49
C1 NAG J . 22.71 -17.33 -5.17
C2 NAG J . 24.18 -17.19 -4.79
C3 NAG J . 25.03 -16.99 -6.04
C4 NAG J . 24.75 -18.08 -7.07
C5 NAG J . 23.26 -18.18 -7.34
C6 NAG J . 22.90 -19.33 -8.25
C7 NAG J . 25.06 -16.23 -2.70
C8 NAG J . 25.17 -15.00 -1.87
N2 NAG J . 24.38 -16.10 -3.85
O3 NAG J . 26.40 -17.00 -5.69
O4 NAG J . 25.42 -17.75 -8.29
O5 NAG J . 22.55 -18.39 -6.11
O6 NAG J . 21.50 -19.38 -8.50
O7 NAG J . 25.56 -17.30 -2.36
C1 NAG J . 26.47 -18.69 -8.59
C2 NAG J . 26.52 -18.84 -10.12
C3 NAG J . 27.64 -19.79 -10.51
C4 NAG J . 28.96 -19.33 -9.92
C5 NAG J . 28.81 -19.17 -8.39
C6 NAG J . 30.05 -18.62 -7.74
C7 NAG J . 24.47 -18.56 -11.44
C8 NAG J . 23.18 -19.18 -11.86
N2 NAG J . 25.24 -19.30 -10.63
O3 NAG J . 27.74 -19.84 -11.93
O4 NAG J . 29.99 -20.27 -10.20
O5 NAG J . 27.74 -18.26 -8.10
O6 NAG J . 29.88 -18.51 -6.33
O7 NAG J . 24.80 -17.43 -11.80
C1 BMA J . 30.91 -19.71 -11.15
C2 BMA J . 32.26 -20.44 -11.04
C3 BMA J . 33.23 -19.98 -12.13
C4 BMA J . 32.55 -19.95 -13.51
C5 BMA J . 31.27 -19.12 -13.44
C6 BMA J . 30.52 -19.07 -14.77
O2 BMA J . 32.09 -21.84 -11.22
O3 BMA J . 34.39 -20.81 -12.19
O4 BMA J . 33.43 -19.37 -14.47
O5 BMA J . 30.40 -19.73 -12.47
O6 BMA J . 31.26 -19.81 -15.74
C1 MAN J . 35.44 -20.22 -11.40
C2 MAN J . 36.77 -20.43 -12.10
C3 MAN J . 37.09 -21.93 -12.14
C4 MAN J . 37.03 -22.52 -10.74
C5 MAN J . 35.68 -22.18 -10.09
C6 MAN J . 35.59 -22.64 -8.66
O2 MAN J . 37.80 -19.73 -11.41
O3 MAN J . 38.39 -22.14 -12.70
O4 MAN J . 37.18 -23.93 -10.80
O5 MAN J . 35.49 -20.76 -10.08
O6 MAN J . 34.32 -22.33 -8.09
C1 MAN J . 30.43 -20.03 -16.89
C2 MAN J . 30.27 -21.52 -17.14
C3 MAN J . 31.61 -22.12 -17.56
C4 MAN J . 32.18 -21.36 -18.75
C5 MAN J . 32.26 -19.88 -18.41
C6 MAN J . 32.72 -19.03 -19.58
O2 MAN J . 29.30 -21.74 -18.16
O3 MAN J . 31.44 -23.49 -17.91
O4 MAN J . 33.49 -21.84 -19.05
O5 MAN J . 30.95 -19.39 -18.06
O6 MAN J . 32.78 -17.65 -19.24
C1 NAG K . 13.33 42.32 -9.46
C2 NAG K . 12.90 43.58 -8.71
C3 NAG K . 14.07 44.13 -7.90
C4 NAG K . 14.67 43.05 -7.02
C5 NAG K . 15.02 41.82 -7.85
C6 NAG K . 15.52 40.66 -7.03
C7 NAG K . 11.09 44.73 -9.91
C8 NAG K . 10.75 45.79 -10.92
N2 NAG K . 12.39 44.58 -9.63
O3 NAG K . 13.60 45.22 -7.11
O4 NAG K . 15.85 43.54 -6.41
O5 NAG K . 13.84 41.36 -8.54
O6 NAG K . 14.53 40.21 -6.12
O7 NAG K . 10.23 44.03 -9.38
C1 NAG K . 15.59 43.62 -4.99
C2 NAG K . 16.89 43.79 -4.23
C3 NAG K . 16.62 43.87 -2.73
C4 NAG K . 15.60 44.96 -2.45
C5 NAG K . 14.35 44.74 -3.28
C6 NAG K . 13.33 45.84 -3.13
C7 NAG K . 18.66 42.71 -5.57
C8 NAG K . 19.51 41.49 -5.74
N2 NAG K . 17.81 42.70 -4.53
O3 NAG K . 17.84 44.15 -2.04
O4 NAG K . 15.25 44.95 -1.06
O5 NAG K . 14.71 44.69 -4.68
O6 NAG K . 12.20 45.63 -3.98
O7 NAG K . 18.72 43.66 -6.33
C1 NAG L . 20.88 15.04 12.15
C2 NAG L . 21.28 16.34 12.85
C3 NAG L . 22.29 17.12 12.00
C4 NAG L . 23.46 16.23 11.59
C5 NAG L . 22.94 14.96 10.94
C6 NAG L . 24.02 13.98 10.59
C7 NAG L . 19.43 17.13 14.27
C8 NAG L . 18.26 18.06 14.37
N2 NAG L . 20.11 17.16 13.13
O3 NAG L . 22.76 18.23 12.74
O4 NAG L . 24.26 16.92 10.63
O5 NAG L . 22.04 14.29 11.84
O6 NAG L . 24.63 13.44 11.76
O7 NAG L . 19.76 16.38 15.20
C1 NAG L . 25.48 17.45 11.18
C2 NAG L . 26.48 17.53 10.02
C3 NAG L . 27.78 18.19 10.48
C4 NAG L . 27.48 19.55 11.09
C5 NAG L . 26.47 19.38 12.23
C6 NAG L . 26.06 20.69 12.85
C7 NAG L . 26.15 15.73 8.38
C8 NAG L . 26.54 14.35 7.97
N2 NAG L . 26.75 16.20 9.48
O3 NAG L . 28.66 18.34 9.38
O4 NAG L . 28.67 20.14 11.59
O5 NAG L . 25.29 18.76 11.73
O6 NAG L . 25.12 20.48 13.90
O7 NAG L . 25.33 16.39 7.76
C1 BMA L . 29.04 21.28 10.79
C2 BMA L . 29.89 22.25 11.64
C3 BMA L . 30.45 23.40 10.79
C4 BMA L . 31.01 22.90 9.45
C5 BMA L . 29.99 22.02 8.73
C6 BMA L . 30.52 21.47 7.42
O2 BMA L . 31.00 21.57 12.20
O3 BMA L . 31.48 24.09 11.47
O4 BMA L . 31.35 24.01 8.62
O5 BMA L . 29.68 20.92 9.58
O6 BMA L . 31.94 21.39 7.53
C1 MAN L . 30.94 25.21 12.19
C2 MAN L . 31.97 26.32 12.22
C3 MAN L . 33.20 25.86 13.01
C4 MAN L . 32.78 25.37 14.39
C5 MAN L . 31.69 24.32 14.27
C6 MAN L . 31.14 23.87 15.60
O2 MAN L . 31.42 27.49 12.83
O3 MAN L . 34.13 26.91 13.13
O4 MAN L . 33.90 24.79 15.06
O5 MAN L . 30.57 24.86 13.54
O6 MAN L . 30.13 22.88 15.44
C1 MAN L . 32.43 20.49 6.52
C2 MAN L . 33.57 19.65 7.09
C3 MAN L . 34.76 20.55 7.42
C4 MAN L . 35.15 21.38 6.21
C5 MAN L . 33.95 22.12 5.66
C6 MAN L . 34.24 22.88 4.39
O2 MAN L . 33.96 18.66 6.15
O3 MAN L . 35.85 19.76 7.86
O4 MAN L . 36.17 22.30 6.56
O5 MAN L . 32.90 21.18 5.36
O6 MAN L . 33.09 23.56 3.91
C1 NAG M . -18.67 34.77 -3.14
C2 NAG M . -18.15 36.13 -3.61
C3 NAG M . -19.32 37.09 -3.84
C4 NAG M . -20.31 36.46 -4.80
C5 NAG M . -20.77 35.11 -4.27
C6 NAG M . -21.68 34.38 -5.23
C7 NAG M . -16.09 37.30 -2.98
C8 NAG M . -15.24 37.80 -1.85
N2 NAG M . -17.22 36.67 -2.63
O3 NAG M . -18.82 38.30 -4.37
O4 NAG M . -21.45 37.31 -4.94
O5 NAG M . -19.61 34.26 -4.09
O6 NAG M . -22.83 35.15 -5.54
O7 NAG M . -15.76 37.45 -4.15
N ABU N . -20.98 18.51 -19.42
CD ABU N . -19.84 19.42 -19.53
CB ABU N . -20.06 20.72 -18.77
CG ABU N . -18.88 21.66 -18.87
C ABU N . -19.05 22.96 -18.12
O ABU N . -18.07 23.72 -18.22
OXT ABU N . -20.09 23.23 -17.49
C1 NAG O . 0.42 -25.72 -29.58
C2 NAG O . 0.07 -25.70 -31.07
C3 NAG O . 0.74 -26.88 -31.78
C4 NAG O . 2.24 -26.88 -31.51
C5 NAG O . 2.49 -26.88 -30.00
C6 NAG O . 3.96 -26.77 -29.65
C7 NAG O . -2.01 -24.92 -32.10
C8 NAG O . -3.50 -25.08 -32.17
N2 NAG O . -1.36 -25.73 -31.26
O3 NAG O . 0.50 -26.78 -33.17
O4 NAG O . 2.84 -28.03 -32.09
O5 NAG O . 1.84 -25.74 -29.42
O6 NAG O . 4.70 -27.84 -30.20
O7 NAG O . -1.41 -24.09 -32.78
#